data_7YJK
#
_entry.id   7YJK
#
_cell.length_a   1.00
_cell.length_b   1.00
_cell.length_c   1.00
_cell.angle_alpha   90.00
_cell.angle_beta   90.00
_cell.angle_gamma   90.00
#
_symmetry.space_group_name_H-M   'P 1'
#
loop_
_entity.id
_entity.type
_entity.pdbx_description
1 polymer 'Long chain base biosynthesis protein 1'
2 polymer 'Long chain base biosynthesis protein 2a'
3 polymer 'ORMDL family protein'
4 polymer 'Transmembrane protein, putative (DUF3317)'
5 non-polymer N-[(2S,3R,4E)-1,3-dihydroxyoctadec-4-en-2-yl]tetracosanamide
#
loop_
_entity_poly.entity_id
_entity_poly.type
_entity_poly.pdbx_seq_one_letter_code
_entity_poly.pdbx_strand_id
1 'polypeptide(L)'
;MASNLVEMFNAALNWVTMILESPSARVVLFGVPIRGHFFVEGLLGVVIIILLTRKSYKPPKRPLTEQEIDELCDEWVPEP
LIPPITEDMKHEPPVLESAAGPHTTVNGKDVVNFASANYLGLIGHEKLLESCTSALEKYGVGSCGPRGFYGTIDVHLDCE
TRISKFLGTPDSILYSYGLSTMFSTIPCFCKKGDVIVADEGVHWGIQNGLQLSRSTIVYFKHNDMESLRITLEKIMTKYK
RSKNLRRYIVAEAVYQNSGQIAPLDEIVKLKEKYRFRVILDESNSFGVLGRSGRGLAEHHSVPIEKIDVVTAAMGHALAT
EGGFCTGNARIIDYQRLSSSGYVFSASLPPYLASAAITAIDVIDQNPDMLVKLKQNVALLWKGLSDIKGMSLTSNRESPI
VFLKLEKSSGSAKDDLLLLEKMADRALKEDSLLVVSSKRSFLDKCRLPVGIKLYVSAGHSESDLLKASESLKRLASELLL
KS
;
A,E
2 'polypeptide(L)'
;MITIPYLTAVSTYFSYGLLFAFGQLRDFFRRFIDWWFTSNLQGYAPICLGHEDFYIRRLYHRIQDCFERPISSAPDAWFD
VVERYSNDNNKTLKRTTKTSRCLNLGSYNYLGFGSFDEYCTPRVIESLKKFSASTCSSRVDAGTTSVHAELEECVTRFVG
KPAAVVFGMGYATNSAIIPVLIGKGGLIISDSLNHSSIVNGARGSGATIRVFQHNTPSHLERVLREQIAEGQPRTHRPWK
KIIVVVEGIYSMEGEICHLPEVVAICKKYKAYVYLDEAHSIGAIGKTGKGICELLGVDTADVDVMMGTFT(LLP)SFGSC
GGYIAGSKELIQYLKHQCPAHLYATSIPTPSAQQIISAIKVILGEDGSNRGAQKLARIRENSNFFRAELQKMGFEVLGDN
DSPVMPIMLYNPAKIPAFSRECLRQKVAVVVVGFPATPLLLARARICISASHSREDLIRALKVISKVGDLSGIKYFPAEP
KKIEQSKNDIKLD
;
B,F
3 'polypeptide(L)'
;MANLYVKAVPPPDMNRNTEWFMYPGVWTTYMLILFFGWLVVLSVSGCSPGMAWTVVNLAHFVVTYHSFHWMKGTPFADDQ
GIYNGLTWWEQMDNGQQLTRNRKFLTLVPVVLYLIASHTTDYRHPWLFLNTLAVMVLVVAKFPNMHKVRIFGINGDK
;
D,H
4 'polypeptide(L)' MADYKDDDDKSGPDEVDASGRMNWVQRKIYLYNVTFGLYMLDWWERYLFNSLVVVLMWFVLYNGTRYFSELFQRHLT C,G
#
loop_
_chem_comp.id
_chem_comp.type
_chem_comp.name
_chem_comp.formula
Z1T non-polymer N-[(2S,3R,4E)-1,3-dihydroxyoctadec-4-en-2-yl]tetracosanamide 'C42 H83 N O3'
#
# COMPACT_ATOMS: atom_id res chain seq x y z
N GLY A 36 31.02 -43.82 19.58
CA GLY A 36 31.54 -42.68 18.87
C GLY A 36 31.35 -42.77 17.37
N HIS A 37 30.39 -43.58 16.94
CA HIS A 37 30.12 -43.79 15.52
C HIS A 37 28.67 -43.61 15.13
N PHE A 38 27.71 -43.86 16.02
CA PHE A 38 26.31 -43.76 15.67
C PHE A 38 25.62 -42.50 16.20
N PHE A 39 26.23 -41.79 17.14
CA PHE A 39 25.69 -40.51 17.55
C PHE A 39 25.64 -39.51 16.39
N VAL A 40 26.71 -39.44 15.60
CA VAL A 40 26.75 -38.56 14.44
C VAL A 40 25.72 -38.99 13.38
N GLU A 41 25.69 -40.27 13.04
CA GLU A 41 24.77 -40.73 12.01
C GLU A 41 23.32 -40.67 12.46
N GLY A 42 23.09 -40.65 13.78
CA GLY A 42 21.74 -40.47 14.27
C GLY A 42 21.31 -39.03 14.37
N LEU A 43 22.25 -38.13 14.69
CA LEU A 43 21.94 -36.71 14.79
C LEU A 43 21.80 -36.06 13.42
N LEU A 44 22.60 -36.50 12.43
CA LEU A 44 22.53 -35.87 11.12
C LEU A 44 21.21 -36.19 10.43
N GLY A 45 20.61 -37.35 10.70
CA GLY A 45 19.29 -37.61 10.17
C GLY A 45 18.25 -36.66 10.72
N VAL A 46 18.37 -36.33 12.00
CA VAL A 46 17.47 -35.40 12.64
C VAL A 46 17.68 -34.02 12.01
N VAL A 47 18.93 -33.65 11.76
CA VAL A 47 19.25 -32.36 11.15
C VAL A 47 18.70 -32.28 9.74
N ILE A 48 18.83 -33.36 8.98
CA ILE A 48 18.27 -33.41 7.63
C ILE A 48 16.77 -33.16 7.66
N ILE A 49 16.06 -33.92 8.50
CA ILE A 49 14.61 -33.78 8.58
C ILE A 49 14.25 -32.38 9.04
N ILE A 50 15.15 -31.71 9.76
CA ILE A 50 14.87 -30.36 10.23
C ILE A 50 14.68 -29.39 9.06
N LEU A 51 15.65 -29.38 8.16
CA LEU A 51 15.65 -28.50 7.01
C LEU A 51 14.66 -28.88 5.90
N LEU A 52 14.53 -30.17 5.64
CA LEU A 52 13.64 -30.65 4.59
C LEU A 52 12.15 -30.38 4.86
N THR A 53 11.85 -29.60 5.89
CA THR A 53 10.47 -29.30 6.22
C THR A 53 10.17 -27.81 6.35
N ARG A 54 11.15 -26.95 6.09
CA ARG A 54 10.95 -25.52 6.29
C ARG A 54 10.15 -24.91 5.14
N LYS A 55 9.79 -23.64 5.30
CA LYS A 55 8.97 -22.92 4.33
C LYS A 55 9.79 -21.83 3.66
N SER A 56 9.66 -21.72 2.34
CA SER A 56 10.38 -20.68 1.60
C SER A 56 9.79 -19.32 1.91
N TYR A 57 10.66 -18.37 2.23
CA TYR A 57 10.25 -17.01 2.55
C TYR A 57 11.15 -16.03 1.82
N LYS A 58 10.57 -14.89 1.45
CA LYS A 58 11.36 -13.83 0.87
C LYS A 58 12.17 -13.13 1.95
N PRO A 59 13.32 -12.57 1.61
CA PRO A 59 14.09 -11.80 2.59
C PRO A 59 13.35 -10.54 2.99
N PRO A 60 13.47 -10.13 4.25
CA PRO A 60 12.77 -8.92 4.71
C PRO A 60 13.12 -7.67 3.90
N LYS A 61 12.20 -6.72 3.87
CA LYS A 61 12.33 -5.51 3.07
C LYS A 61 13.11 -4.45 3.84
N ARG A 62 13.63 -3.49 3.10
CA ARG A 62 14.41 -2.40 3.68
C ARG A 62 13.46 -1.26 4.08
N PRO A 63 13.25 -0.88 5.62
CA PRO A 63 12.17 0.03 6.05
C PRO A 63 12.30 1.41 5.44
N LEU A 64 11.19 2.14 5.42
CA LEU A 64 11.16 3.46 4.82
C LEU A 64 12.07 4.41 5.58
N THR A 65 12.62 5.38 4.86
CA THR A 65 13.48 6.39 5.48
C THR A 65 12.65 7.55 6.00
N GLU A 66 13.26 8.32 6.90
CA GLU A 66 12.58 9.48 7.46
C GLU A 66 12.35 10.57 6.43
N GLN A 67 13.04 10.51 5.31
CA GLN A 67 12.83 11.48 4.22
C GLN A 67 11.69 11.07 3.29
N GLU A 68 11.60 9.77 2.96
CA GLU A 68 10.54 9.31 2.08
C GLU A 68 9.17 9.53 2.69
N ILE A 69 9.03 9.31 4.00
CA ILE A 69 7.74 9.45 4.67
C ILE A 69 7.22 10.88 4.53
N ASP A 70 8.12 11.85 4.56
CA ASP A 70 7.75 13.25 4.43
C ASP A 70 7.03 13.52 3.12
N GLU A 71 7.47 12.88 2.05
CA GLU A 71 6.81 13.04 0.76
C GLU A 71 5.40 12.48 0.77
N LEU A 72 5.26 11.23 1.24
CA LEU A 72 3.94 10.59 1.27
C LEU A 72 2.95 11.38 2.11
N CYS A 73 3.42 11.97 3.21
CA CYS A 73 2.55 12.82 4.02
C CYS A 73 2.20 14.13 3.34
N ASP A 74 2.85 14.45 2.22
CA ASP A 74 2.56 15.68 1.49
C ASP A 74 1.69 15.45 0.26
N GLU A 75 1.81 14.29 -0.40
CA GLU A 75 0.89 13.96 -1.47
C GLU A 75 -0.52 13.66 -0.99
N TRP A 76 -0.68 13.09 0.20
CA TRP A 76 -2.00 12.72 0.69
C TRP A 76 -2.90 13.95 0.79
N VAL A 77 -4.13 13.81 0.33
CA VAL A 77 -5.10 14.90 0.39
C VAL A 77 -6.43 14.39 0.95
N PRO A 78 -7.03 15.09 1.90
CA PRO A 78 -8.30 14.65 2.46
C PRO A 78 -9.50 15.21 1.69
N GLU A 79 -10.57 14.45 1.71
CA GLU A 79 -11.82 14.89 1.11
C GLU A 79 -12.48 15.93 2.02
N PRO A 80 -13.46 16.68 1.49
CA PRO A 80 -14.14 17.66 2.34
C PRO A 80 -14.87 16.97 3.49
N LEU A 81 -15.05 17.72 4.58
CA LEU A 81 -15.78 17.17 5.71
C LEU A 81 -17.21 16.84 5.33
N ILE A 82 -17.89 17.74 4.61
CA ILE A 82 -19.28 17.52 4.24
C ILE A 82 -19.46 17.74 2.75
N PRO A 83 -20.48 17.15 2.13
CA PRO A 83 -20.74 17.41 0.71
C PRO A 83 -21.28 18.81 0.51
N PRO A 84 -21.04 19.40 -0.66
CA PRO A 84 -21.50 20.76 -0.91
C PRO A 84 -23.01 20.86 -0.87
N ILE A 85 -23.50 21.98 -0.34
CA ILE A 85 -24.93 22.19 -0.15
C ILE A 85 -25.58 22.50 -1.48
N THR A 86 -26.89 22.31 -1.57
CA THR A 86 -27.67 22.69 -2.74
C THR A 86 -28.78 23.62 -2.25
N GLU A 87 -29.73 23.93 -3.13
CA GLU A 87 -30.82 24.83 -2.77
C GLU A 87 -32.08 24.10 -2.33
N ASP A 88 -32.29 22.87 -2.79
CA ASP A 88 -33.37 22.05 -2.27
C ASP A 88 -33.08 21.52 -0.88
N MET A 89 -31.85 21.70 -0.40
CA MET A 89 -31.35 21.14 0.85
C MET A 89 -31.57 22.09 2.02
N LYS A 90 -32.24 23.22 1.81
CA LYS A 90 -32.25 24.26 2.83
C LYS A 90 -33.62 24.89 3.06
N HIS A 91 -34.66 24.09 3.21
CA HIS A 91 -36.00 24.61 3.48
C HIS A 91 -36.25 24.65 4.98
N GLU A 92 -36.68 25.80 5.47
CA GLU A 92 -36.94 26.00 6.89
C GLU A 92 -38.33 25.57 7.31
N PRO A 93 -38.45 24.98 8.51
CA PRO A 93 -39.76 24.53 8.99
C PRO A 93 -40.51 25.67 9.68
N PRO A 94 -41.81 25.50 9.89
CA PRO A 94 -42.60 26.57 10.52
C PRO A 94 -42.16 26.82 11.95
N VAL A 95 -42.33 28.07 12.39
CA VAL A 95 -42.00 28.49 13.74
C VAL A 95 -43.30 28.93 14.40
N LEU A 96 -43.76 28.19 15.38
CA LEU A 96 -45.10 28.38 15.91
C LEU A 96 -45.09 28.89 17.35
N GLU A 97 -46.27 29.27 17.83
CA GLU A 97 -46.39 29.92 19.13
C GLU A 97 -47.51 29.36 19.99
N SER A 98 -47.35 29.48 21.30
CA SER A 98 -48.40 29.40 22.31
C SER A 98 -48.92 28.01 22.61
N ALA A 99 -48.58 27.01 21.79
CA ALA A 99 -49.03 25.65 22.05
C ALA A 99 -48.42 24.68 21.05
N ALA A 100 -48.82 23.41 21.12
CA ALA A 100 -48.62 22.49 20.02
C ALA A 100 -49.83 21.58 19.89
N GLY A 101 -50.94 21.95 20.51
CA GLY A 101 -52.10 21.12 20.58
C GLY A 101 -52.84 21.02 19.26
N PRO A 102 -54.13 20.70 19.30
CA PRO A 102 -54.91 20.65 18.06
C PRO A 102 -54.94 21.98 17.32
N HIS A 103 -55.02 23.09 18.05
CA HIS A 103 -55.13 24.43 17.48
C HIS A 103 -53.90 25.24 17.90
N THR A 104 -52.87 25.20 17.08
CA THR A 104 -51.65 25.94 17.32
C THR A 104 -51.76 27.32 16.64
N THR A 105 -50.64 28.04 16.54
CA THR A 105 -50.64 29.37 15.94
C THR A 105 -49.32 29.57 15.20
N VAL A 106 -49.40 29.99 13.93
CA VAL A 106 -48.23 30.30 13.13
C VAL A 106 -48.47 31.61 12.42
N ASN A 107 -47.50 32.52 12.47
CA ASN A 107 -47.56 33.82 11.79
C ASN A 107 -48.83 34.60 12.12
N GLY A 108 -49.45 34.35 13.28
CA GLY A 108 -50.66 35.06 13.63
C GLY A 108 -51.93 34.34 13.26
N LYS A 109 -51.96 33.73 12.07
CA LYS A 109 -53.14 32.98 11.65
C LYS A 109 -53.28 31.70 12.47
N ASP A 110 -54.52 31.27 12.65
CA ASP A 110 -54.82 30.06 13.40
C ASP A 110 -54.85 28.87 12.46
N VAL A 111 -53.97 27.90 12.69
CA VAL A 111 -53.90 26.70 11.87
C VAL A 111 -54.34 25.51 12.71
N VAL A 112 -54.62 24.40 12.03
CA VAL A 112 -55.07 23.17 12.66
C VAL A 112 -53.95 22.14 12.57
N ASN A 113 -53.64 21.51 13.70
CA ASN A 113 -52.44 20.71 13.82
C ASN A 113 -52.71 19.24 13.60
N PHE A 114 -51.88 18.61 12.77
CA PHE A 114 -51.95 17.16 12.59
C PHE A 114 -50.55 16.55 12.55
N ALA A 115 -49.58 17.18 13.21
CA ALA A 115 -48.20 16.70 13.19
C ALA A 115 -47.65 16.45 14.59
N SER A 116 -48.41 16.75 15.63
CA SER A 116 -48.00 16.48 17.00
C SER A 116 -48.61 15.16 17.44
N ALA A 117 -47.81 14.35 18.11
CA ALA A 117 -48.19 12.98 18.42
C ALA A 117 -48.90 12.85 19.75
N ASN A 118 -49.58 13.88 20.23
CA ASN A 118 -50.32 13.75 21.48
C ASN A 118 -51.71 13.22 21.15
N TYR A 119 -51.89 11.92 21.35
CA TYR A 119 -53.15 11.29 21.00
C TYR A 119 -54.27 11.64 21.96
N LEU A 120 -53.98 11.69 23.25
CA LEU A 120 -55.01 11.88 24.26
C LEU A 120 -55.37 13.33 24.48
N GLY A 121 -54.69 14.26 23.82
CA GLY A 121 -54.96 15.67 24.04
C GLY A 121 -54.63 16.17 25.42
N LEU A 122 -53.47 15.79 25.95
CA LEU A 122 -53.03 16.21 27.27
C LEU A 122 -52.15 17.45 27.27
N ILE A 123 -51.72 17.93 26.10
CA ILE A 123 -50.92 19.14 26.04
C ILE A 123 -51.77 20.29 26.56
N GLY A 124 -51.30 20.93 27.62
CA GLY A 124 -52.01 22.06 28.19
C GLY A 124 -53.15 21.71 29.11
N HIS A 125 -53.15 20.52 29.70
CA HIS A 125 -54.17 20.17 30.67
C HIS A 125 -53.97 20.96 31.96
N GLU A 126 -55.08 21.34 32.58
CA GLU A 126 -55.02 22.18 33.76
C GLU A 126 -54.44 21.47 34.97
N LYS A 127 -54.37 20.15 34.94
CA LYS A 127 -53.84 19.38 36.06
C LYS A 127 -52.37 19.06 35.89
N LEU A 128 -51.83 19.16 34.69
CA LEU A 128 -50.40 19.00 34.48
C LEU A 128 -49.61 20.27 34.75
N LEU A 129 -50.18 21.43 34.47
CA LEU A 129 -49.51 22.70 34.70
C LEU A 129 -49.47 23.08 36.18
N GLU A 130 -50.19 22.37 37.03
CA GLU A 130 -50.03 22.55 38.47
C GLU A 130 -48.97 21.63 39.05
N SER A 131 -48.93 20.40 38.57
CA SER A 131 -47.93 19.44 39.03
C SER A 131 -46.55 19.93 38.60
N CYS A 132 -46.39 20.26 37.32
CA CYS A 132 -45.11 20.74 36.82
C CYS A 132 -44.68 22.00 37.57
N THR A 133 -45.60 22.93 37.78
CA THR A 133 -45.26 24.16 38.49
C THR A 133 -44.86 23.91 39.93
N SER A 134 -45.57 23.06 40.66
CA SER A 134 -45.22 22.77 42.04
C SER A 134 -43.94 21.96 42.17
N ALA A 135 -43.53 21.24 41.14
CA ALA A 135 -42.26 20.53 41.19
C ALA A 135 -41.12 21.29 40.55
N LEU A 136 -41.39 22.37 39.84
CA LEU A 136 -40.36 23.18 39.23
C LEU A 136 -39.81 24.24 40.16
N GLU A 137 -40.54 24.56 41.21
CA GLU A 137 -40.13 25.55 42.21
C GLU A 137 -39.75 24.87 43.51
N LYS A 138 -39.45 23.58 43.44
CA LYS A 138 -39.13 22.80 44.62
C LYS A 138 -37.90 21.93 44.35
N TYR A 139 -37.53 21.80 43.08
CA TYR A 139 -36.42 20.95 42.69
C TYR A 139 -35.46 21.66 41.74
N GLY A 140 -35.96 22.62 41.00
CA GLY A 140 -35.19 23.24 39.93
C GLY A 140 -35.56 22.64 38.59
N VAL A 141 -34.75 22.98 37.59
CA VAL A 141 -35.04 22.61 36.22
C VAL A 141 -34.05 21.56 35.71
N GLY A 142 -33.04 21.22 36.50
CA GLY A 142 -31.99 20.35 36.04
C GLY A 142 -31.82 19.14 36.94
N SER A 143 -31.04 18.18 36.43
CA SER A 143 -30.81 16.91 37.09
C SER A 143 -29.54 16.90 37.93
N CYS A 144 -28.46 17.46 37.40
CA CYS A 144 -27.18 17.55 38.08
C CYS A 144 -26.65 16.18 38.49
N GLY A 145 -26.34 15.32 37.53
CA GLY A 145 -25.64 14.11 37.81
C GLY A 145 -26.27 12.87 37.22
N PRO A 146 -25.45 11.87 36.93
CA PRO A 146 -25.98 10.57 36.52
C PRO A 146 -26.71 9.91 37.67
N ARG A 147 -27.42 8.84 37.34
CA ARG A 147 -28.35 8.26 38.27
C ARG A 147 -27.66 7.30 39.24
N GLY A 148 -26.44 6.91 38.96
CA GLY A 148 -25.70 6.07 39.88
C GLY A 148 -24.95 6.82 40.96
N PHE A 149 -24.70 8.12 40.81
CA PHE A 149 -23.95 8.85 41.80
C PHE A 149 -24.91 9.58 42.73
N TYR A 150 -25.58 10.64 42.29
CA TYR A 150 -26.50 11.39 43.14
C TYR A 150 -27.68 11.94 42.34
N GLY A 151 -27.98 11.33 41.21
CA GLY A 151 -29.03 11.84 40.36
C GLY A 151 -30.32 11.09 40.52
N THR A 152 -30.52 10.48 41.68
CA THR A 152 -31.71 9.68 41.96
C THR A 152 -32.59 10.48 42.90
N ILE A 153 -33.42 11.36 42.34
CA ILE A 153 -34.41 12.04 43.15
C ILE A 153 -35.47 11.02 43.56
N ASP A 154 -36.29 11.37 44.54
CA ASP A 154 -37.31 10.42 44.99
C ASP A 154 -38.45 10.30 43.97
N VAL A 155 -38.73 11.37 43.23
CA VAL A 155 -39.80 11.31 42.24
C VAL A 155 -39.51 10.27 41.17
N HIS A 156 -38.23 10.00 40.91
CA HIS A 156 -37.89 8.95 39.96
C HIS A 156 -38.38 7.60 40.45
N LEU A 157 -38.16 7.30 41.74
CA LEU A 157 -38.61 6.04 42.30
C LEU A 157 -40.14 5.95 42.29
N ASP A 158 -40.81 7.06 42.63
CA ASP A 158 -42.27 7.05 42.59
C ASP A 158 -42.80 6.82 41.18
N CYS A 159 -42.18 7.45 40.18
CA CYS A 159 -42.63 7.26 38.80
C CYS A 159 -42.46 5.82 38.36
N GLU A 160 -41.33 5.20 38.68
CA GLU A 160 -41.14 3.81 38.31
C GLU A 160 -42.19 2.91 38.96
N THR A 161 -42.46 3.13 40.24
CA THR A 161 -43.50 2.34 40.91
C THR A 161 -44.87 2.55 40.28
N ARG A 162 -45.20 3.80 39.94
CA ARG A 162 -46.50 4.07 39.36
C ARG A 162 -46.67 3.39 38.01
N ILE A 163 -45.64 3.45 37.15
CA ILE A 163 -45.75 2.81 35.84
C ILE A 163 -45.90 1.31 35.99
N SER A 164 -45.10 0.70 36.86
CA SER A 164 -45.20 -0.75 37.02
C SER A 164 -46.55 -1.17 37.57
N LYS A 165 -47.12 -0.40 38.49
CA LYS A 165 -48.46 -0.70 38.98
C LYS A 165 -49.50 -0.53 37.88
N PHE A 166 -49.35 0.46 37.02
CA PHE A 166 -50.29 0.68 35.93
C PHE A 166 -50.32 -0.53 34.99
N LEU A 167 -49.14 -0.99 34.55
CA LEU A 167 -49.10 -2.13 33.64
C LEU A 167 -49.24 -3.46 34.36
N GLY A 168 -49.08 -3.51 35.68
CA GLY A 168 -49.10 -4.76 36.38
C GLY A 168 -47.87 -5.60 36.08
N THR A 169 -46.72 -5.17 36.57
CA THR A 169 -45.44 -5.83 36.33
C THR A 169 -44.59 -5.63 37.57
N PRO A 170 -43.64 -6.52 37.85
CA PRO A 170 -42.83 -6.34 39.07
C PRO A 170 -42.09 -5.01 39.16
N ASP A 171 -41.24 -4.68 38.20
CA ASP A 171 -40.36 -3.53 38.35
C ASP A 171 -40.19 -2.83 37.01
N SER A 172 -39.69 -1.60 37.07
CA SER A 172 -39.57 -0.75 35.88
C SER A 172 -38.34 0.14 36.04
N ILE A 173 -37.88 0.69 34.92
CA ILE A 173 -36.66 1.50 34.87
C ILE A 173 -36.90 2.68 33.94
N LEU A 174 -36.45 3.86 34.36
CA LEU A 174 -36.59 5.08 33.56
C LEU A 174 -35.33 5.37 32.77
N TYR A 175 -35.50 6.05 31.65
CA TYR A 175 -34.41 6.51 30.82
C TYR A 175 -34.58 8.00 30.58
N SER A 176 -33.48 8.64 30.21
CA SER A 176 -33.46 10.09 30.12
C SER A 176 -34.18 10.63 28.90
N TYR A 177 -34.09 9.93 27.78
CA TYR A 177 -34.53 10.47 26.52
C TYR A 177 -35.18 9.39 25.66
N GLY A 178 -36.26 9.76 24.99
CA GLY A 178 -37.10 8.79 24.31
C GLY A 178 -36.42 7.97 23.23
N LEU A 179 -35.62 8.60 22.38
CA LEU A 179 -34.99 7.87 21.29
C LEU A 179 -33.86 6.97 21.75
N SER A 180 -33.33 7.18 22.95
CA SER A 180 -32.20 6.40 23.44
C SER A 180 -32.63 5.24 24.32
N THR A 181 -33.92 4.96 24.44
CA THR A 181 -34.35 3.79 25.16
C THR A 181 -34.18 2.52 24.35
N MET A 182 -33.84 2.63 23.07
CA MET A 182 -33.63 1.48 22.22
C MET A 182 -32.17 1.34 21.79
N PHE A 183 -31.36 2.39 21.93
CA PHE A 183 -29.92 2.29 21.77
C PHE A 183 -29.27 1.43 22.83
N SER A 184 -29.89 1.35 24.00
CA SER A 184 -29.25 0.76 25.16
C SER A 184 -29.93 -0.48 25.67
N THR A 185 -31.20 -0.69 25.34
CA THR A 185 -31.88 -1.92 25.71
C THR A 185 -31.46 -3.12 24.89
N ILE A 186 -31.25 -2.95 23.58
CA ILE A 186 -30.93 -4.07 22.71
C ILE A 186 -29.47 -4.49 22.83
N PRO A 187 -28.48 -3.59 22.84
CA PRO A 187 -27.11 -4.04 23.05
C PRO A 187 -26.83 -4.58 24.43
N CYS A 188 -27.70 -4.36 25.40
CA CYS A 188 -27.53 -4.92 26.72
C CYS A 188 -27.89 -6.39 26.78
N PHE A 189 -28.83 -6.84 25.96
CA PHE A 189 -29.30 -8.22 25.98
C PHE A 189 -28.64 -9.11 24.95
N CYS A 190 -28.32 -8.57 23.78
CA CYS A 190 -27.80 -9.35 22.68
C CYS A 190 -26.32 -9.02 22.46
N LYS A 191 -25.48 -10.02 22.63
CA LYS A 191 -24.04 -9.91 22.44
C LYS A 191 -23.67 -10.45 21.06
N LYS A 192 -22.38 -10.63 20.80
CA LYS A 192 -21.88 -10.93 19.47
C LYS A 192 -22.21 -12.33 18.95
N GLY A 193 -22.58 -13.26 19.81
CA GLY A 193 -22.80 -14.61 19.32
C GLY A 193 -24.26 -15.00 19.18
N ASP A 194 -25.15 -14.04 19.25
CA ASP A 194 -26.58 -14.32 19.29
C ASP A 194 -27.20 -14.14 17.92
N VAL A 195 -28.52 -14.34 17.87
CA VAL A 195 -29.28 -14.24 16.62
C VAL A 195 -30.53 -13.41 16.89
N ILE A 196 -30.74 -12.37 16.08
CA ILE A 196 -31.89 -11.49 16.20
C ILE A 196 -32.71 -11.55 14.92
N VAL A 197 -34.02 -11.66 15.05
CA VAL A 197 -34.94 -11.74 13.92
C VAL A 197 -35.75 -10.45 13.92
N ALA A 198 -35.29 -9.46 13.17
CA ALA A 198 -35.90 -8.13 13.15
C ALA A 198 -37.11 -8.12 12.23
N ASP A 199 -37.62 -6.94 11.88
CA ASP A 199 -38.87 -6.85 11.16
C ASP A 199 -38.76 -6.12 9.81
N GLU A 200 -37.61 -5.59 9.45
CA GLU A 200 -37.39 -5.00 8.12
C GLU A 200 -38.23 -3.74 7.93
N GLY A 201 -39.02 -3.39 8.93
CA GLY A 201 -39.80 -2.17 8.89
C GLY A 201 -39.71 -1.40 10.18
N VAL A 202 -38.59 -1.54 10.87
CA VAL A 202 -38.35 -0.91 12.16
C VAL A 202 -37.60 0.39 11.96
N HIS A 203 -37.91 1.39 12.78
CA HIS A 203 -37.39 2.73 12.56
C HIS A 203 -35.91 2.80 12.94
N TRP A 204 -35.37 4.02 12.94
CA TRP A 204 -33.93 4.16 13.09
C TRP A 204 -33.48 3.90 14.52
N GLY A 205 -34.33 4.22 15.50
CA GLY A 205 -33.95 3.95 16.87
C GLY A 205 -33.64 2.49 17.11
N ILE A 206 -34.52 1.61 16.63
CA ILE A 206 -34.32 0.18 16.81
C ILE A 206 -33.16 -0.32 15.99
N GLN A 207 -33.02 0.13 14.76
CA GLN A 207 -32.02 -0.42 13.87
C GLN A 207 -30.65 0.21 14.08
N ASN A 208 -30.52 1.16 14.98
CA ASN A 208 -29.20 1.58 15.46
C ASN A 208 -28.71 0.67 16.58
N GLY A 209 -29.60 0.32 17.50
CA GLY A 209 -29.28 -0.67 18.52
C GLY A 209 -28.96 -2.03 17.94
N LEU A 210 -29.68 -2.44 16.88
CA LEU A 210 -29.37 -3.70 16.24
C LEU A 210 -27.94 -3.73 15.70
N GLN A 211 -27.43 -2.59 15.26
CA GLN A 211 -26.08 -2.55 14.76
C GLN A 211 -25.04 -2.42 15.86
N LEU A 212 -25.36 -1.73 16.94
CA LEU A 212 -24.40 -1.60 18.04
C LEU A 212 -24.11 -2.94 18.68
N SER A 213 -25.16 -3.73 18.93
CA SER A 213 -25.01 -5.08 19.48
C SER A 213 -24.54 -5.99 18.38
N ARG A 214 -23.26 -6.36 18.39
CA ARG A 214 -22.67 -6.93 17.20
C ARG A 214 -23.13 -8.38 16.95
N SER A 215 -24.43 -8.59 16.84
CA SER A 215 -24.98 -9.92 16.67
C SER A 215 -25.38 -10.14 15.21
N THR A 216 -26.00 -11.28 14.94
CA THR A 216 -26.39 -11.68 13.59
C THR A 216 -27.87 -11.37 13.40
N ILE A 217 -28.18 -10.54 12.41
CA ILE A 217 -29.53 -10.05 12.20
C ILE A 217 -30.06 -10.59 10.87
N VAL A 218 -31.25 -11.16 10.91
CA VAL A 218 -31.97 -11.60 9.72
C VAL A 218 -33.38 -11.01 9.79
N TYR A 219 -33.90 -10.56 8.66
CA TYR A 219 -35.16 -9.84 8.61
C TYR A 219 -36.26 -10.75 8.07
N PHE A 220 -37.50 -10.29 8.21
CA PHE A 220 -38.62 -10.97 7.61
C PHE A 220 -39.59 -9.94 7.07
N LYS A 221 -40.47 -10.38 6.18
CA LYS A 221 -41.35 -9.47 5.45
C LYS A 221 -42.26 -8.73 6.42
N HIS A 222 -42.58 -7.48 6.07
CA HIS A 222 -43.35 -6.61 6.95
C HIS A 222 -44.70 -7.23 7.29
N ASN A 223 -44.87 -7.59 8.56
CA ASN A 223 -46.11 -8.19 9.03
C ASN A 223 -46.52 -9.39 8.19
N ASP A 224 -45.62 -10.36 8.09
CA ASP A 224 -45.89 -11.57 7.32
C ASP A 224 -45.55 -12.77 8.18
N MET A 225 -46.53 -13.27 8.94
CA MET A 225 -46.30 -14.42 9.81
C MET A 225 -45.88 -15.65 9.01
N GLU A 226 -46.35 -15.76 7.77
CA GLU A 226 -45.86 -16.81 6.90
C GLU A 226 -44.38 -16.68 6.62
N SER A 227 -43.88 -15.47 6.42
CA SER A 227 -42.44 -15.27 6.24
C SER A 227 -41.70 -15.25 7.57
N LEU A 228 -42.41 -15.09 8.69
CA LEU A 228 -41.74 -15.20 9.98
C LEU A 228 -41.44 -16.65 10.31
N ARG A 229 -42.40 -17.55 10.10
CA ARG A 229 -42.22 -18.95 10.43
C ARG A 229 -41.21 -19.64 9.52
N ILE A 230 -41.20 -19.30 8.23
CA ILE A 230 -40.14 -19.77 7.35
C ILE A 230 -38.76 -19.41 7.87
N THR A 231 -38.55 -18.16 8.29
CA THR A 231 -37.27 -17.73 8.81
C THR A 231 -36.91 -18.42 10.12
N LEU A 232 -37.89 -18.60 11.01
CA LEU A 232 -37.63 -19.29 12.27
C LEU A 232 -37.16 -20.72 12.05
N GLU A 233 -37.82 -21.46 11.14
CA GLU A 233 -37.38 -22.83 10.89
C GLU A 233 -36.00 -22.89 10.27
N LYS A 234 -35.71 -22.04 9.30
CA LYS A 234 -34.40 -22.04 8.67
C LYS A 234 -33.30 -21.64 9.63
N ILE A 235 -33.61 -20.88 10.68
CA ILE A 235 -32.64 -20.66 11.74
C ILE A 235 -32.49 -21.84 12.69
N MET A 236 -33.59 -22.51 13.05
CA MET A 236 -33.50 -23.63 13.99
C MET A 236 -32.98 -24.90 13.31
N THR A 237 -32.34 -24.75 12.16
CA THR A 237 -31.71 -25.87 11.46
C THR A 237 -30.23 -25.59 11.24
N LYS A 238 -29.90 -24.36 10.87
CA LYS A 238 -28.50 -23.96 10.69
C LYS A 238 -27.74 -23.90 12.00
N TYR A 239 -28.45 -23.81 13.13
CA TYR A 239 -27.83 -23.81 14.46
C TYR A 239 -28.40 -25.00 15.23
N LYS A 240 -27.80 -26.16 15.05
CA LYS A 240 -28.31 -27.39 15.64
C LYS A 240 -27.49 -27.84 16.85
N ARG A 241 -26.18 -28.02 16.66
CA ARG A 241 -25.33 -28.45 17.76
C ARG A 241 -25.23 -27.39 18.84
N SER A 242 -25.22 -26.12 18.46
CA SER A 242 -25.16 -25.03 19.41
C SER A 242 -26.54 -24.83 20.04
N LYS A 243 -26.57 -24.83 21.38
CA LYS A 243 -27.82 -24.69 22.12
C LYS A 243 -27.74 -23.68 23.25
N ASN A 244 -26.56 -23.15 23.56
CA ASN A 244 -26.43 -22.15 24.61
C ASN A 244 -26.67 -20.73 24.11
N LEU A 245 -26.75 -20.54 22.80
CA LEU A 245 -26.93 -19.19 22.25
C LEU A 245 -28.32 -18.68 22.53
N ARG A 246 -28.47 -17.36 22.52
CA ARG A 246 -29.74 -16.71 22.79
C ARG A 246 -30.37 -16.24 21.49
N ARG A 247 -31.69 -16.29 21.43
CA ARG A 247 -32.44 -15.92 20.25
C ARG A 247 -33.58 -14.98 20.63
N TYR A 248 -33.72 -13.90 19.86
CA TYR A 248 -34.65 -12.82 20.18
C TYR A 248 -35.46 -12.44 18.95
N ILE A 249 -36.66 -11.94 19.18
CA ILE A 249 -37.54 -11.42 18.13
C ILE A 249 -37.84 -9.97 18.47
N VAL A 250 -37.55 -9.06 17.53
CA VAL A 250 -37.74 -7.64 17.74
C VAL A 250 -38.87 -7.16 16.85
N ALA A 251 -39.92 -6.62 17.48
CA ALA A 251 -41.11 -6.19 16.76
C ALA A 251 -41.47 -4.77 17.15
N GLU A 252 -42.67 -4.33 16.79
CA GLU A 252 -43.13 -2.99 17.12
C GLU A 252 -44.64 -3.01 17.16
N ALA A 253 -45.22 -2.39 18.19
CA ALA A 253 -46.66 -2.48 18.38
C ALA A 253 -47.41 -1.84 17.22
N VAL A 254 -47.21 -0.55 17.01
CA VAL A 254 -47.81 0.18 15.90
C VAL A 254 -46.66 0.83 15.15
N TYR A 255 -46.42 0.40 13.92
CA TYR A 255 -45.25 0.87 13.20
C TYR A 255 -45.40 2.33 12.83
N GLN A 256 -44.29 3.06 12.85
CA GLN A 256 -44.32 4.47 12.51
C GLN A 256 -44.15 4.73 11.02
N ASN A 257 -43.52 3.81 10.30
CA ASN A 257 -43.32 4.00 8.88
C ASN A 257 -44.50 3.51 8.04
N SER A 258 -45.41 2.74 8.61
CA SER A 258 -46.54 2.25 7.84
C SER A 258 -47.88 2.32 8.57
N GLY A 259 -47.91 2.52 9.88
CA GLY A 259 -49.18 2.61 10.58
C GLY A 259 -49.87 1.30 10.82
N GLN A 260 -49.22 0.17 10.57
CA GLN A 260 -49.82 -1.15 10.67
C GLN A 260 -49.54 -1.78 12.02
N ILE A 261 -50.59 -2.25 12.67
CA ILE A 261 -50.49 -2.91 13.96
C ILE A 261 -49.92 -4.31 13.77
N ALA A 262 -48.97 -4.70 14.62
CA ALA A 262 -48.46 -6.05 14.58
C ALA A 262 -49.45 -7.01 15.24
N PRO A 263 -49.65 -8.20 14.66
CA PRO A 263 -50.53 -9.20 15.30
C PRO A 263 -49.79 -9.98 16.37
N LEU A 264 -50.14 -9.74 17.62
CA LEU A 264 -49.47 -10.39 18.74
C LEU A 264 -50.21 -11.65 19.19
N ASP A 265 -50.54 -12.50 18.24
CA ASP A 265 -51.02 -13.84 18.55
C ASP A 265 -50.13 -14.88 17.89
N GLU A 266 -49.87 -14.73 16.60
CA GLU A 266 -48.95 -15.61 15.92
C GLU A 266 -47.54 -15.45 16.45
N ILE A 267 -47.15 -14.25 16.86
CA ILE A 267 -45.81 -14.08 17.42
C ILE A 267 -45.68 -14.75 18.78
N VAL A 268 -46.68 -14.61 19.66
CA VAL A 268 -46.61 -15.28 20.95
C VAL A 268 -46.76 -16.79 20.82
N LYS A 269 -47.35 -17.27 19.72
CA LYS A 269 -47.49 -18.71 19.52
C LYS A 269 -46.28 -19.34 18.84
N LEU A 270 -45.71 -18.71 17.83
CA LEU A 270 -44.48 -19.17 17.22
C LEU A 270 -43.28 -19.03 18.14
N LYS A 271 -43.34 -18.14 19.12
CA LYS A 271 -42.25 -17.97 20.07
C LYS A 271 -42.18 -19.11 21.07
N GLU A 272 -43.33 -19.70 21.42
CA GLU A 272 -43.39 -20.82 22.35
C GLU A 272 -43.00 -22.14 21.70
N LYS A 273 -42.88 -22.17 20.38
CA LYS A 273 -42.55 -23.40 19.67
C LYS A 273 -41.08 -23.51 19.30
N TYR A 274 -40.35 -22.40 19.27
CA TYR A 274 -38.95 -22.41 18.87
C TYR A 274 -38.04 -21.90 19.98
N ARG A 275 -38.57 -21.59 21.16
CA ARG A 275 -37.79 -21.12 22.30
C ARG A 275 -37.05 -19.82 21.96
N PHE A 276 -37.84 -18.78 21.75
CA PHE A 276 -37.34 -17.45 21.43
C PHE A 276 -37.74 -16.46 22.52
N ARG A 277 -37.32 -15.22 22.33
CA ARG A 277 -37.64 -14.11 23.24
C ARG A 277 -38.18 -12.96 22.40
N VAL A 278 -39.10 -12.19 22.99
CA VAL A 278 -39.77 -11.11 22.28
C VAL A 278 -39.44 -9.78 22.95
N ILE A 279 -39.04 -8.80 22.15
CA ILE A 279 -38.79 -7.44 22.61
C ILE A 279 -39.77 -6.55 21.87
N LEU A 280 -40.70 -5.94 22.60
CA LEU A 280 -41.77 -5.15 21.99
C LEU A 280 -41.56 -3.67 22.26
N ASP A 281 -41.62 -2.86 21.21
CA ASP A 281 -41.51 -1.41 21.28
C ASP A 281 -42.91 -0.81 21.15
N GLU A 282 -43.62 -0.70 22.27
CA GLU A 282 -44.97 -0.16 22.21
C GLU A 282 -45.01 1.30 22.66
N SER A 283 -44.36 2.16 21.89
CA SER A 283 -44.43 3.58 22.18
C SER A 283 -45.67 4.23 21.60
N ASN A 284 -46.21 3.70 20.51
CA ASN A 284 -47.37 4.27 19.85
C ASN A 284 -48.67 3.61 20.29
N SER A 285 -48.62 2.66 21.22
CA SER A 285 -49.83 1.98 21.62
C SER A 285 -50.05 2.09 23.12
N PHE A 286 -49.00 2.43 23.86
CA PHE A 286 -49.16 2.59 25.29
C PHE A 286 -50.14 3.72 25.59
N GLY A 287 -51.32 3.39 26.11
CA GLY A 287 -52.28 4.40 26.50
C GLY A 287 -53.32 4.77 25.45
N VAL A 288 -53.28 4.16 24.27
CA VAL A 288 -54.23 4.52 23.23
C VAL A 288 -55.01 3.31 22.74
N LEU A 289 -54.43 2.12 22.89
CA LEU A 289 -54.84 1.04 21.98
C LEU A 289 -55.75 0.03 22.67
N GLY A 290 -55.42 -0.37 23.89
CA GLY A 290 -56.26 -1.29 24.62
C GLY A 290 -57.57 -0.64 25.01
N ARG A 291 -58.48 -1.47 25.53
CA ARG A 291 -59.74 -0.94 26.02
C ARG A 291 -59.58 -0.13 27.29
N SER A 292 -58.65 -0.50 28.15
CA SER A 292 -58.32 0.29 29.33
C SER A 292 -57.07 1.14 29.14
N GLY A 293 -56.42 1.04 27.98
CA GLY A 293 -55.21 1.79 27.72
C GLY A 293 -53.92 1.05 27.97
N ARG A 294 -53.97 -0.25 28.25
CA ARG A 294 -52.74 -0.95 28.61
C ARG A 294 -51.84 -1.16 27.42
N GLY A 295 -52.39 -1.30 26.22
CA GLY A 295 -51.54 -1.42 25.06
C GLY A 295 -51.97 -2.55 24.16
N LEU A 296 -50.98 -3.18 23.53
CA LEU A 296 -51.28 -4.24 22.55
C LEU A 296 -51.74 -5.52 23.24
N ALA A 297 -51.17 -5.82 24.41
CA ALA A 297 -51.52 -7.06 25.09
C ALA A 297 -52.99 -7.11 25.43
N GLU A 298 -53.53 -6.01 25.96
CA GLU A 298 -54.96 -5.97 26.23
C GLU A 298 -55.78 -5.91 24.95
N HIS A 299 -55.18 -5.47 23.84
CA HIS A 299 -55.89 -5.48 22.56
C HIS A 299 -56.13 -6.91 22.08
N HIS A 300 -55.11 -7.74 22.11
CA HIS A 300 -55.21 -9.13 21.67
C HIS A 300 -55.50 -10.09 22.79
N SER A 301 -55.72 -9.58 24.01
CA SER A 301 -56.14 -10.39 25.16
C SER A 301 -55.12 -11.47 25.49
N VAL A 302 -53.84 -11.11 25.46
CA VAL A 302 -52.79 -12.03 25.86
C VAL A 302 -52.22 -11.58 27.20
N PRO A 303 -51.77 -12.51 28.05
CA PRO A 303 -51.12 -12.09 29.30
C PRO A 303 -49.83 -11.36 29.02
N ILE A 304 -49.53 -10.36 29.86
CA ILE A 304 -48.34 -9.54 29.66
C ILE A 304 -47.06 -10.26 30.08
N GLU A 305 -47.17 -11.37 30.80
CA GLU A 305 -45.99 -12.13 31.19
C GLU A 305 -45.39 -12.91 30.02
N LYS A 306 -46.11 -13.04 28.92
CA LYS A 306 -45.56 -13.72 27.76
C LYS A 306 -44.55 -12.83 27.04
N ILE A 307 -44.62 -11.53 27.26
CA ILE A 307 -43.74 -10.58 26.59
C ILE A 307 -42.56 -10.28 27.51
N ASP A 308 -41.35 -10.59 27.05
CA ASP A 308 -40.20 -10.57 27.93
C ASP A 308 -39.78 -9.16 28.30
N VAL A 309 -39.69 -8.27 27.31
CA VAL A 309 -39.28 -6.89 27.53
C VAL A 309 -40.28 -5.99 26.82
N VAL A 310 -40.76 -4.96 27.52
CA VAL A 310 -41.69 -3.99 26.96
C VAL A 310 -41.07 -2.61 27.14
N THR A 311 -40.73 -1.97 26.04
CA THR A 311 -40.15 -0.64 26.07
C THR A 311 -41.10 0.37 25.46
N ALA A 312 -41.02 1.61 25.91
CA ALA A 312 -41.92 2.64 25.45
C ALA A 312 -41.25 3.99 25.60
N ALA A 313 -41.82 4.99 24.94
CA ALA A 313 -41.37 6.37 25.05
C ALA A 313 -42.52 7.23 25.56
N MET A 314 -42.24 8.05 26.55
CA MET A 314 -43.26 8.88 27.17
C MET A 314 -43.46 10.20 26.44
N GLY A 315 -42.93 10.33 25.24
CA GLY A 315 -43.06 11.56 24.49
C GLY A 315 -44.17 11.56 23.47
N HIS A 316 -45.11 10.62 23.56
CA HIS A 316 -46.20 10.59 22.61
C HIS A 316 -47.56 10.81 23.25
N ALA A 317 -47.95 9.92 24.17
CA ALA A 317 -49.30 9.93 24.70
C ALA A 317 -49.34 10.38 26.15
N LEU A 318 -48.21 10.82 26.68
CA LEU A 318 -48.12 11.30 28.04
C LEU A 318 -47.74 12.77 28.12
N ALA A 319 -47.37 13.39 27.01
CA ALA A 319 -47.07 14.82 26.95
C ALA A 319 -45.89 15.18 27.85
N THR A 320 -44.87 14.34 27.86
CA THR A 320 -43.63 14.59 28.59
C THR A 320 -42.49 14.12 27.72
N GLU A 321 -41.33 13.93 28.33
CA GLU A 321 -40.16 13.38 27.66
C GLU A 321 -39.60 12.24 28.51
N GLY A 322 -38.87 11.34 27.89
CA GLY A 322 -38.26 10.23 28.59
C GLY A 322 -38.61 8.90 27.96
N GLY A 323 -38.38 7.84 28.71
CA GLY A 323 -38.68 6.50 28.27
C GLY A 323 -38.74 5.59 29.47
N PHE A 324 -39.11 4.34 29.24
CA PHE A 324 -39.06 3.35 30.29
C PHE A 324 -39.03 1.96 29.70
N CYS A 325 -38.65 1.00 30.55
CA CYS A 325 -38.52 -0.39 30.14
C CYS A 325 -39.11 -1.23 31.26
N THR A 326 -39.80 -2.31 30.92
CA THR A 326 -40.56 -3.07 31.89
C THR A 326 -40.33 -4.57 31.71
N GLY A 327 -40.50 -5.30 32.80
CA GLY A 327 -40.27 -6.73 32.78
C GLY A 327 -40.19 -7.25 34.20
N ASN A 328 -39.78 -8.52 34.33
CA ASN A 328 -39.64 -9.11 35.65
C ASN A 328 -38.44 -8.51 36.36
N ALA A 329 -38.27 -8.89 37.63
CA ALA A 329 -37.24 -8.29 38.47
C ALA A 329 -35.84 -8.63 37.96
N ARG A 330 -35.61 -9.86 37.52
CA ARG A 330 -34.27 -10.27 37.14
C ARG A 330 -33.76 -9.48 35.94
N ILE A 331 -34.58 -9.33 34.90
CA ILE A 331 -34.17 -8.58 33.73
C ILE A 331 -33.94 -7.10 34.04
N ILE A 332 -34.87 -6.46 34.73
CA ILE A 332 -34.72 -5.04 35.02
C ILE A 332 -33.51 -4.75 35.88
N ASP A 333 -33.27 -5.54 36.93
CA ASP A 333 -32.15 -5.26 37.82
C ASP A 333 -30.80 -5.59 37.21
N TYR A 334 -30.77 -6.26 36.06
CA TYR A 334 -29.51 -6.57 35.40
C TYR A 334 -29.06 -5.47 34.46
N GLN A 335 -30.01 -4.79 33.82
CA GLN A 335 -29.68 -3.67 32.94
C GLN A 335 -29.65 -2.35 33.68
N ARG A 336 -29.86 -2.37 34.98
CA ARG A 336 -29.70 -1.18 35.80
C ARG A 336 -28.24 -0.90 36.12
N LEU A 337 -27.36 -1.87 35.89
CA LEU A 337 -25.93 -1.74 36.14
C LEU A 337 -25.09 -1.83 34.89
N SER A 338 -25.53 -2.58 33.87
CA SER A 338 -24.71 -2.85 32.69
C SER A 338 -25.23 -2.17 31.45
N SER A 339 -26.12 -1.19 31.60
CA SER A 339 -26.61 -0.46 30.44
C SER A 339 -25.56 0.57 30.03
N SER A 340 -25.91 1.47 29.11
CA SER A 340 -24.94 2.46 28.68
C SER A 340 -25.51 3.86 28.77
N GLY A 341 -26.78 4.02 28.43
CA GLY A 341 -27.45 5.29 28.54
C GLY A 341 -28.05 5.53 29.91
N TYR A 342 -27.99 4.55 30.80
CA TYR A 342 -28.46 4.68 32.16
C TYR A 342 -27.37 5.04 33.15
N VAL A 343 -26.15 4.55 32.92
CA VAL A 343 -25.04 4.77 33.84
C VAL A 343 -24.14 5.92 33.43
N PHE A 344 -24.26 6.42 32.20
CA PHE A 344 -23.35 7.43 31.68
C PHE A 344 -24.09 8.70 31.28
N SER A 345 -25.32 8.88 31.73
CA SER A 345 -26.09 10.02 31.27
C SER A 345 -26.87 10.61 32.42
N ALA A 346 -27.09 11.92 32.36
CA ALA A 346 -27.85 12.58 33.40
C ALA A 346 -29.28 12.06 33.43
N SER A 347 -29.84 11.98 34.62
CA SER A 347 -31.18 11.48 34.79
C SER A 347 -32.20 12.51 34.30
N LEU A 348 -33.46 12.12 34.36
CA LEU A 348 -34.55 12.96 33.91
C LEU A 348 -34.73 14.17 34.82
N PRO A 349 -34.91 15.36 34.29
CA PRO A 349 -35.30 16.50 35.12
C PRO A 349 -36.56 16.18 35.90
N PRO A 350 -36.58 16.44 37.20
CA PRO A 350 -37.72 15.99 38.03
C PRO A 350 -39.05 16.60 37.65
N TYR A 351 -39.10 17.77 37.03
CA TYR A 351 -40.38 18.32 36.62
C TYR A 351 -40.98 17.55 35.45
N LEU A 352 -40.16 16.81 34.70
CA LEU A 352 -40.68 15.96 33.64
C LEU A 352 -41.19 14.64 34.17
N ALA A 353 -40.55 14.11 35.21
CA ALA A 353 -40.98 12.86 35.82
C ALA A 353 -42.11 13.05 36.82
N SER A 354 -42.39 14.28 37.24
CA SER A 354 -43.54 14.54 38.09
C SER A 354 -44.79 14.87 37.31
N ALA A 355 -44.68 15.01 35.99
CA ALA A 355 -45.84 15.16 35.12
C ALA A 355 -46.32 13.84 34.55
N ALA A 356 -45.42 12.87 34.40
CA ALA A 356 -45.83 11.55 33.95
C ALA A 356 -46.77 10.90 34.97
N ILE A 357 -46.50 11.09 36.26
CA ILE A 357 -47.36 10.51 37.28
C ILE A 357 -48.77 11.08 37.19
N THR A 358 -48.87 12.40 37.05
CA THR A 358 -50.18 13.02 36.93
C THR A 358 -50.87 12.58 35.64
N ALA A 359 -50.13 12.49 34.54
CA ALA A 359 -50.73 12.04 33.29
C ALA A 359 -51.26 10.62 33.39
N ILE A 360 -50.52 9.72 34.03
CA ILE A 360 -51.00 8.35 34.18
C ILE A 360 -52.25 8.32 35.06
N ASP A 361 -52.29 9.14 36.10
CA ASP A 361 -53.49 9.18 36.94
C ASP A 361 -54.69 9.71 36.15
N VAL A 362 -54.48 10.71 35.30
CA VAL A 362 -55.57 11.22 34.48
C VAL A 362 -56.05 10.16 33.50
N ILE A 363 -55.12 9.44 32.88
CA ILE A 363 -55.50 8.38 31.96
C ILE A 363 -56.31 7.32 32.68
N ASP A 364 -55.84 6.89 33.85
CA ASP A 364 -56.52 5.83 34.59
C ASP A 364 -57.93 6.24 35.03
N GLN A 365 -58.09 7.47 35.49
CA GLN A 365 -59.38 7.93 35.99
C GLN A 365 -60.38 8.25 34.89
N ASN A 366 -59.94 8.36 33.64
CA ASN A 366 -60.81 8.83 32.56
C ASN A 366 -60.60 7.97 31.32
N PRO A 367 -61.29 6.83 31.25
CA PRO A 367 -61.21 5.99 30.04
C PRO A 367 -62.17 6.36 28.92
N ASP A 368 -62.84 7.51 29.00
CA ASP A 368 -63.74 7.96 27.95
C ASP A 368 -63.01 8.61 26.79
N MET A 369 -61.87 9.25 27.05
CA MET A 369 -61.09 9.85 25.99
C MET A 369 -60.43 8.79 25.11
N LEU A 370 -60.56 7.51 25.47
CA LEU A 370 -60.07 6.46 24.60
C LEU A 370 -61.08 6.11 23.51
N VAL A 371 -62.36 5.98 23.88
CA VAL A 371 -63.38 5.79 22.85
C VAL A 371 -63.60 7.04 22.02
N LYS A 372 -63.38 8.23 22.59
CA LYS A 372 -63.45 9.45 21.82
C LYS A 372 -62.36 9.53 20.74
N LEU A 373 -61.30 8.75 20.86
CA LEU A 373 -60.25 8.73 19.84
C LEU A 373 -60.55 7.78 18.70
N LYS A 374 -61.14 6.62 19.01
CA LYS A 374 -61.50 5.67 17.96
C LYS A 374 -62.53 6.31 17.05
N GLN A 375 -63.50 7.01 17.64
CA GLN A 375 -64.51 7.68 16.85
C GLN A 375 -63.89 8.66 15.88
N ASN A 376 -62.90 9.43 16.32
CA ASN A 376 -62.28 10.40 15.43
C ASN A 376 -61.51 9.72 14.31
N VAL A 377 -60.81 8.63 14.62
CA VAL A 377 -60.11 7.89 13.57
C VAL A 377 -61.08 7.32 12.55
N ALA A 378 -62.18 6.72 13.00
CA ALA A 378 -63.20 6.25 12.08
C ALA A 378 -63.82 7.37 11.26
N LEU A 379 -64.07 8.53 11.86
CA LEU A 379 -64.62 9.68 11.14
C LEU A 379 -63.68 10.18 10.06
N LEU A 380 -62.38 10.14 10.30
CA LEU A 380 -61.42 10.51 9.26
C LEU A 380 -61.32 9.44 8.18
N TRP A 381 -61.56 8.18 8.52
CA TRP A 381 -61.57 7.11 7.53
C TRP A 381 -62.82 7.10 6.66
N LYS A 382 -63.94 7.63 7.13
CA LYS A 382 -65.17 7.68 6.35
C LYS A 382 -65.22 8.87 5.41
N GLY A 383 -64.20 9.72 5.45
CA GLY A 383 -64.19 10.89 4.58
C GLY A 383 -62.95 10.99 3.74
N LEU A 384 -62.21 9.90 3.63
CA LEU A 384 -60.96 9.93 2.88
C LEU A 384 -60.77 8.73 1.97
N SER A 385 -61.67 7.76 1.98
CA SER A 385 -61.52 6.53 1.22
C SER A 385 -61.64 6.73 -0.28
N ASP A 386 -62.17 7.86 -0.72
CA ASP A 386 -62.41 8.12 -2.14
C ASP A 386 -61.42 9.11 -2.73
N ILE A 387 -60.17 9.08 -2.27
CA ILE A 387 -59.13 9.97 -2.77
C ILE A 387 -58.63 9.46 -4.12
N LYS A 388 -58.02 10.34 -4.90
CA LYS A 388 -57.68 10.02 -6.29
C LYS A 388 -56.37 9.26 -6.45
N GLY A 389 -55.25 9.88 -6.07
CA GLY A 389 -53.96 9.27 -6.31
C GLY A 389 -53.35 8.61 -5.08
N MET A 390 -53.85 8.95 -3.90
CA MET A 390 -53.35 8.38 -2.67
C MET A 390 -54.11 7.08 -2.34
N SER A 391 -53.71 6.43 -1.27
CA SER A 391 -54.33 5.16 -0.89
C SER A 391 -54.05 4.89 0.58
N LEU A 392 -55.11 4.78 1.38
CA LEU A 392 -54.97 4.49 2.79
C LEU A 392 -54.36 3.11 2.99
N THR A 393 -53.09 3.06 3.40
CA THR A 393 -52.39 1.80 3.60
C THR A 393 -52.07 1.54 5.06
N SER A 394 -52.83 2.11 5.98
CA SER A 394 -52.62 1.87 7.39
C SER A 394 -53.63 0.84 7.89
N ASN A 395 -53.57 0.50 9.17
CA ASN A 395 -54.62 -0.32 9.79
C ASN A 395 -55.81 0.59 10.04
N ARG A 396 -56.93 0.03 10.45
CA ARG A 396 -58.17 0.79 10.57
C ARG A 396 -58.28 1.39 11.96
N GLU A 397 -57.39 0.99 12.87
CA GLU A 397 -57.48 1.41 14.25
C GLU A 397 -56.28 2.21 14.75
N SER A 398 -55.14 2.12 14.09
CA SER A 398 -53.99 2.89 14.52
C SER A 398 -54.25 4.37 14.31
N PRO A 399 -53.86 5.22 15.26
CA PRO A 399 -54.10 6.65 15.09
C PRO A 399 -53.00 7.32 14.28
N ILE A 400 -52.56 6.65 13.21
CA ILE A 400 -51.62 7.24 12.26
C ILE A 400 -52.16 6.98 10.87
N VAL A 401 -52.92 7.91 10.32
CA VAL A 401 -53.57 7.68 9.04
C VAL A 401 -52.55 7.86 7.93
N PHE A 402 -51.99 6.78 7.44
CA PHE A 402 -51.00 6.83 6.39
C PHE A 402 -51.68 7.03 5.03
N LEU A 403 -50.90 7.50 4.05
CA LEU A 403 -51.40 7.73 2.69
C LEU A 403 -50.24 7.50 1.72
N LYS A 404 -50.13 6.28 1.22
CA LYS A 404 -49.12 5.98 0.22
C LYS A 404 -49.51 6.58 -1.11
N LEU A 405 -48.52 7.07 -1.86
CA LEU A 405 -48.80 7.61 -3.19
C LEU A 405 -48.85 6.45 -4.18
N GLU A 406 -49.91 6.38 -4.98
CA GLU A 406 -50.01 5.33 -5.97
C GLU A 406 -49.35 5.77 -7.28
N LYS A 407 -48.87 4.80 -8.05
CA LYS A 407 -48.24 5.09 -9.34
C LYS A 407 -47.06 6.03 -9.14
N SER A 408 -46.01 5.55 -8.47
CA SER A 408 -44.81 6.33 -8.18
C SER A 408 -44.38 7.15 -9.39
N SER A 409 -44.19 8.45 -9.18
CA SER A 409 -43.92 9.39 -10.26
C SER A 409 -42.52 9.20 -10.85
N GLY A 410 -41.69 8.41 -10.20
CA GLY A 410 -40.35 8.15 -10.69
C GLY A 410 -39.46 7.52 -9.65
N SER A 411 -38.26 8.05 -9.49
CA SER A 411 -37.33 7.59 -8.47
C SER A 411 -37.75 8.12 -7.11
N ALA A 412 -37.30 7.42 -6.05
CA ALA A 412 -37.67 7.80 -4.69
C ALA A 412 -37.17 9.20 -4.37
N LYS A 413 -35.98 9.55 -4.87
CA LYS A 413 -35.43 10.88 -4.67
C LYS A 413 -36.42 11.94 -5.15
N ASP A 414 -36.99 11.75 -6.33
CA ASP A 414 -37.95 12.70 -6.87
C ASP A 414 -39.23 12.72 -6.06
N ASP A 415 -39.69 11.54 -5.63
CA ASP A 415 -40.94 11.44 -4.89
C ASP A 415 -40.86 12.19 -3.57
N LEU A 416 -39.66 12.27 -2.99
CA LEU A 416 -39.51 12.98 -1.73
C LEU A 416 -39.86 14.45 -1.87
N LEU A 417 -39.29 15.13 -2.87
CA LEU A 417 -39.64 16.54 -3.08
C LEU A 417 -41.08 16.69 -3.53
N LEU A 418 -41.57 15.74 -4.33
CA LEU A 418 -42.97 15.79 -4.73
C LEU A 418 -43.87 15.82 -3.52
N LEU A 419 -43.59 14.98 -2.52
CA LEU A 419 -44.39 15.00 -1.31
C LEU A 419 -44.12 16.24 -0.48
N GLU A 420 -42.89 16.74 -0.50
CA GLU A 420 -42.54 17.92 0.28
C GLU A 420 -43.37 19.13 -0.13
N LYS A 421 -43.47 19.38 -1.43
CA LYS A 421 -44.23 20.55 -1.88
C LYS A 421 -45.72 20.40 -1.60
N MET A 422 -46.25 19.18 -1.74
CA MET A 422 -47.64 18.95 -1.39
C MET A 422 -47.90 19.22 0.09
N ALA A 423 -46.95 18.85 0.95
CA ALA A 423 -47.05 19.17 2.36
C ALA A 423 -46.90 20.65 2.65
N ASP A 424 -46.07 21.36 1.88
CA ASP A 424 -45.89 22.80 2.08
C ASP A 424 -47.15 23.57 1.72
N ARG A 425 -47.80 23.23 0.60
CA ARG A 425 -48.97 23.95 0.15
C ARG A 425 -50.21 23.69 1.00
N ALA A 426 -50.19 22.66 1.83
CA ALA A 426 -51.33 22.42 2.71
C ALA A 426 -51.39 23.45 3.84
N LEU A 427 -50.24 23.98 4.23
CA LEU A 427 -50.20 24.96 5.32
C LEU A 427 -50.38 26.39 4.82
N LYS A 428 -49.55 26.78 3.85
CA LYS A 428 -49.56 28.12 3.29
C LYS A 428 -50.92 28.64 2.81
N GLU A 429 -51.73 27.77 2.20
CA GLU A 429 -53.02 28.19 1.67
C GLU A 429 -54.22 28.10 2.61
N ASP A 430 -54.52 26.90 3.08
CA ASP A 430 -55.67 26.65 3.93
C ASP A 430 -55.31 26.15 5.32
N SER A 431 -54.13 26.50 5.83
CA SER A 431 -53.82 26.36 7.25
C SER A 431 -53.92 24.92 7.77
N LEU A 432 -53.01 24.05 7.34
CA LEU A 432 -53.03 22.67 7.81
C LEU A 432 -51.61 22.15 7.93
N LEU A 433 -51.26 21.61 9.10
CA LEU A 433 -49.96 20.96 9.31
C LEU A 433 -50.12 19.45 9.08
N VAL A 434 -49.28 18.88 8.23
CA VAL A 434 -49.19 17.44 8.08
C VAL A 434 -47.71 17.06 8.03
N VAL A 435 -47.46 15.75 8.01
CA VAL A 435 -46.11 15.21 8.06
C VAL A 435 -45.83 14.50 6.75
N SER A 436 -44.60 14.56 6.28
CA SER A 436 -44.18 13.79 5.12
C SER A 436 -42.93 12.99 5.47
N SER A 437 -42.79 11.83 4.84
CA SER A 437 -41.69 10.93 5.16
C SER A 437 -40.36 11.59 4.85
N LYS A 438 -39.58 11.86 5.89
CA LYS A 438 -38.24 12.41 5.75
C LYS A 438 -37.22 11.34 6.08
N ARG A 439 -36.76 10.65 5.04
CA ARG A 439 -35.76 9.62 5.20
C ARG A 439 -34.37 10.24 5.26
N SER A 440 -33.45 9.56 5.95
CA SER A 440 -32.06 9.95 5.99
C SER A 440 -31.25 9.03 5.08
N PHE A 441 -29.97 9.33 4.91
CA PHE A 441 -29.12 8.40 4.16
C PHE A 441 -28.52 7.34 5.06
N LEU A 442 -28.70 7.46 6.36
CA LEU A 442 -28.26 6.44 7.31
C LEU A 442 -29.35 5.42 7.58
N ASP A 443 -30.61 5.78 7.31
CA ASP A 443 -31.71 4.85 7.45
C ASP A 443 -31.61 3.75 6.40
N LYS A 444 -32.14 2.57 6.74
CA LYS A 444 -32.13 1.42 5.84
C LYS A 444 -33.52 0.92 5.52
N CYS A 445 -34.56 1.59 6.02
CA CYS A 445 -35.92 1.20 5.70
C CYS A 445 -36.21 1.50 4.24
N ARG A 446 -36.99 0.62 3.61
CA ARG A 446 -37.30 0.76 2.20
C ARG A 446 -38.80 0.69 1.93
N LEU A 447 -39.60 0.93 2.95
CA LEU A 447 -41.04 0.95 2.79
C LEU A 447 -41.44 2.14 1.94
N PRO A 448 -42.66 2.12 1.37
CA PRO A 448 -43.10 3.27 0.58
C PRO A 448 -43.23 4.53 1.41
N VAL A 449 -42.95 5.67 0.77
CA VAL A 449 -43.07 6.97 1.41
C VAL A 449 -44.53 7.41 1.35
N GLY A 450 -44.88 8.46 2.07
CA GLY A 450 -46.26 8.89 2.13
C GLY A 450 -46.43 10.10 3.02
N ILE A 451 -47.68 10.33 3.42
CA ILE A 451 -48.05 11.44 4.28
C ILE A 451 -48.89 10.94 5.44
N LYS A 452 -48.50 11.31 6.66
CA LYS A 452 -49.15 10.84 7.87
C LYS A 452 -50.04 11.92 8.47
N LEU A 453 -50.88 11.52 9.41
CA LEU A 453 -51.76 12.44 10.12
C LEU A 453 -52.01 11.88 11.51
N TYR A 454 -51.36 12.45 12.51
CA TYR A 454 -51.47 11.97 13.88
C TYR A 454 -52.77 12.49 14.47
N VAL A 455 -53.84 11.69 14.37
CA VAL A 455 -55.11 12.09 14.93
C VAL A 455 -55.01 12.08 16.46
N SER A 456 -55.73 13.01 17.09
CA SER A 456 -55.79 13.09 18.54
C SER A 456 -57.21 12.84 19.00
N ALA A 457 -57.43 12.94 20.31
CA ALA A 457 -58.73 12.80 20.91
C ALA A 457 -59.35 14.14 21.26
N GLY A 458 -58.78 15.23 20.77
CA GLY A 458 -59.29 16.55 21.07
C GLY A 458 -59.70 17.30 19.83
N HIS A 459 -59.57 16.66 18.67
CA HIS A 459 -59.98 17.27 17.43
C HIS A 459 -61.50 17.43 17.38
N SER A 460 -61.94 18.47 16.69
CA SER A 460 -63.36 18.74 16.54
C SER A 460 -63.90 17.92 15.38
N GLU A 461 -65.18 18.08 15.05
CA GLU A 461 -65.77 17.42 13.91
C GLU A 461 -65.67 18.25 12.64
N SER A 462 -65.35 19.54 12.75
CA SER A 462 -65.22 20.41 11.59
C SER A 462 -63.80 20.40 11.02
N ASP A 463 -62.80 20.56 11.89
CA ASP A 463 -61.42 20.46 11.47
C ASP A 463 -61.08 19.08 10.93
N LEU A 464 -61.71 18.05 11.47
CA LEU A 464 -61.42 16.68 11.05
C LEU A 464 -61.82 16.44 9.60
N LEU A 465 -62.96 16.98 9.17
CA LEU A 465 -63.34 16.90 7.77
C LEU A 465 -62.68 17.97 6.91
N LYS A 466 -62.32 19.11 7.49
CA LYS A 466 -61.50 20.10 6.80
C LYS A 466 -60.13 19.53 6.42
N ALA A 467 -59.61 18.59 7.20
CA ALA A 467 -58.39 17.87 6.84
C ALA A 467 -58.59 16.89 5.69
N SER A 468 -59.82 16.45 5.44
CA SER A 468 -60.06 15.51 4.37
C SER A 468 -60.29 16.21 3.04
N GLU A 469 -61.16 17.23 3.05
CA GLU A 469 -61.43 17.96 1.80
C GLU A 469 -60.17 18.59 1.25
N SER A 470 -59.38 19.21 2.12
CA SER A 470 -58.15 19.87 1.69
C SER A 470 -57.12 18.89 1.15
N LEU A 471 -57.08 17.66 1.66
CA LEU A 471 -56.19 16.67 1.07
C LEU A 471 -56.71 16.15 -0.26
N LYS A 472 -58.02 15.92 -0.38
CA LYS A 472 -58.57 15.42 -1.63
C LYS A 472 -58.35 16.40 -2.77
N ARG A 473 -58.62 17.68 -2.54
CA ARG A 473 -58.45 18.68 -3.58
C ARG A 473 -57.01 18.77 -4.04
N LEU A 474 -56.09 18.89 -3.10
CA LEU A 474 -54.68 19.06 -3.45
C LEU A 474 -54.12 17.82 -4.12
N ALA A 475 -54.52 16.63 -3.66
CA ALA A 475 -54.07 15.41 -4.31
C ALA A 475 -54.63 15.29 -5.71
N SER A 476 -55.88 15.71 -5.91
CA SER A 476 -56.49 15.64 -7.23
C SER A 476 -55.79 16.56 -8.22
N GLU A 477 -55.63 17.82 -7.83
CA GLU A 477 -55.04 18.83 -8.71
C GLU A 477 -53.52 18.87 -8.79
N LEU A 478 -52.84 17.81 -8.38
CA LEU A 478 -51.39 17.83 -8.49
C LEU A 478 -50.85 16.51 -9.05
N LEU A 479 -51.51 15.40 -8.71
CA LEU A 479 -50.95 14.09 -9.03
C LEU A 479 -51.44 13.57 -10.37
N LEU A 480 -52.75 13.42 -10.52
CA LEU A 480 -53.32 12.89 -11.76
C LEU A 480 -53.16 13.86 -12.92
N MET B 1 2.37 9.09 34.06
CA MET B 1 1.40 10.19 34.13
C MET B 1 0.84 10.30 35.55
N ILE B 2 0.95 9.22 36.31
CA ILE B 2 0.55 9.20 37.72
C ILE B 2 1.69 8.55 38.49
N THR B 3 2.20 9.24 39.51
CA THR B 3 3.23 8.65 40.36
C THR B 3 2.60 7.74 41.40
N ILE B 4 3.01 6.49 41.42
CA ILE B 4 2.42 5.46 42.26
C ILE B 4 3.47 5.00 43.26
N PRO B 5 3.23 5.12 44.56
CA PRO B 5 4.17 4.54 45.54
C PRO B 5 4.30 3.04 45.33
N TYR B 6 5.53 2.56 45.31
CA TYR B 6 5.76 1.15 44.95
C TYR B 6 5.16 0.20 45.97
N LEU B 7 5.28 0.53 47.25
CA LEU B 7 4.79 -0.38 48.27
C LEU B 7 3.27 -0.48 48.27
N THR B 8 2.58 0.50 47.71
CA THR B 8 1.13 0.48 47.59
C THR B 8 0.66 -0.21 46.31
N ALA B 9 1.46 -0.20 45.26
CA ALA B 9 1.17 -0.98 44.07
C ALA B 9 1.25 -2.48 44.31
N VAL B 10 1.83 -2.90 45.43
CA VAL B 10 1.94 -4.31 45.75
C VAL B 10 0.82 -4.80 46.65
N SER B 11 0.37 -4.00 47.60
CA SER B 11 -0.74 -4.40 48.46
C SER B 11 -2.09 -4.15 47.82
N THR B 12 -2.12 -3.59 46.60
CA THR B 12 -3.34 -3.48 45.82
C THR B 12 -3.59 -4.74 45.00
N TYR B 13 -2.58 -5.22 44.28
CA TYR B 13 -2.71 -6.47 43.55
C TYR B 13 -3.01 -7.61 44.48
N PHE B 14 -2.39 -7.65 45.66
CA PHE B 14 -2.71 -8.64 46.66
C PHE B 14 -4.15 -8.55 47.13
N SER B 15 -4.66 -7.34 47.34
CA SER B 15 -6.04 -7.16 47.74
C SER B 15 -7.03 -7.61 46.68
N TYR B 16 -6.74 -7.35 45.41
CA TYR B 16 -7.61 -7.80 44.34
C TYR B 16 -7.55 -9.30 44.12
N GLY B 17 -6.36 -9.90 44.20
CA GLY B 17 -6.25 -11.34 44.08
C GLY B 17 -6.98 -12.11 45.16
N LEU B 18 -6.99 -11.59 46.37
CA LEU B 18 -7.74 -12.23 47.44
C LEU B 18 -9.24 -12.21 47.17
N LEU B 19 -9.76 -11.10 46.68
CA LEU B 19 -11.16 -11.03 46.25
C LEU B 19 -11.46 -12.00 45.13
N PHE B 20 -10.58 -12.08 44.13
CA PHE B 20 -10.74 -13.04 43.04
C PHE B 20 -10.77 -14.47 43.55
N ALA B 21 -9.84 -14.81 44.46
CA ALA B 21 -9.76 -16.17 44.97
C ALA B 21 -10.99 -16.55 45.78
N PHE B 22 -11.46 -15.66 46.66
CA PHE B 22 -12.67 -16.00 47.40
C PHE B 22 -13.90 -16.03 46.51
N GLY B 23 -13.96 -15.18 45.49
CA GLY B 23 -15.08 -15.20 44.58
C GLY B 23 -15.18 -16.46 43.76
N GLN B 24 -14.06 -16.93 43.20
CA GLN B 24 -14.11 -18.17 42.44
C GLN B 24 -14.51 -19.33 43.33
N LEU B 25 -13.96 -19.38 44.55
CA LEU B 25 -14.33 -20.43 45.50
C LEU B 25 -15.82 -20.42 45.80
N ARG B 26 -16.38 -19.24 46.11
CA ARG B 26 -17.80 -19.18 46.40
C ARG B 26 -18.67 -19.48 45.20
N ASP B 27 -18.29 -19.06 44.00
CA ASP B 27 -19.06 -19.36 42.81
C ASP B 27 -18.98 -20.83 42.43
N PHE B 28 -17.94 -21.53 42.88
CA PHE B 28 -17.83 -22.95 42.62
C PHE B 28 -18.75 -23.79 43.51
N PHE B 29 -19.30 -23.22 44.57
CA PHE B 29 -20.23 -23.92 45.44
C PHE B 29 -21.69 -23.52 45.22
N ARG B 30 -21.91 -22.75 44.16
CA ARG B 30 -23.24 -22.35 43.75
C ARG B 30 -23.59 -23.18 42.52
N ARG B 31 -22.61 -23.42 41.66
CA ARG B 31 -22.82 -24.24 40.47
C ARG B 31 -23.18 -25.67 40.80
N PHE B 32 -22.83 -26.15 41.97
CA PHE B 32 -23.19 -27.50 42.38
C PHE B 32 -24.41 -27.55 43.29
N ILE B 33 -25.03 -26.41 43.58
CA ILE B 33 -26.25 -26.36 44.37
C ILE B 33 -27.46 -25.94 43.54
N ASP B 34 -27.26 -25.64 42.27
CA ASP B 34 -28.35 -25.27 41.39
C ASP B 34 -29.16 -26.46 40.91
N TRP B 35 -28.78 -27.67 41.30
CA TRP B 35 -29.57 -28.85 40.99
C TRP B 35 -30.98 -28.74 41.54
N TRP B 36 -31.16 -27.96 42.60
CA TRP B 36 -32.46 -27.82 43.24
C TRP B 36 -33.01 -26.40 43.05
N GLN B 42 -37.96 -21.36 31.21
CA GLN B 42 -38.77 -22.57 31.10
C GLN B 42 -38.31 -23.41 29.92
N GLY B 43 -37.07 -23.15 29.48
CA GLY B 43 -36.53 -23.81 28.32
C GLY B 43 -35.68 -22.87 27.49
N TYR B 44 -35.90 -21.56 27.66
CA TYR B 44 -35.10 -20.56 26.99
C TYR B 44 -33.70 -20.49 27.59
N ALA B 45 -32.79 -19.93 26.80
CA ALA B 45 -31.43 -19.71 27.27
C ALA B 45 -31.44 -18.67 28.38
N PRO B 46 -30.45 -18.72 29.28
CA PRO B 46 -30.42 -17.76 30.38
C PRO B 46 -30.27 -16.34 29.89
N ILE B 47 -30.82 -15.39 30.65
CA ILE B 47 -30.71 -13.98 30.32
C ILE B 47 -29.25 -13.56 30.27
N CYS B 48 -28.43 -14.08 31.18
CA CYS B 48 -27.01 -13.77 31.23
C CYS B 48 -26.25 -15.05 31.54
N LEU B 49 -25.12 -15.26 30.87
CA LEU B 49 -24.31 -16.46 31.10
C LEU B 49 -23.90 -16.53 32.56
N GLY B 50 -23.01 -17.46 32.89
CA GLY B 50 -22.56 -17.59 34.28
C GLY B 50 -21.54 -16.55 34.68
N HIS B 51 -20.63 -16.20 33.77
CA HIS B 51 -19.38 -15.55 34.15
C HIS B 51 -19.05 -14.30 33.33
N GLU B 52 -20.08 -13.49 33.10
CA GLU B 52 -19.94 -12.23 32.38
C GLU B 52 -20.18 -11.07 33.34
N ASP B 53 -20.70 -11.39 34.53
CA ASP B 53 -20.96 -10.39 35.55
C ASP B 53 -20.33 -10.83 36.86
N PHE B 54 -19.10 -11.34 36.78
CA PHE B 54 -18.44 -11.82 37.98
C PHE B 54 -18.17 -10.68 38.95
N TYR B 55 -17.65 -9.56 38.46
CA TYR B 55 -17.32 -8.42 39.30
C TYR B 55 -18.53 -7.58 39.64
N ILE B 56 -19.67 -7.83 39.02
CA ILE B 56 -20.91 -7.19 39.44
C ILE B 56 -21.48 -7.82 40.69
N ARG B 57 -21.45 -9.14 40.83
CA ARG B 57 -22.02 -9.81 41.98
C ARG B 57 -21.01 -10.20 43.03
N ARG B 58 -19.70 -10.16 42.74
CA ARG B 58 -18.70 -10.53 43.71
C ARG B 58 -17.82 -9.36 44.16
N LEU B 59 -17.96 -8.20 43.53
CA LEU B 59 -17.21 -7.03 43.99
C LEU B 59 -18.12 -5.85 44.21
N TYR B 60 -19.10 -5.65 43.35
CA TYR B 60 -19.98 -4.49 43.48
C TYR B 60 -21.01 -4.67 44.59
N HIS B 61 -21.57 -5.86 44.74
CA HIS B 61 -22.58 -6.08 45.77
C HIS B 61 -22.02 -5.95 47.18
N ARG B 62 -20.71 -6.06 47.34
CA ARG B 62 -20.13 -5.90 48.66
C ARG B 62 -20.14 -4.44 49.12
N ILE B 63 -20.18 -3.50 48.18
CA ILE B 63 -20.13 -2.08 48.52
C ILE B 63 -21.27 -1.31 47.86
N GLN B 64 -22.39 -1.98 47.63
CA GLN B 64 -23.49 -1.39 46.87
C GLN B 64 -24.19 -0.28 47.61
N ASP B 65 -23.82 0.02 48.86
CA ASP B 65 -24.45 1.09 49.60
C ASP B 65 -23.70 2.40 49.48
N CYS B 66 -22.66 2.46 48.66
CA CYS B 66 -21.95 3.69 48.35
C CYS B 66 -22.42 4.31 47.04
N PHE B 67 -23.43 3.73 46.39
CA PHE B 67 -23.93 4.20 45.12
C PHE B 67 -25.44 4.33 45.18
N GLU B 68 -25.98 5.07 44.22
CA GLU B 68 -27.42 5.24 44.05
C GLU B 68 -28.10 5.72 45.33
N ARG B 69 -27.49 6.70 45.99
CA ARG B 69 -28.09 7.27 47.19
C ARG B 69 -29.21 8.22 46.79
N PRO B 70 -30.44 7.98 47.22
CA PRO B 70 -31.53 8.86 46.82
C PRO B 70 -31.63 10.09 47.71
N ILE B 71 -31.80 11.25 47.08
CA ILE B 71 -31.94 12.51 47.80
C ILE B 71 -33.34 13.05 47.56
N SER B 72 -33.78 13.91 48.46
CA SER B 72 -35.13 14.45 48.41
C SER B 72 -35.12 15.96 48.54
N SER B 73 -34.20 16.62 47.84
CA SER B 73 -34.08 18.07 47.87
C SER B 73 -33.39 18.51 46.60
N ALA B 74 -33.44 19.81 46.35
CA ALA B 74 -32.81 20.35 45.15
C ALA B 74 -31.30 20.14 45.20
N PRO B 75 -30.65 19.96 44.07
CA PRO B 75 -29.20 19.76 44.08
C PRO B 75 -28.47 21.03 44.45
N ASP B 76 -28.44 21.33 45.75
CA ASP B 76 -27.92 22.59 46.25
C ASP B 76 -26.66 22.33 47.03
N ALA B 77 -26.11 23.36 47.68
CA ALA B 77 -24.92 23.16 48.51
C ALA B 77 -25.20 22.23 49.69
N TRP B 78 -26.43 22.22 50.19
CA TRP B 78 -26.85 21.32 51.26
C TRP B 78 -28.13 20.63 50.80
N PHE B 79 -28.14 19.31 50.82
CA PHE B 79 -29.38 18.57 50.53
C PHE B 79 -29.65 17.52 51.60
N ASP B 80 -30.76 16.81 51.40
CA ASP B 80 -31.24 15.79 52.32
C ASP B 80 -31.05 14.42 51.68
N VAL B 81 -30.42 13.51 52.41
CA VAL B 81 -30.13 12.17 51.90
C VAL B 81 -31.01 11.18 52.64
N VAL B 82 -31.70 10.33 51.87
CA VAL B 82 -32.60 9.36 52.46
C VAL B 82 -31.81 8.15 52.93
N GLU B 83 -32.23 7.56 54.07
CA GLU B 83 -31.57 6.41 54.64
C GLU B 83 -32.23 5.12 54.16
N ARG B 84 -31.42 4.09 53.94
CA ARG B 84 -31.87 2.82 53.39
C ARG B 84 -31.46 1.68 54.32
N TYR B 85 -32.36 0.71 54.48
CA TYR B 85 -32.03 -0.51 55.22
C TYR B 85 -32.06 -1.71 54.27
N SER B 86 -31.68 -2.87 54.79
CA SER B 86 -31.65 -4.08 53.99
C SER B 86 -32.91 -4.92 54.16
N ASN B 87 -33.21 -5.35 55.39
CA ASN B 87 -34.43 -6.07 55.76
C ASN B 87 -34.42 -7.52 55.27
N ASP B 88 -33.47 -7.87 54.41
CA ASP B 88 -33.31 -9.27 54.00
C ASP B 88 -31.84 -9.65 53.84
N ASN B 89 -31.02 -9.24 54.79
CA ASN B 89 -29.58 -9.51 54.79
C ASN B 89 -28.90 -8.97 53.54
N ASN B 90 -29.09 -7.68 53.27
CA ASN B 90 -28.32 -6.96 52.26
C ASN B 90 -28.44 -7.56 50.87
N LYS B 91 -29.65 -7.57 50.32
CA LYS B 91 -29.84 -8.01 48.93
C LYS B 91 -30.62 -6.96 48.15
N THR B 92 -31.58 -6.30 48.80
CA THR B 92 -32.42 -5.28 48.16
C THR B 92 -32.64 -4.16 49.19
N LEU B 93 -31.92 -3.05 49.01
CA LEU B 93 -32.07 -1.93 49.92
C LEU B 93 -33.37 -1.19 49.65
N LYS B 94 -34.08 -0.82 50.71
CA LYS B 94 -35.31 -0.06 50.62
C LYS B 94 -35.16 1.24 51.40
N ARG B 95 -35.93 2.26 51.00
CA ARG B 95 -35.76 3.58 51.59
C ARG B 95 -36.72 3.80 52.74
N THR B 96 -36.24 4.48 53.78
CA THR B 96 -37.02 4.82 54.95
C THR B 96 -37.67 6.19 54.77
N THR B 97 -38.19 6.75 55.86
CA THR B 97 -38.59 8.15 55.90
C THR B 97 -37.50 9.04 56.50
N LYS B 98 -36.58 8.49 57.28
CA LYS B 98 -35.52 9.30 57.88
C LYS B 98 -34.63 9.92 56.81
N THR B 99 -34.13 11.12 57.09
CA THR B 99 -33.25 11.85 56.20
C THR B 99 -32.06 12.39 56.98
N SER B 100 -31.14 13.01 56.27
CA SER B 100 -29.97 13.66 56.85
C SER B 100 -29.86 15.06 56.25
N ARG B 101 -28.73 15.72 56.51
CA ARG B 101 -28.44 17.03 55.92
C ARG B 101 -26.93 17.10 55.73
N CYS B 102 -26.47 16.76 54.53
CA CYS B 102 -25.05 16.65 54.25
C CYS B 102 -24.59 17.81 53.37
N LEU B 103 -23.27 17.90 53.22
CA LEU B 103 -22.66 18.91 52.37
C LEU B 103 -22.48 18.30 50.98
N ASN B 104 -23.08 18.96 49.99
CA ASN B 104 -23.03 18.49 48.61
C ASN B 104 -21.65 18.69 47.97
N LEU B 105 -20.97 17.59 47.73
CA LEU B 105 -19.66 17.62 47.10
C LEU B 105 -19.59 16.59 45.99
N GLY B 106 -20.75 16.10 45.56
CA GLY B 106 -20.81 15.09 44.52
C GLY B 106 -21.73 15.41 43.35
N SER B 107 -22.19 16.65 43.26
CA SER B 107 -23.07 17.05 42.16
C SER B 107 -22.25 17.69 41.04
N TYR B 108 -22.84 18.60 40.28
CA TYR B 108 -22.08 19.22 39.20
C TYR B 108 -22.34 20.70 38.99
N ASN B 109 -23.41 21.23 39.57
CA ASN B 109 -23.73 22.65 39.39
C ASN B 109 -22.57 23.55 39.81
N TYR B 110 -21.70 23.88 38.86
CA TYR B 110 -20.56 24.73 39.13
C TYR B 110 -20.96 26.15 39.49
N LEU B 111 -21.70 26.79 38.60
CA LEU B 111 -22.13 28.17 38.81
C LEU B 111 -23.33 28.33 39.74
N GLY B 112 -23.78 27.25 40.37
CA GLY B 112 -24.91 27.38 41.26
C GLY B 112 -26.21 27.75 40.56
N PHE B 113 -26.47 27.14 39.42
CA PHE B 113 -27.72 27.37 38.70
C PHE B 113 -28.77 26.31 38.98
N GLY B 114 -28.40 25.18 39.56
CA GLY B 114 -29.37 24.14 39.88
C GLY B 114 -30.11 24.43 41.17
N SER B 115 -30.78 25.58 41.22
CA SER B 115 -31.44 26.01 42.44
C SER B 115 -32.64 26.89 42.10
N PHE B 116 -33.11 27.66 43.08
CA PHE B 116 -34.16 28.65 42.84
C PHE B 116 -33.48 30.03 42.90
N ASP B 117 -33.15 30.58 41.74
CA ASP B 117 -32.63 31.93 41.67
C ASP B 117 -33.65 32.85 41.00
N GLU B 118 -33.63 34.12 41.42
CA GLU B 118 -34.72 35.02 41.08
C GLU B 118 -34.48 35.81 39.80
N TYR B 119 -34.03 35.15 38.74
CA TYR B 119 -34.12 35.74 37.42
C TYR B 119 -34.53 34.71 36.40
N CYS B 120 -34.28 33.44 36.70
CA CYS B 120 -34.52 32.34 35.77
C CYS B 120 -35.79 31.59 36.06
N THR B 121 -36.00 31.19 37.31
CA THR B 121 -37.19 30.40 37.64
C THR B 121 -38.49 31.15 37.37
N PRO B 122 -38.65 32.43 37.73
CA PRO B 122 -39.88 33.13 37.34
C PRO B 122 -40.09 33.19 35.84
N ARG B 123 -39.03 33.28 35.04
CA ARG B 123 -39.21 33.29 33.59
C ARG B 123 -39.56 31.91 33.06
N VAL B 124 -38.92 30.86 33.58
CA VAL B 124 -39.22 29.50 33.15
C VAL B 124 -40.64 29.09 33.51
N ILE B 125 -41.11 29.40 34.72
CA ILE B 125 -42.49 29.10 35.07
C ILE B 125 -43.48 29.80 34.15
N GLU B 126 -43.21 31.04 33.75
CA GLU B 126 -44.07 31.71 32.79
C GLU B 126 -43.99 31.09 31.41
N SER B 127 -42.82 30.63 30.98
CA SER B 127 -42.68 29.94 29.70
C SER B 127 -43.20 28.51 29.75
N LEU B 128 -43.55 28.00 30.92
CA LEU B 128 -44.25 26.74 31.05
C LEU B 128 -45.73 26.84 30.81
N LYS B 129 -46.43 27.65 31.61
CA LYS B 129 -47.88 27.76 31.53
C LYS B 129 -48.35 28.39 30.24
N LYS B 130 -47.44 28.70 29.33
CA LYS B 130 -47.79 29.16 28.00
C LYS B 130 -47.41 28.16 26.93
N PHE B 131 -46.70 27.09 27.27
CA PHE B 131 -46.24 26.14 26.27
C PHE B 131 -46.39 24.67 26.64
N SER B 132 -46.83 24.39 27.86
CA SER B 132 -47.07 23.03 28.34
C SER B 132 -45.93 22.05 28.11
N ALA B 133 -45.05 21.93 29.09
CA ALA B 133 -43.92 21.01 29.04
C ALA B 133 -43.15 21.07 27.72
N SER B 134 -43.47 20.15 26.82
CA SER B 134 -42.81 20.09 25.53
C SER B 134 -43.76 19.63 24.43
N THR B 135 -43.40 19.94 23.19
CA THR B 135 -44.20 19.54 22.05
C THR B 135 -44.00 18.05 21.82
N CYS B 136 -45.01 17.39 21.26
CA CYS B 136 -44.92 15.96 21.02
C CYS B 136 -44.42 15.61 19.62
N SER B 137 -43.98 16.61 18.88
CA SER B 137 -43.48 16.38 17.54
C SER B 137 -41.98 16.64 17.49
N SER B 138 -41.36 16.28 16.38
CA SER B 138 -39.95 16.57 16.18
C SER B 138 -39.77 18.00 15.70
N ARG B 139 -38.53 18.38 15.44
CA ARG B 139 -38.24 19.77 15.13
C ARG B 139 -38.50 20.13 13.68
N VAL B 140 -38.52 19.15 12.78
CA VAL B 140 -38.77 19.44 11.37
C VAL B 140 -40.26 19.39 11.01
N ASP B 141 -41.14 19.09 11.96
CA ASP B 141 -42.57 19.06 11.69
C ASP B 141 -43.35 20.11 12.47
N ALA B 142 -43.35 20.04 13.80
CA ALA B 142 -44.09 21.04 14.58
C ALA B 142 -43.41 21.38 15.90
N GLY B 143 -42.15 21.00 16.09
CA GLY B 143 -41.53 21.19 17.38
C GLY B 143 -40.54 22.34 17.43
N THR B 144 -40.57 23.22 16.45
CA THR B 144 -39.71 24.39 16.40
C THR B 144 -40.52 25.59 16.88
N THR B 145 -40.67 25.72 18.19
CA THR B 145 -41.37 26.87 18.72
C THR B 145 -40.51 28.12 18.55
N SER B 146 -41.02 29.26 19.02
CA SER B 146 -40.23 30.48 18.98
C SER B 146 -39.04 30.39 19.93
N VAL B 147 -39.25 29.82 21.13
CA VAL B 147 -38.17 29.63 22.09
C VAL B 147 -37.04 28.79 21.54
N HIS B 148 -37.32 27.83 20.67
CA HIS B 148 -36.27 27.04 20.06
C HIS B 148 -35.48 27.82 19.01
N ALA B 149 -36.08 28.84 18.42
CA ALA B 149 -35.37 29.68 17.46
C ALA B 149 -34.59 30.80 18.12
N GLU B 150 -35.07 31.30 19.25
CA GLU B 150 -34.35 32.30 20.01
C GLU B 150 -33.14 31.73 20.73
N LEU B 151 -33.20 30.49 21.20
CA LEU B 151 -32.10 29.84 21.88
C LEU B 151 -30.93 29.49 20.97
N GLU B 152 -31.17 29.18 19.71
CA GLU B 152 -30.08 28.86 18.81
C GLU B 152 -29.31 30.10 18.37
N GLU B 153 -29.79 31.29 18.74
CA GLU B 153 -29.03 32.52 18.56
C GLU B 153 -28.16 32.85 19.76
N CYS B 154 -28.67 32.65 20.98
CA CYS B 154 -27.87 32.86 22.17
C CYS B 154 -26.65 31.96 22.19
N VAL B 155 -26.80 30.70 21.79
CA VAL B 155 -25.67 29.79 21.75
C VAL B 155 -24.63 30.22 20.72
N THR B 156 -25.05 30.68 19.55
CA THR B 156 -24.09 31.17 18.57
C THR B 156 -23.37 32.42 19.07
N ARG B 157 -24.09 33.33 19.73
CA ARG B 157 -23.45 34.51 20.29
C ARG B 157 -22.46 34.15 21.38
N PHE B 158 -22.80 33.19 22.23
CA PHE B 158 -21.93 32.79 23.34
C PHE B 158 -20.70 32.05 22.84
N VAL B 159 -20.91 30.92 22.17
CA VAL B 159 -19.79 30.06 21.79
C VAL B 159 -18.84 30.79 20.86
N GLY B 160 -19.40 31.49 19.86
CA GLY B 160 -18.63 32.35 18.97
C GLY B 160 -18.66 31.92 17.51
N LYS B 161 -19.00 30.67 17.25
CA LYS B 161 -18.99 30.17 15.88
C LYS B 161 -20.27 30.54 15.15
N PRO B 162 -20.27 30.51 13.81
CA PRO B 162 -21.40 31.07 13.05
C PRO B 162 -22.76 30.45 13.33
N ALA B 163 -22.87 29.14 13.53
CA ALA B 163 -24.19 28.53 13.70
C ALA B 163 -24.09 27.34 14.64
N ALA B 164 -25.23 26.98 15.23
CA ALA B 164 -25.27 25.92 16.23
C ALA B 164 -26.61 25.18 16.16
N VAL B 165 -26.60 23.93 16.59
CA VAL B 165 -27.79 23.08 16.67
C VAL B 165 -27.87 22.57 18.09
N VAL B 166 -29.08 22.54 18.67
CA VAL B 166 -29.26 22.06 20.03
C VAL B 166 -30.16 20.84 20.02
N PHE B 167 -29.72 19.78 20.69
CA PHE B 167 -30.42 18.52 20.84
C PHE B 167 -31.03 18.42 22.24
N GLY B 168 -31.53 17.24 22.57
CA GLY B 168 -32.16 17.05 23.86
C GLY B 168 -31.46 16.06 24.76
N MET B 169 -30.33 15.50 24.33
CA MET B 169 -29.58 14.61 25.19
C MET B 169 -28.10 14.76 24.90
N GLY B 170 -27.29 14.79 25.94
CA GLY B 170 -25.85 14.97 25.79
C GLY B 170 -25.14 13.71 25.38
N TYR B 171 -25.80 12.57 25.48
CA TYR B 171 -25.23 11.30 25.04
C TYR B 171 -25.57 10.99 23.59
N ALA B 172 -26.75 11.39 23.13
CA ALA B 172 -27.13 11.26 21.72
C ALA B 172 -26.46 12.29 20.84
N THR B 173 -25.83 13.30 21.43
CA THR B 173 -25.10 14.32 20.70
C THR B 173 -23.76 13.81 20.19
N ASN B 174 -23.41 12.58 20.51
CA ASN B 174 -22.16 12.02 20.02
C ASN B 174 -22.33 10.71 19.28
N SER B 175 -23.42 9.98 19.47
CA SER B 175 -23.64 8.73 18.77
C SER B 175 -24.41 8.89 17.48
N ALA B 176 -25.13 10.00 17.31
CA ALA B 176 -25.93 10.24 16.12
C ALA B 176 -25.30 11.26 15.18
N ILE B 177 -24.12 11.78 15.50
CA ILE B 177 -23.47 12.77 14.64
C ILE B 177 -22.18 12.23 14.04
N ILE B 178 -21.36 11.55 14.84
CA ILE B 178 -20.13 10.98 14.29
C ILE B 178 -20.40 10.07 13.11
N PRO B 179 -21.46 9.25 13.09
CA PRO B 179 -21.76 8.49 11.87
C PRO B 179 -21.99 9.36 10.65
N VAL B 180 -22.52 10.57 10.82
CA VAL B 180 -22.79 11.44 9.68
C VAL B 180 -21.50 11.98 9.09
N LEU B 181 -20.59 12.49 9.92
CA LEU B 181 -19.42 13.17 9.40
C LEU B 181 -18.41 12.19 8.80
N ILE B 182 -18.24 11.02 9.41
CA ILE B 182 -17.28 10.06 8.91
C ILE B 182 -17.98 8.72 8.72
N GLY B 183 -17.43 7.90 7.84
CA GLY B 183 -18.02 6.62 7.54
C GLY B 183 -16.99 5.54 7.38
N LYS B 184 -17.18 4.65 6.41
CA LYS B 184 -16.22 3.59 6.17
C LYS B 184 -15.06 4.13 5.34
N GLY B 185 -13.86 3.67 5.65
CA GLY B 185 -12.67 4.19 5.01
C GLY B 185 -12.02 5.35 5.72
N GLY B 186 -12.69 5.97 6.68
CA GLY B 186 -12.12 7.06 7.45
C GLY B 186 -11.30 6.53 8.61
N LEU B 187 -10.69 7.46 9.34
CA LEU B 187 -9.90 7.15 10.52
C LEU B 187 -10.28 8.12 11.62
N ILE B 188 -10.15 7.66 12.87
CA ILE B 188 -10.46 8.46 14.05
C ILE B 188 -9.33 8.21 15.05
N ILE B 189 -8.41 9.16 15.19
CA ILE B 189 -7.40 9.07 16.22
C ILE B 189 -7.99 9.72 17.47
N SER B 190 -8.52 8.91 18.36
CA SER B 190 -9.12 9.41 19.59
C SER B 190 -8.08 9.47 20.69
N ASP B 191 -8.44 10.17 21.75
CA ASP B 191 -7.63 10.15 22.96
C ASP B 191 -8.03 8.95 23.81
N SER B 192 -7.08 8.44 24.58
CA SER B 192 -7.33 7.24 25.38
C SER B 192 -8.55 7.44 26.27
N LEU B 193 -8.57 8.54 27.03
CA LEU B 193 -9.59 8.77 28.04
C LEU B 193 -10.70 9.62 27.43
N ASN B 194 -11.46 9.01 26.54
CA ASN B 194 -12.65 9.66 26.00
C ASN B 194 -13.90 8.99 26.56
N HIS B 195 -14.98 9.77 26.59
CA HIS B 195 -16.24 9.31 27.15
C HIS B 195 -16.75 8.10 26.39
N SER B 196 -17.73 7.42 26.99
CA SER B 196 -18.33 6.26 26.34
C SER B 196 -19.13 6.66 25.12
N SER B 197 -19.73 7.85 25.14
CA SER B 197 -20.54 8.28 24.02
C SER B 197 -19.69 8.44 22.76
N ILE B 198 -18.48 8.98 22.89
CA ILE B 198 -17.63 9.18 21.73
C ILE B 198 -17.22 7.85 21.11
N VAL B 199 -16.86 6.86 21.92
CA VAL B 199 -16.45 5.58 21.35
C VAL B 199 -17.65 4.84 20.77
N ASN B 200 -18.82 4.93 21.41
CA ASN B 200 -20.00 4.31 20.83
C ASN B 200 -20.38 4.95 19.50
N GLY B 201 -20.26 6.28 19.40
CA GLY B 201 -20.52 6.94 18.14
C GLY B 201 -19.56 6.50 17.05
N ALA B 202 -18.28 6.36 17.38
CA ALA B 202 -17.33 5.87 16.41
C ALA B 202 -17.62 4.44 15.99
N ARG B 203 -18.14 3.61 16.89
CA ARG B 203 -18.54 2.26 16.53
C ARG B 203 -19.79 2.21 15.68
N GLY B 204 -20.70 3.17 15.85
CA GLY B 204 -21.93 3.15 15.08
C GLY B 204 -21.72 3.37 13.59
N SER B 205 -20.60 4.00 13.22
CA SER B 205 -20.21 4.12 11.83
C SER B 205 -19.31 2.95 11.46
N GLY B 206 -18.66 3.02 10.30
CA GLY B 206 -17.76 1.95 9.92
C GLY B 206 -16.30 2.33 10.03
N ALA B 207 -16.02 3.46 10.66
CA ALA B 207 -14.67 3.99 10.68
C ALA B 207 -13.75 3.15 11.54
N THR B 208 -12.46 3.30 11.31
CA THR B 208 -11.44 2.64 12.12
C THR B 208 -10.99 3.58 13.22
N ILE B 209 -10.67 3.03 14.38
CA ILE B 209 -10.28 3.82 15.55
C ILE B 209 -8.88 3.41 15.98
N ARG B 210 -7.98 4.39 16.06
CA ARG B 210 -6.71 4.25 16.73
C ARG B 210 -6.74 5.12 17.98
N VAL B 211 -5.72 4.97 18.81
CA VAL B 211 -5.66 5.71 20.08
C VAL B 211 -4.26 6.24 20.26
N PHE B 212 -4.14 7.53 20.54
CA PHE B 212 -2.85 8.12 20.86
C PHE B 212 -2.78 8.43 22.35
N GLN B 213 -1.56 8.53 22.86
CA GLN B 213 -1.34 8.59 24.30
C GLN B 213 -1.92 9.86 24.89
N HIS B 214 -2.58 9.70 26.03
CA HIS B 214 -3.38 10.76 26.64
C HIS B 214 -2.57 12.01 26.88
N ASN B 215 -2.96 13.10 26.21
CA ASN B 215 -2.45 14.43 26.48
C ASN B 215 -0.93 14.50 26.29
N THR B 216 -0.48 14.05 25.13
CA THR B 216 0.90 14.29 24.70
C THR B 216 0.96 14.33 23.18
N PRO B 217 1.45 15.43 22.60
CA PRO B 217 1.43 15.58 21.13
C PRO B 217 2.57 14.88 20.43
N SER B 218 3.72 14.69 21.09
CA SER B 218 4.82 13.99 20.46
C SER B 218 4.44 12.57 20.10
N HIS B 219 3.41 12.03 20.74
CA HIS B 219 2.88 10.72 20.37
C HIS B 219 1.77 10.83 19.34
N LEU B 220 1.04 11.95 19.29
CA LEU B 220 0.06 12.16 18.25
C LEU B 220 0.70 12.31 16.88
N GLU B 221 1.86 12.97 16.80
CA GLU B 221 2.56 13.07 15.53
C GLU B 221 3.02 11.72 15.01
N ARG B 222 3.60 10.89 15.88
CA ARG B 222 4.11 9.60 15.46
C ARG B 222 3.03 8.62 15.04
N VAL B 223 1.79 8.82 15.48
CA VAL B 223 0.70 7.99 15.00
C VAL B 223 0.17 8.46 13.65
N LEU B 224 0.02 9.77 13.45
CA LEU B 224 -0.38 10.27 12.15
C LEU B 224 0.62 9.95 11.06
N ARG B 225 1.91 10.05 11.35
CA ARG B 225 2.91 9.71 10.35
C ARG B 225 2.76 8.26 9.89
N GLU B 226 2.69 7.33 10.84
CA GLU B 226 2.55 5.92 10.48
C GLU B 226 1.25 5.66 9.73
N GLN B 227 0.15 6.25 10.19
CA GLN B 227 -1.13 5.91 9.60
C GLN B 227 -1.28 6.51 8.21
N ILE B 228 -0.64 7.64 7.93
CA ILE B 228 -0.67 8.18 6.57
C ILE B 228 0.36 7.50 5.67
N ALA B 229 1.44 6.96 6.24
CA ALA B 229 2.42 6.22 5.47
C ALA B 229 2.03 4.77 5.22
N GLU B 230 0.99 4.27 5.88
CA GLU B 230 0.58 2.88 5.70
C GLU B 230 -0.79 2.68 5.10
N GLY B 231 -1.59 3.73 4.94
CA GLY B 231 -2.90 3.57 4.32
C GLY B 231 -3.81 2.63 5.10
N GLN B 232 -4.88 2.21 4.41
CA GLN B 232 -5.86 1.26 4.90
C GLN B 232 -5.14 0.03 5.46
N PRO B 233 -5.74 -0.72 6.36
CA PRO B 233 -4.98 -1.77 7.07
C PRO B 233 -4.58 -2.96 6.19
N ARG B 234 -5.36 -3.27 5.16
CA ARG B 234 -5.04 -4.44 4.35
C ARG B 234 -4.82 -4.08 2.88
N THR B 235 -5.73 -3.30 2.31
CA THR B 235 -5.61 -2.86 0.92
C THR B 235 -5.17 -1.40 0.91
N HIS B 236 -3.87 -1.19 0.74
CA HIS B 236 -3.29 0.09 1.13
C HIS B 236 -3.76 1.22 0.22
N ARG B 237 -5.04 1.53 0.31
CA ARG B 237 -5.69 2.64 -0.37
C ARG B 237 -5.28 3.93 0.35
N PRO B 238 -5.77 5.10 -0.05
CA PRO B 238 -5.56 6.28 0.80
C PRO B 238 -6.63 6.37 1.87
N TRP B 239 -6.29 6.91 3.04
CA TRP B 239 -7.32 7.23 4.01
C TRP B 239 -8.22 8.32 3.46
N LYS B 240 -9.51 8.06 3.44
CA LYS B 240 -10.45 9.04 2.91
C LYS B 240 -10.52 10.30 3.76
N LYS B 241 -10.42 10.16 5.08
CA LYS B 241 -10.47 11.28 6.02
C LYS B 241 -9.63 10.91 7.23
N ILE B 242 -9.30 11.92 8.02
CA ILE B 242 -8.76 11.73 9.37
C ILE B 242 -9.38 12.77 10.28
N ILE B 243 -9.89 12.33 11.42
CA ILE B 243 -10.49 13.21 12.42
C ILE B 243 -9.79 12.94 13.75
N VAL B 244 -9.48 14.00 14.48
CA VAL B 244 -8.83 13.89 15.78
C VAL B 244 -9.79 14.41 16.84
N VAL B 245 -10.08 13.57 17.84
CA VAL B 245 -11.04 13.91 18.87
C VAL B 245 -10.28 14.13 20.17
N VAL B 246 -10.48 15.29 20.78
CA VAL B 246 -9.86 15.64 22.06
C VAL B 246 -10.92 16.28 22.94
N GLU B 247 -10.59 16.44 24.22
CA GLU B 247 -11.51 16.98 25.21
C GLU B 247 -10.92 18.20 25.87
N GLY B 248 -11.77 19.13 26.28
CA GLY B 248 -11.32 20.33 26.93
C GLY B 248 -10.61 20.03 28.24
N ILE B 249 -11.36 19.54 29.22
CA ILE B 249 -10.81 19.15 30.51
C ILE B 249 -11.08 17.66 30.66
N TYR B 250 -10.02 16.88 30.81
CA TYR B 250 -10.18 15.43 30.91
C TYR B 250 -10.64 15.03 32.29
N SER B 251 -11.95 14.93 32.51
CA SER B 251 -12.45 14.62 33.83
C SER B 251 -11.91 13.28 34.31
N MET B 252 -11.89 13.13 35.62
CA MET B 252 -11.31 11.95 36.29
C MET B 252 -9.80 11.91 36.06
N GLU B 253 -9.27 12.99 35.50
CA GLU B 253 -7.83 13.25 35.51
C GLU B 253 -7.60 14.72 35.81
N GLY B 254 -8.64 15.53 35.65
CA GLY B 254 -8.64 16.95 35.96
C GLY B 254 -7.70 17.85 35.18
N GLU B 255 -7.18 17.40 34.04
CA GLU B 255 -6.14 18.14 33.32
C GLU B 255 -6.75 18.93 32.16
N ILE B 256 -6.26 20.15 31.96
CA ILE B 256 -6.60 20.92 30.77
C ILE B 256 -5.78 20.43 29.59
N CYS B 257 -6.42 20.30 28.44
CA CYS B 257 -5.75 19.79 27.25
C CYS B 257 -4.72 20.76 26.72
N HIS B 258 -3.76 20.24 25.98
CA HIS B 258 -2.70 21.04 25.35
C HIS B 258 -3.12 21.43 23.93
N LEU B 259 -4.14 22.26 23.85
CA LEU B 259 -4.79 22.55 22.59
C LEU B 259 -3.90 23.25 21.57
N PRO B 260 -3.13 24.27 21.95
CA PRO B 260 -2.28 24.93 20.94
C PRO B 260 -1.27 24.01 20.27
N GLU B 261 -0.73 23.04 21.00
CA GLU B 261 0.22 22.11 20.41
C GLU B 261 -0.46 20.97 19.65
N VAL B 262 -1.77 20.84 19.76
CA VAL B 262 -2.49 19.79 19.04
C VAL B 262 -3.01 20.36 17.72
N VAL B 263 -3.59 21.56 17.77
CA VAL B 263 -4.06 22.19 16.55
C VAL B 263 -2.94 22.43 15.55
N ALA B 264 -1.75 22.81 16.02
CA ALA B 264 -0.62 23.05 15.15
C ALA B 264 -0.20 21.80 14.39
N ILE B 265 -0.27 20.63 15.01
CA ILE B 265 0.10 19.39 14.33
C ILE B 265 -1.02 18.87 13.44
N CYS B 266 -2.28 19.14 13.78
CA CYS B 266 -3.38 18.77 12.91
C CYS B 266 -3.42 19.61 11.64
N LYS B 267 -3.00 20.88 11.72
CA LYS B 267 -2.91 21.68 10.51
C LYS B 267 -1.87 21.13 9.55
N LYS B 268 -0.74 20.69 10.08
CA LYS B 268 0.38 20.27 9.23
C LYS B 268 0.00 19.10 8.35
N TYR B 269 -0.70 18.12 8.91
CA TYR B 269 -1.07 16.91 8.19
C TYR B 269 -2.48 16.96 7.65
N LYS B 270 -3.13 18.12 7.71
CA LYS B 270 -4.44 18.36 7.10
C LYS B 270 -5.50 17.44 7.69
N ALA B 271 -5.35 17.10 8.96
CA ALA B 271 -6.37 16.39 9.71
C ALA B 271 -7.35 17.40 10.30
N TYR B 272 -8.52 16.91 10.70
CA TYR B 272 -9.53 17.76 11.30
C TYR B 272 -9.48 17.65 12.81
N VAL B 273 -10.18 18.56 13.48
CA VAL B 273 -10.18 18.62 14.94
C VAL B 273 -11.62 18.63 15.43
N TYR B 274 -11.91 17.77 16.40
CA TYR B 274 -13.23 17.65 17.01
C TYR B 274 -13.08 17.91 18.50
N LEU B 275 -13.50 19.08 18.96
CA LEU B 275 -13.38 19.44 20.36
C LEU B 275 -14.60 18.98 21.14
N ASP B 276 -14.43 18.82 22.44
CA ASP B 276 -15.46 18.29 23.34
C ASP B 276 -15.42 19.11 24.63
N GLU B 277 -16.21 20.17 24.69
CA GLU B 277 -16.23 21.06 25.85
C GLU B 277 -17.38 20.70 26.79
N ALA B 278 -17.40 19.46 27.25
CA ALA B 278 -18.46 19.07 28.18
C ALA B 278 -18.25 19.66 29.56
N HIS B 279 -17.02 19.59 30.08
CA HIS B 279 -16.72 20.01 31.45
C HIS B 279 -16.23 21.44 31.56
N SER B 280 -16.04 22.13 30.43
CA SER B 280 -15.30 23.38 30.42
C SER B 280 -15.99 24.41 29.56
N ILE B 281 -17.29 24.62 29.75
CA ILE B 281 -18.01 25.62 28.97
C ILE B 281 -18.65 26.70 29.83
N GLY B 282 -18.66 26.54 31.14
CA GLY B 282 -19.05 27.64 32.01
C GLY B 282 -18.05 27.78 33.13
N ALA B 283 -17.16 26.80 33.24
CA ALA B 283 -16.25 26.74 34.37
C ALA B 283 -15.02 27.61 34.15
N ILE B 284 -14.21 27.28 33.15
CA ILE B 284 -12.93 27.94 32.96
C ILE B 284 -13.07 29.05 31.94
N GLY B 285 -12.20 30.02 32.02
CA GLY B 285 -12.26 31.21 31.20
C GLY B 285 -12.64 32.43 32.02
N LYS B 286 -12.12 33.59 31.61
CA LYS B 286 -12.42 34.81 32.35
C LYS B 286 -13.84 35.27 32.08
N THR B 287 -14.44 34.83 31.00
CA THR B 287 -15.83 35.17 30.67
C THR B 287 -16.70 33.92 30.66
N GLY B 288 -16.10 32.74 30.79
CA GLY B 288 -16.84 31.51 30.72
C GLY B 288 -16.99 30.93 29.34
N LYS B 289 -16.13 31.33 28.41
CA LYS B 289 -16.24 30.87 27.04
C LYS B 289 -15.47 29.59 26.77
N GLY B 290 -14.85 29.00 27.79
CA GLY B 290 -14.27 27.69 27.66
C GLY B 290 -12.77 27.72 27.47
N ILE B 291 -12.24 26.58 27.03
CA ILE B 291 -10.80 26.43 26.86
C ILE B 291 -10.26 27.29 25.72
N CYS B 292 -11.04 27.51 24.67
CA CYS B 292 -10.56 28.30 23.54
C CYS B 292 -10.35 29.76 23.92
N GLU B 293 -10.86 30.19 25.06
CA GLU B 293 -10.59 31.53 25.56
C GLU B 293 -9.51 31.55 26.63
N LEU B 294 -9.49 30.55 27.51
CA LEU B 294 -8.46 30.49 28.54
C LEU B 294 -7.07 30.30 27.92
N LEU B 295 -6.96 29.43 26.92
CA LEU B 295 -5.67 29.16 26.32
C LEU B 295 -5.32 30.08 25.17
N GLY B 296 -6.22 30.98 24.78
CA GLY B 296 -5.92 31.90 23.70
C GLY B 296 -5.64 31.20 22.38
N VAL B 297 -6.66 30.57 21.81
CA VAL B 297 -6.55 29.92 20.51
C VAL B 297 -7.71 30.41 19.65
N ASP B 298 -7.42 30.66 18.38
CA ASP B 298 -8.46 31.15 17.48
C ASP B 298 -9.52 30.08 17.28
N THR B 299 -10.78 30.46 17.50
CA THR B 299 -11.86 29.49 17.50
C THR B 299 -12.17 28.94 16.12
N ALA B 300 -11.58 29.47 15.07
CA ALA B 300 -11.81 28.99 13.71
C ALA B 300 -10.80 27.94 13.30
N ASP B 301 -9.89 27.55 14.17
CA ASP B 301 -8.98 26.45 13.88
C ASP B 301 -9.57 25.09 14.19
N VAL B 302 -10.66 25.03 14.93
CA VAL B 302 -11.35 23.79 15.26
C VAL B 302 -12.60 23.70 14.40
N ASP B 303 -12.88 22.50 13.90
CA ASP B 303 -13.92 22.35 12.90
C ASP B 303 -15.28 22.13 13.54
N VAL B 304 -15.36 21.29 14.56
CA VAL B 304 -16.60 20.99 15.25
C VAL B 304 -16.37 21.19 16.74
N MET B 305 -17.38 21.69 17.45
CA MET B 305 -17.28 21.88 18.88
C MET B 305 -18.54 21.38 19.55
N MET B 306 -18.43 20.31 20.31
CA MET B 306 -19.56 19.71 21.03
C MET B 306 -19.55 20.19 22.47
N GLY B 307 -20.73 20.31 23.05
CA GLY B 307 -20.86 20.81 24.40
C GLY B 307 -21.97 20.13 25.15
N THR B 308 -22.36 20.67 26.30
CA THR B 308 -23.42 20.09 27.10
C THR B 308 -23.82 21.09 28.17
N PHE B 309 -25.12 21.25 28.38
CA PHE B 309 -25.61 22.19 29.37
C PHE B 309 -25.90 21.56 30.71
N THR B 310 -25.63 20.28 30.89
CA THR B 310 -26.01 19.62 32.13
C THR B 310 -25.22 20.12 33.33
N1 LLP B 311 -20.54 13.85 27.10
C2 LLP B 311 -19.37 14.07 27.78
C2' LLP B 311 -18.07 14.12 27.03
C3 LLP B 311 -19.37 14.25 29.15
O3 LLP B 311 -18.18 14.46 29.79
C4 LLP B 311 -20.56 14.21 29.87
C4' LLP B 311 -20.65 15.02 31.13
C5 LLP B 311 -21.73 13.98 29.17
C6 LLP B 311 -21.73 13.81 27.79
C5' LLP B 311 -23.04 13.94 29.93
OP4 LLP B 311 -24.09 13.62 29.07
P LLP B 311 -25.58 13.96 29.55
OP1 LLP B 311 -25.96 15.34 29.09
OP2 LLP B 311 -26.55 12.94 29.00
OP3 LLP B 311 -25.59 13.92 31.05
N LLP B 311 -23.93 20.36 33.14
CA LLP B 311 -23.03 20.60 34.27
CB LLP B 311 -21.63 20.13 33.91
CG LLP B 311 -21.60 18.66 33.59
CD LLP B 311 -20.24 18.17 33.18
CE LLP B 311 -20.26 16.66 32.99
NZ LLP B 311 -21.07 16.20 31.83
C LLP B 311 -23.02 22.05 34.73
O LLP B 311 -23.14 22.31 35.94
N SER B 312 -22.91 23.01 33.82
CA SER B 312 -22.77 24.41 34.21
C SER B 312 -24.09 25.16 34.26
N PHE B 313 -24.96 25.01 33.25
CA PHE B 313 -26.16 25.82 33.13
C PHE B 313 -27.37 25.21 33.83
N GLY B 314 -27.24 24.04 34.42
CA GLY B 314 -28.34 23.46 35.17
C GLY B 314 -29.56 23.11 34.35
N SER B 315 -29.37 22.46 33.21
CA SER B 315 -30.48 22.04 32.36
C SER B 315 -29.96 21.06 31.32
N CYS B 316 -30.76 20.05 30.99
CA CYS B 316 -30.34 19.03 30.04
C CYS B 316 -30.17 19.61 28.65
N GLY B 317 -29.35 18.96 27.84
CA GLY B 317 -29.24 19.35 26.44
C GLY B 317 -27.84 19.13 25.92
N GLY B 318 -27.63 19.56 24.69
CA GLY B 318 -26.34 19.48 24.03
C GLY B 318 -26.35 20.43 22.85
N TYR B 319 -25.19 20.59 22.21
CA TYR B 319 -25.11 21.45 21.05
C TYR B 319 -23.92 21.06 20.19
N ILE B 320 -23.94 21.55 18.95
CA ILE B 320 -22.82 21.45 18.03
C ILE B 320 -22.73 22.75 17.25
N ALA B 321 -21.54 23.32 17.15
CA ALA B 321 -21.35 24.62 16.51
C ALA B 321 -20.27 24.52 15.44
N GLY B 322 -20.45 25.24 14.35
CA GLY B 322 -19.50 25.18 13.27
C GLY B 322 -19.91 26.07 12.11
N SER B 323 -19.30 25.81 10.96
CA SER B 323 -19.55 26.61 9.77
C SER B 323 -20.99 26.47 9.30
N LYS B 324 -21.50 27.53 8.67
CA LYS B 324 -22.93 27.61 8.39
C LYS B 324 -23.41 26.53 7.43
N GLU B 325 -22.51 25.92 6.67
CA GLU B 325 -22.91 24.79 5.85
C GLU B 325 -22.89 23.47 6.61
N LEU B 326 -22.05 23.33 7.64
CA LEU B 326 -22.10 22.14 8.48
C LEU B 326 -23.46 22.01 9.16
N ILE B 327 -23.95 23.11 9.71
CA ILE B 327 -25.24 23.09 10.39
C ILE B 327 -26.36 22.81 9.40
N GLN B 328 -26.25 23.33 8.18
CA GLN B 328 -27.27 23.09 7.18
C GLN B 328 -27.27 21.64 6.74
N TYR B 329 -26.10 21.01 6.70
CA TYR B 329 -26.03 19.59 6.39
C TYR B 329 -26.62 18.75 7.51
N LEU B 330 -26.28 19.07 8.76
CA LEU B 330 -26.77 18.28 9.87
C LEU B 330 -28.28 18.43 10.04
N LYS B 331 -28.81 19.62 9.82
CA LYS B 331 -30.25 19.81 9.98
C LYS B 331 -31.03 19.05 8.91
N HIS B 332 -30.34 18.53 7.90
CA HIS B 332 -30.99 17.83 6.81
C HIS B 332 -30.66 16.34 6.78
N GLN B 333 -29.60 15.90 7.46
CA GLN B 333 -29.23 14.49 7.45
C GLN B 333 -28.86 13.90 8.81
N CYS B 334 -29.23 14.54 9.92
CA CYS B 334 -28.89 13.97 11.22
C CYS B 334 -30.10 13.25 11.81
N PRO B 335 -29.99 11.96 12.10
CA PRO B 335 -31.15 11.22 12.62
C PRO B 335 -31.69 11.76 13.92
N ALA B 336 -30.83 12.25 14.81
CA ALA B 336 -31.28 12.82 16.07
C ALA B 336 -32.11 14.08 15.89
N HIS B 337 -31.90 14.82 14.80
CA HIS B 337 -32.68 16.01 14.50
C HIS B 337 -33.99 15.69 13.81
N LEU B 338 -34.03 14.64 12.98
CA LEU B 338 -35.21 14.28 12.24
C LEU B 338 -36.20 13.44 13.03
N TYR B 339 -35.73 12.42 13.75
CA TYR B 339 -36.63 11.45 14.36
C TYR B 339 -36.94 11.71 15.83
N ALA B 340 -36.18 12.55 16.50
CA ALA B 340 -36.30 12.67 17.95
C ALA B 340 -37.09 13.92 18.35
N THR B 341 -37.85 13.78 19.43
CA THR B 341 -38.67 14.87 19.94
C THR B 341 -37.80 16.05 20.35
N SER B 342 -38.33 17.25 20.12
CA SER B 342 -37.60 18.48 20.39
C SER B 342 -37.32 18.63 21.87
N ILE B 343 -36.27 19.41 22.18
CA ILE B 343 -35.92 19.69 23.58
C ILE B 343 -37.05 20.47 24.23
N PRO B 344 -37.46 20.14 25.45
CA PRO B 344 -38.63 20.80 26.04
C PRO B 344 -38.45 22.30 26.13
N THR B 345 -39.56 23.00 26.31
CA THR B 345 -39.51 24.47 26.27
C THR B 345 -39.05 25.09 27.57
N PRO B 346 -39.56 24.72 28.75
CA PRO B 346 -38.97 25.24 29.99
C PRO B 346 -37.54 24.80 30.21
N SER B 347 -37.06 23.78 29.51
CA SER B 347 -35.67 23.39 29.61
C SER B 347 -34.79 24.10 28.59
N ALA B 348 -35.38 24.93 27.74
CA ALA B 348 -34.62 25.81 26.87
C ALA B 348 -34.65 27.25 27.35
N GLN B 349 -35.78 27.69 27.91
CA GLN B 349 -35.81 28.98 28.54
C GLN B 349 -34.78 29.10 29.66
N GLN B 350 -34.47 28.01 30.33
CA GLN B 350 -33.55 28.08 31.46
C GLN B 350 -32.10 28.08 31.01
N ILE B 351 -31.83 27.79 29.74
CA ILE B 351 -30.52 28.03 29.16
C ILE B 351 -30.41 29.45 28.63
N ILE B 352 -31.48 29.95 28.02
CA ILE B 352 -31.47 31.35 27.56
C ILE B 352 -31.26 32.29 28.73
N SER B 353 -32.04 32.10 29.80
CA SER B 353 -31.96 33.02 30.92
C SER B 353 -30.75 32.78 31.79
N ALA B 354 -29.96 31.74 31.52
CA ALA B 354 -28.69 31.58 32.20
C ALA B 354 -27.55 32.21 31.41
N ILE B 355 -27.58 32.07 30.08
CA ILE B 355 -26.59 32.76 29.27
C ILE B 355 -26.75 34.27 29.41
N LYS B 356 -27.99 34.76 29.55
CA LYS B 356 -28.14 36.19 29.80
C LYS B 356 -27.48 36.62 31.10
N VAL B 357 -27.62 35.83 32.17
CA VAL B 357 -26.96 36.18 33.42
C VAL B 357 -25.45 36.17 33.27
N ILE B 358 -24.90 35.14 32.62
CA ILE B 358 -23.45 35.05 32.49
C ILE B 358 -22.91 36.22 31.68
N LEU B 359 -23.59 36.59 30.59
CA LEU B 359 -23.11 37.71 29.79
C LEU B 359 -23.40 39.06 30.42
N GLY B 360 -24.09 39.11 31.55
CA GLY B 360 -24.37 40.37 32.21
C GLY B 360 -25.47 41.19 31.60
N GLU B 361 -26.36 40.58 30.82
CA GLU B 361 -27.48 41.29 30.21
C GLU B 361 -28.75 41.20 31.04
N ASP B 362 -28.65 40.85 32.31
CA ASP B 362 -29.80 40.76 33.18
C ASP B 362 -30.04 42.02 34.00
N GLY B 363 -29.21 43.04 33.83
CA GLY B 363 -29.26 44.25 34.63
C GLY B 363 -28.33 44.23 35.82
N SER B 364 -28.33 43.14 36.59
CA SER B 364 -27.46 43.02 37.75
C SER B 364 -26.03 42.75 37.29
N ASN B 365 -25.15 42.45 38.25
CA ASN B 365 -23.75 42.18 37.93
C ASN B 365 -23.26 40.90 38.58
N ARG B 366 -24.18 40.05 39.03
CA ARG B 366 -23.79 38.79 39.66
C ARG B 366 -23.47 37.70 38.66
N GLY B 367 -23.18 38.08 37.42
CA GLY B 367 -22.69 37.13 36.45
C GLY B 367 -21.18 37.03 36.50
N ALA B 368 -20.54 38.02 37.13
CA ALA B 368 -19.10 37.97 37.35
C ALA B 368 -18.74 37.52 38.76
N GLN B 369 -19.63 37.72 39.73
CA GLN B 369 -19.40 37.18 41.05
C GLN B 369 -19.31 35.65 41.02
N LYS B 370 -20.20 35.00 40.27
CA LYS B 370 -20.13 33.56 40.11
C LYS B 370 -18.82 33.13 39.46
N LEU B 371 -18.43 33.81 38.38
CA LEU B 371 -17.22 33.44 37.67
C LEU B 371 -15.96 33.68 38.49
N ALA B 372 -15.99 34.60 39.45
CA ALA B 372 -14.83 34.80 40.31
C ALA B 372 -14.83 33.88 41.51
N ARG B 373 -16.00 33.59 42.06
CA ARG B 373 -16.09 32.73 43.23
C ARG B 373 -15.93 31.26 42.88
N ILE B 374 -16.19 30.85 41.63
CA ILE B 374 -15.85 29.49 41.22
C ILE B 374 -14.34 29.28 41.14
N ARG B 375 -13.56 30.35 40.96
CA ARG B 375 -12.13 30.23 40.90
C ARG B 375 -11.45 30.41 42.24
N GLU B 376 -11.89 31.38 43.04
CA GLU B 376 -11.28 31.58 44.36
C GLU B 376 -11.64 30.47 45.33
N ASN B 377 -12.57 29.58 44.98
CA ASN B 377 -12.86 28.40 45.78
C ASN B 377 -12.05 27.19 45.36
N SER B 378 -11.95 26.94 44.07
CA SER B 378 -11.12 25.86 43.56
C SER B 378 -9.64 26.06 43.85
N ASN B 379 -9.10 27.26 43.63
CA ASN B 379 -7.70 27.49 43.93
C ASN B 379 -7.39 27.39 45.41
N PHE B 380 -8.40 27.55 46.27
CA PHE B 380 -8.18 27.40 47.70
C PHE B 380 -8.24 25.95 48.11
N PHE B 381 -9.27 25.22 47.67
CA PHE B 381 -9.42 23.83 48.06
C PHE B 381 -8.25 22.99 47.57
N ARG B 382 -7.88 23.16 46.30
CA ARG B 382 -6.78 22.39 45.75
C ARG B 382 -5.46 22.69 46.41
N ALA B 383 -5.19 23.97 46.70
CA ALA B 383 -3.98 24.33 47.42
C ALA B 383 -3.94 23.76 48.83
N GLU B 384 -5.05 23.79 49.55
CA GLU B 384 -5.09 23.23 50.90
C GLU B 384 -4.94 21.73 50.92
N LEU B 385 -5.46 21.01 49.92
CA LEU B 385 -5.30 19.56 49.93
C LEU B 385 -3.86 19.13 49.69
N GLN B 386 -3.12 19.86 48.85
CA GLN B 386 -1.74 19.50 48.58
C GLN B 386 -0.87 19.71 49.81
N LYS B 387 -1.16 20.74 50.60
CA LYS B 387 -0.34 21.01 51.78
C LYS B 387 -0.46 19.94 52.85
N MET B 388 -1.57 19.20 52.88
CA MET B 388 -1.74 18.14 53.88
C MET B 388 -1.18 16.82 53.43
N GLY B 389 -0.66 16.72 52.21
CA GLY B 389 0.00 15.52 51.76
C GLY B 389 -0.83 14.59 50.90
N PHE B 390 -2.07 14.93 50.61
CA PHE B 390 -2.88 14.11 49.72
C PHE B 390 -2.28 14.10 48.32
N GLU B 391 -2.80 13.24 47.48
CA GLU B 391 -2.43 13.19 46.07
C GLU B 391 -3.65 13.61 45.25
N VAL B 392 -3.66 14.86 44.80
CA VAL B 392 -4.73 15.40 43.98
C VAL B 392 -4.18 15.69 42.60
N LEU B 393 -4.97 15.40 41.57
CA LEU B 393 -4.55 15.63 40.19
C LEU B 393 -5.18 16.89 39.62
N GLY B 394 -4.87 17.18 38.36
CA GLY B 394 -5.41 18.35 37.69
C GLY B 394 -4.56 19.59 37.89
N ASP B 395 -4.90 20.65 37.16
CA ASP B 395 -4.16 21.90 37.24
C ASP B 395 -4.77 22.83 38.29
N ASN B 396 -4.47 24.12 38.17
CA ASN B 396 -4.98 25.10 39.12
C ASN B 396 -6.32 25.72 38.69
N ASP B 397 -6.65 25.57 37.42
CA ASP B 397 -7.89 26.12 36.89
C ASP B 397 -8.84 25.02 36.42
N SER B 398 -9.44 24.31 37.37
CA SER B 398 -10.38 23.24 37.07
C SER B 398 -11.21 22.95 38.31
N PRO B 399 -12.53 22.83 38.13
CA PRO B 399 -13.48 22.56 39.22
C PRO B 399 -13.40 21.15 39.80
N VAL B 400 -12.80 20.22 39.07
CA VAL B 400 -12.69 18.84 39.54
C VAL B 400 -11.28 18.50 40.03
N MET B 401 -11.19 17.75 41.12
CA MET B 401 -9.90 17.36 41.67
C MET B 401 -10.03 15.98 42.27
N PRO B 402 -9.69 14.94 41.51
CA PRO B 402 -9.75 13.58 42.07
C PRO B 402 -8.63 13.33 43.06
N ILE B 403 -8.97 12.63 44.13
CA ILE B 403 -8.01 12.18 45.15
C ILE B 403 -7.79 10.70 44.96
N MET B 404 -6.53 10.30 44.79
CA MET B 404 -6.24 8.90 44.51
C MET B 404 -6.24 8.08 45.80
N LEU B 405 -6.79 6.87 45.71
CA LEU B 405 -6.88 5.95 46.85
C LEU B 405 -6.09 4.67 46.65
N TYR B 406 -6.12 4.10 45.45
CA TYR B 406 -5.29 2.97 45.02
C TYR B 406 -5.67 1.63 45.62
N ASN B 407 -6.56 1.59 46.61
CA ASN B 407 -6.87 0.33 47.27
C ASN B 407 -8.37 0.05 47.18
N PRO B 408 -8.77 -1.13 46.73
CA PRO B 408 -10.20 -1.41 46.61
C PRO B 408 -10.95 -1.34 47.93
N ALA B 409 -10.29 -1.61 49.05
CA ALA B 409 -10.99 -1.61 50.32
C ALA B 409 -11.14 -0.22 50.91
N LYS B 410 -10.41 0.77 50.38
CA LYS B 410 -10.52 2.13 50.88
C LYS B 410 -11.69 2.88 50.29
N ILE B 411 -12.30 2.35 49.23
CA ILE B 411 -13.45 2.97 48.58
C ILE B 411 -14.65 2.99 49.52
N PRO B 412 -15.05 1.88 50.14
CA PRO B 412 -16.14 1.95 51.12
C PRO B 412 -15.75 2.52 52.46
N ALA B 413 -14.45 2.64 52.75
CA ALA B 413 -13.98 3.21 53.99
C ALA B 413 -13.94 4.72 53.98
N PHE B 414 -13.51 5.32 52.88
CA PHE B 414 -13.47 6.76 52.75
C PHE B 414 -14.84 7.38 52.58
N SER B 415 -15.80 6.64 52.03
CA SER B 415 -17.13 7.15 51.78
C SER B 415 -18.07 7.00 52.97
N ARG B 416 -18.05 5.84 53.63
CA ARG B 416 -18.94 5.61 54.75
C ARG B 416 -18.61 6.53 55.92
N GLU B 417 -17.33 6.79 56.17
CA GLU B 417 -16.96 7.71 57.23
C GLU B 417 -17.42 9.12 56.91
N CYS B 418 -17.14 9.58 55.69
CA CYS B 418 -17.51 10.95 55.32
C CYS B 418 -19.02 11.15 55.40
N LEU B 419 -19.80 10.17 54.94
CA LEU B 419 -21.25 10.33 55.05
C LEU B 419 -21.69 10.37 56.49
N ARG B 420 -21.06 9.58 57.36
CA ARG B 420 -21.39 9.62 58.78
C ARG B 420 -21.07 10.95 59.41
N GLN B 421 -20.05 11.66 58.92
CA GLN B 421 -19.71 12.98 59.43
C GLN B 421 -20.32 14.10 58.59
N LYS B 422 -21.39 13.82 57.84
CA LYS B 422 -22.16 14.84 57.13
C LYS B 422 -21.37 15.48 55.99
N VAL B 423 -20.71 14.65 55.19
CA VAL B 423 -20.09 15.07 53.93
C VAL B 423 -20.33 13.99 52.90
N ALA B 424 -20.75 14.36 51.70
CA ALA B 424 -21.09 13.41 50.65
C ALA B 424 -20.11 13.54 49.50
N VAL B 425 -19.51 12.42 49.09
CA VAL B 425 -18.52 12.38 48.03
C VAL B 425 -18.86 11.24 47.07
N VAL B 426 -18.01 11.09 46.05
CA VAL B 426 -18.20 10.10 44.99
C VAL B 426 -16.91 9.30 44.84
N VAL B 427 -17.04 7.98 44.68
CA VAL B 427 -15.90 7.09 44.53
C VAL B 427 -16.13 6.21 43.30
N VAL B 428 -15.03 5.82 42.66
CA VAL B 428 -15.09 5.06 41.42
C VAL B 428 -14.20 3.84 41.53
N GLY B 429 -14.71 2.69 41.11
CA GLY B 429 -14.06 1.41 41.37
C GLY B 429 -13.26 0.82 40.23
N PHE B 430 -13.10 -0.51 40.23
CA PHE B 430 -12.28 -1.18 39.21
C PHE B 430 -13.00 -1.37 37.88
N PRO B 431 -14.18 -2.00 37.82
CA PRO B 431 -14.74 -2.32 36.50
C PRO B 431 -14.82 -1.11 35.58
N ALA B 432 -14.92 0.09 36.14
CA ALA B 432 -15.02 1.30 35.34
C ALA B 432 -13.66 1.90 35.03
N THR B 433 -12.73 1.81 35.97
CA THR B 433 -11.43 2.49 35.89
C THR B 433 -10.36 1.43 35.59
N PRO B 434 -9.10 1.78 35.37
CA PRO B 434 -8.06 0.76 35.44
C PRO B 434 -7.99 0.13 36.82
N LEU B 435 -7.36 -1.05 36.87
CA LEU B 435 -7.30 -1.83 38.10
C LEU B 435 -6.62 -1.06 39.22
N LEU B 436 -5.48 -0.45 38.93
CA LEU B 436 -4.66 0.12 39.99
C LEU B 436 -5.15 1.47 40.47
N LEU B 437 -6.02 2.14 39.72
CA LEU B 437 -6.34 3.54 39.97
C LEU B 437 -7.78 3.68 40.43
N ALA B 438 -8.02 3.59 41.72
CA ALA B 438 -9.30 3.92 42.30
C ALA B 438 -9.19 5.28 42.94
N ARG B 439 -10.23 6.10 42.81
CA ARG B 439 -10.12 7.50 43.19
C ARG B 439 -11.45 7.98 43.76
N ALA B 440 -11.43 9.19 44.30
CA ALA B 440 -12.61 9.90 44.74
C ALA B 440 -12.66 11.22 44.01
N ARG B 441 -13.85 11.64 43.60
CA ARG B 441 -14.00 12.84 42.80
C ARG B 441 -14.68 13.92 43.62
N ILE B 442 -14.04 15.08 43.72
CA ILE B 442 -14.53 16.21 44.51
C ILE B 442 -14.94 17.30 43.54
N CYS B 443 -16.18 17.78 43.65
CA CYS B 443 -16.69 18.84 42.80
C CYS B 443 -16.97 20.07 43.65
N ILE B 444 -16.35 21.19 43.29
CA ILE B 444 -16.48 22.43 44.02
C ILE B 444 -17.29 23.41 43.17
N SER B 445 -18.31 24.01 43.75
CA SER B 445 -19.20 24.90 43.04
C SER B 445 -18.97 26.33 43.49
N ALA B 446 -19.72 27.25 42.89
CA ALA B 446 -19.69 28.65 43.27
C ALA B 446 -20.76 29.02 44.27
N SER B 447 -21.47 28.03 44.80
CA SER B 447 -22.46 28.27 45.84
C SER B 447 -21.97 27.86 47.22
N HIS B 448 -20.82 27.19 47.31
CA HIS B 448 -20.23 26.90 48.61
C HIS B 448 -19.64 28.17 49.20
N SER B 449 -19.83 28.35 50.50
CA SER B 449 -19.20 29.46 51.20
C SER B 449 -17.85 29.02 51.76
N ARG B 450 -17.06 29.99 52.21
CA ARG B 450 -15.78 29.68 52.83
C ARG B 450 -15.93 28.91 54.13
N GLU B 451 -16.95 29.22 54.92
CA GLU B 451 -17.21 28.48 56.14
C GLU B 451 -17.49 27.01 55.89
N ASP B 452 -18.01 26.66 54.71
CA ASP B 452 -18.28 25.27 54.39
C ASP B 452 -17.02 24.53 53.96
N LEU B 453 -16.19 25.15 53.13
CA LEU B 453 -14.95 24.50 52.73
C LEU B 453 -14.01 24.33 53.92
N ILE B 454 -13.98 25.31 54.82
CA ILE B 454 -13.14 25.19 56.00
C ILE B 454 -13.56 24.00 56.86
N ARG B 455 -14.87 23.84 57.05
CA ARG B 455 -15.41 22.76 57.86
C ARG B 455 -15.29 21.41 57.19
N ALA B 456 -15.40 21.36 55.86
CA ALA B 456 -15.25 20.14 55.10
C ALA B 456 -13.81 19.68 54.95
N LEU B 457 -12.84 20.58 55.00
CA LEU B 457 -11.45 20.17 54.95
C LEU B 457 -10.98 19.46 56.22
N LYS B 458 -11.47 19.86 57.40
CA LYS B 458 -11.11 19.16 58.61
C LYS B 458 -11.79 17.81 58.76
N VAL B 459 -12.97 17.63 58.18
CA VAL B 459 -13.59 16.31 58.13
C VAL B 459 -12.82 15.37 57.22
N ILE B 460 -12.33 15.85 56.07
CA ILE B 460 -11.51 15.04 55.19
C ILE B 460 -10.13 14.76 55.77
N SER B 461 -9.49 15.73 56.40
CA SER B 461 -8.17 15.52 56.98
C SER B 461 -8.17 14.50 58.10
N LYS B 462 -9.26 14.41 58.85
CA LYS B 462 -9.37 13.40 59.90
C LYS B 462 -9.70 12.02 59.38
N VAL B 463 -10.51 11.92 58.34
CA VAL B 463 -10.77 10.63 57.71
C VAL B 463 -9.54 10.09 56.99
N GLY B 464 -8.75 10.96 56.37
CA GLY B 464 -7.56 10.53 55.67
C GLY B 464 -6.43 10.04 56.55
N ASP B 465 -6.48 10.29 57.86
CA ASP B 465 -5.50 9.68 58.75
C ASP B 465 -5.80 8.20 58.96
N LEU B 466 -7.06 7.85 59.18
CA LEU B 466 -7.42 6.47 59.45
C LEU B 466 -7.07 5.57 58.27
N SER B 467 -7.52 5.94 57.07
CA SER B 467 -7.22 5.14 55.90
C SER B 467 -5.79 5.29 55.44
N GLY B 468 -5.07 6.30 55.91
CA GLY B 468 -3.70 6.48 55.53
C GLY B 468 -3.51 6.78 54.06
N ILE B 469 -4.29 7.71 53.53
CA ILE B 469 -4.22 8.06 52.11
C ILE B 469 -3.43 9.34 51.91
N LYS B 470 -2.62 9.73 52.90
CA LYS B 470 -1.70 10.85 52.74
C LYS B 470 -0.37 10.34 52.22
N TYR B 471 -0.37 9.96 50.96
CA TYR B 471 0.80 9.29 50.40
C TYR B 471 2.00 10.21 50.30
N PHE B 472 1.78 11.49 50.02
CA PHE B 472 2.86 12.46 49.92
C PHE B 472 3.16 13.03 51.30
N PRO B 473 4.34 13.62 51.49
CA PRO B 473 4.67 14.16 52.82
C PRO B 473 4.15 15.57 53.04
N ALA B 474 3.60 15.79 54.23
CA ALA B 474 3.16 17.11 54.64
C ALA B 474 4.35 17.92 55.10
N GLU B 475 4.10 19.08 55.71
CA GLU B 475 5.17 19.96 56.16
C GLU B 475 5.24 20.07 57.67
N MET C 1 6.70 6.26 55.71
CA MET C 1 6.67 4.82 55.48
C MET C 1 6.32 4.58 54.01
N ALA C 2 6.53 5.60 53.19
CA ALA C 2 6.25 5.50 51.75
C ALA C 2 7.37 6.17 50.97
N ASN C 3 8.01 5.40 50.08
CA ASN C 3 9.04 5.90 49.19
C ASN C 3 8.93 5.15 47.87
N LEU C 4 9.94 5.32 47.02
CA LEU C 4 10.05 4.63 45.74
C LEU C 4 8.84 4.91 44.85
N TYR C 5 8.69 6.18 44.49
CA TYR C 5 7.65 6.58 43.57
C TYR C 5 8.06 6.24 42.14
N VAL C 6 7.08 5.78 41.36
CA VAL C 6 7.30 5.39 39.97
C VAL C 6 6.26 6.09 39.11
N LYS C 7 6.70 6.69 38.01
CA LYS C 7 5.79 7.43 37.13
C LYS C 7 5.33 6.51 35.99
N ALA C 8 4.26 5.78 36.25
CA ALA C 8 3.73 4.84 35.29
C ALA C 8 3.17 5.54 34.07
N VAL C 9 3.43 4.97 32.91
CA VAL C 9 2.90 5.47 31.64
C VAL C 9 1.70 4.61 31.25
N PRO C 10 0.64 5.17 30.68
CA PRO C 10 -0.50 4.35 30.26
C PRO C 10 -0.29 3.76 28.88
N PRO C 11 -0.11 2.44 28.79
CA PRO C 11 -0.10 1.81 27.48
C PRO C 11 -1.53 1.64 26.98
N PRO C 12 -1.81 1.96 25.72
CA PRO C 12 -3.21 2.06 25.30
C PRO C 12 -3.97 0.76 25.47
N ASP C 13 -3.62 -0.24 24.66
CA ASP C 13 -4.01 -1.64 24.84
C ASP C 13 -5.52 -1.85 24.84
N MET C 14 -6.28 -0.76 25.01
CA MET C 14 -7.72 -0.69 24.81
C MET C 14 -8.45 -1.99 25.16
N ASN C 15 -8.11 -2.57 26.30
CA ASN C 15 -8.72 -3.84 26.68
C ASN C 15 -8.59 -4.00 28.19
N ARG C 16 -9.69 -3.84 28.92
CA ARG C 16 -9.66 -3.91 30.37
C ARG C 16 -9.05 -5.22 30.85
N ASN C 17 -9.27 -6.30 30.12
CA ASN C 17 -8.89 -7.63 30.57
C ASN C 17 -7.38 -7.73 30.75
N THR C 18 -6.62 -7.22 29.80
CA THR C 18 -5.18 -7.48 29.73
C THR C 18 -4.37 -6.19 29.61
N GLU C 19 -4.81 -5.11 30.24
CA GLU C 19 -4.00 -3.90 30.29
C GLU C 19 -3.38 -3.69 31.66
N TRP C 20 -3.92 -4.31 32.70
CA TRP C 20 -3.39 -4.19 34.05
C TRP C 20 -2.06 -4.90 34.19
N PHE C 21 -1.65 -5.68 33.20
CA PHE C 21 -0.44 -6.47 33.27
C PHE C 21 0.75 -5.70 32.71
N MET C 22 0.68 -4.37 32.79
CA MET C 22 1.77 -3.54 32.28
C MET C 22 2.23 -2.50 33.28
N TYR C 23 1.44 -2.27 34.32
CA TYR C 23 1.79 -1.30 35.35
C TYR C 23 2.89 -1.85 36.23
N PRO C 24 3.63 -0.99 36.93
CA PRO C 24 4.78 -1.46 37.72
C PRO C 24 4.33 -2.18 38.98
N GLY C 25 4.86 -3.37 39.20
CA GLY C 25 4.63 -4.08 40.44
C GLY C 25 4.01 -5.45 40.26
N VAL C 26 3.88 -5.90 39.01
CA VAL C 26 3.18 -7.16 38.77
C VAL C 26 4.08 -8.35 39.04
N TRP C 27 5.32 -8.31 38.54
CA TRP C 27 6.24 -9.42 38.72
C TRP C 27 6.54 -9.67 40.19
N THR C 28 6.75 -8.60 40.95
CA THR C 28 7.05 -8.74 42.36
C THR C 28 5.92 -9.42 43.11
N THR C 29 4.67 -9.02 42.83
CA THR C 29 3.54 -9.69 43.46
C THR C 29 3.38 -11.11 42.97
N TYR C 30 3.67 -11.35 41.71
CA TYR C 30 3.57 -12.69 41.14
C TYR C 30 4.44 -13.62 41.97
N MET C 31 5.69 -13.23 42.17
CA MET C 31 6.62 -14.03 42.95
C MET C 31 6.30 -14.07 44.44
N LEU C 32 5.84 -12.97 45.03
CA LEU C 32 5.53 -12.98 46.46
C LEU C 32 4.32 -13.81 46.81
N ILE C 33 3.37 -13.98 45.89
CA ILE C 33 2.28 -14.91 46.13
C ILE C 33 2.78 -16.34 46.16
N LEU C 34 3.67 -16.72 45.24
CA LEU C 34 4.26 -18.05 45.26
C LEU C 34 5.08 -18.30 46.51
N PHE C 35 5.89 -17.33 46.94
CA PHE C 35 6.69 -17.50 48.14
C PHE C 35 5.85 -17.47 49.41
N PHE C 36 4.69 -16.84 49.38
CA PHE C 36 3.73 -16.85 50.49
C PHE C 36 2.99 -18.17 50.60
N GLY C 37 2.55 -18.73 49.48
CA GLY C 37 1.92 -20.04 49.51
C GLY C 37 2.85 -21.12 50.03
N TRP C 38 4.13 -21.05 49.65
CA TRP C 38 5.10 -22.04 50.09
C TRP C 38 5.21 -22.07 51.60
N LEU C 39 5.32 -20.89 52.23
CA LEU C 39 5.38 -20.84 53.68
C LEU C 39 4.05 -21.23 54.33
N VAL C 40 2.92 -20.88 53.75
CA VAL C 40 1.67 -21.20 54.42
C VAL C 40 1.35 -22.70 54.33
N VAL C 41 1.86 -23.39 53.30
CA VAL C 41 1.59 -24.83 53.22
C VAL C 41 2.27 -25.58 54.36
N LEU C 42 3.52 -25.26 54.65
CA LEU C 42 4.31 -26.00 55.63
C LEU C 42 4.19 -25.39 57.02
N SER C 43 3.05 -24.73 57.25
CA SER C 43 2.74 -24.21 58.57
C SER C 43 1.43 -24.80 59.07
N VAL C 44 0.48 -24.99 58.15
CA VAL C 44 -0.77 -25.61 58.52
C VAL C 44 -0.60 -27.11 58.69
N SER C 45 0.42 -27.69 58.06
CA SER C 45 0.74 -29.10 58.23
C SER C 45 2.26 -29.23 58.04
N GLY C 46 2.96 -29.48 59.14
CA GLY C 46 4.41 -29.59 59.08
C GLY C 46 4.87 -30.73 58.21
N CYS C 47 5.68 -30.43 57.20
CA CYS C 47 6.11 -31.42 56.23
C CYS C 47 7.52 -31.06 55.76
N SER C 48 7.93 -31.71 54.69
CA SER C 48 9.26 -31.50 54.12
C SER C 48 9.20 -30.39 53.08
N PRO C 49 10.24 -29.57 52.96
CA PRO C 49 10.24 -28.50 51.97
C PRO C 49 10.01 -28.99 50.55
N GLY C 50 10.51 -30.18 50.22
CA GLY C 50 10.35 -30.69 48.88
C GLY C 50 8.89 -30.94 48.51
N MET C 51 8.17 -31.60 49.40
CA MET C 51 6.77 -31.87 49.15
C MET C 51 6.02 -30.54 49.01
N ALA C 52 6.25 -29.63 49.95
CA ALA C 52 5.61 -28.33 49.93
C ALA C 52 5.82 -27.57 48.64
N TRP C 53 7.06 -27.54 48.11
CA TRP C 53 7.25 -27.03 46.76
C TRP C 53 6.45 -27.82 45.74
N THR C 54 6.31 -29.13 45.93
CA THR C 54 5.46 -29.89 45.03
C THR C 54 4.00 -29.47 45.10
N VAL C 55 3.45 -29.26 46.30
CA VAL C 55 2.07 -28.81 46.41
C VAL C 55 1.88 -27.42 45.81
N VAL C 56 2.85 -26.53 46.01
CA VAL C 56 2.82 -25.24 45.32
C VAL C 56 2.83 -25.38 43.81
N ASN C 57 3.70 -26.21 43.25
CA ASN C 57 3.73 -26.37 41.80
C ASN C 57 2.46 -27.01 41.27
N LEU C 58 1.82 -27.89 42.04
CA LEU C 58 0.57 -28.50 41.59
C LEU C 58 -0.62 -27.56 41.68
N ALA C 59 -0.70 -26.73 42.73
CA ALA C 59 -1.76 -25.74 42.82
C ALA C 59 -1.61 -24.64 41.79
N HIS C 60 -0.39 -24.20 41.51
CA HIS C 60 -0.13 -23.22 40.48
C HIS C 60 -0.43 -23.75 39.09
N PHE C 61 -0.63 -25.06 38.93
CA PHE C 61 -1.00 -25.61 37.64
C PHE C 61 -2.47 -25.36 37.33
N VAL C 62 -3.36 -25.78 38.23
CA VAL C 62 -4.79 -25.66 37.97
C VAL C 62 -5.19 -24.20 37.85
N VAL C 63 -4.75 -23.38 38.80
CA VAL C 63 -5.11 -21.96 38.79
C VAL C 63 -4.66 -21.28 37.50
N THR C 64 -3.40 -21.45 37.11
CA THR C 64 -2.91 -20.82 35.91
C THR C 64 -3.50 -21.38 34.63
N TYR C 65 -3.67 -22.69 34.51
CA TYR C 65 -4.24 -23.24 33.28
C TYR C 65 -5.70 -22.87 33.11
N HIS C 66 -6.53 -23.06 34.13
CA HIS C 66 -7.93 -22.70 34.07
C HIS C 66 -8.17 -21.22 33.80
N SER C 67 -7.24 -20.36 34.15
CA SER C 67 -7.40 -18.92 33.99
C SER C 67 -6.83 -18.42 32.67
N PHE C 68 -5.68 -18.91 32.25
CA PHE C 68 -5.06 -18.36 31.06
C PHE C 68 -5.42 -19.12 29.80
N HIS C 69 -5.83 -20.38 29.89
CA HIS C 69 -5.98 -21.20 28.69
C HIS C 69 -7.33 -21.89 28.56
N TRP C 70 -8.12 -21.96 29.62
CA TRP C 70 -9.44 -22.60 29.53
C TRP C 70 -10.53 -21.58 29.28
N MET C 71 -10.59 -20.53 30.10
CA MET C 71 -11.66 -19.56 30.01
C MET C 71 -11.54 -18.72 28.75
N LYS C 72 -12.66 -18.46 28.11
CA LYS C 72 -12.73 -17.62 26.92
C LYS C 72 -13.70 -16.48 27.15
N GLY C 73 -13.41 -15.34 26.54
CA GLY C 73 -14.22 -14.16 26.73
C GLY C 73 -13.64 -13.22 27.77
N THR C 74 -14.41 -12.19 28.07
CA THR C 74 -14.08 -11.22 29.09
C THR C 74 -15.28 -11.06 30.03
N PRO C 75 -15.05 -10.72 31.29
CA PRO C 75 -16.17 -10.55 32.21
C PRO C 75 -16.78 -9.15 32.19
N PHE C 76 -16.45 -8.36 31.17
CA PHE C 76 -16.99 -7.02 31.01
C PHE C 76 -17.87 -6.99 29.77
N ALA C 77 -19.10 -6.55 29.94
CA ALA C 77 -20.09 -6.57 28.88
C ALA C 77 -20.02 -5.34 27.98
N ASP C 78 -19.02 -4.48 28.16
CA ASP C 78 -19.00 -3.21 27.44
C ASP C 78 -18.60 -3.39 25.99
N ASP C 79 -17.75 -4.38 25.73
CA ASP C 79 -17.24 -4.63 24.39
C ASP C 79 -18.11 -5.55 23.55
N GLN C 80 -19.32 -5.81 24.02
CA GLN C 80 -20.27 -6.67 23.30
C GLN C 80 -19.68 -8.00 22.84
N GLY C 81 -18.96 -8.67 23.75
CA GLY C 81 -18.34 -9.95 23.44
C GLY C 81 -17.55 -9.99 22.16
N ILE C 82 -16.60 -9.08 22.00
CA ILE C 82 -15.78 -9.05 20.80
C ILE C 82 -14.73 -10.16 20.83
N TYR C 83 -14.36 -10.58 22.03
CA TYR C 83 -13.37 -11.64 22.20
C TYR C 83 -14.02 -12.88 22.78
N ASN C 84 -14.81 -13.58 21.96
CA ASN C 84 -15.49 -14.78 22.41
C ASN C 84 -14.74 -16.05 22.00
N GLY C 85 -13.98 -15.96 20.93
CA GLY C 85 -13.23 -17.10 20.45
C GLY C 85 -11.76 -17.02 20.81
N LEU C 86 -11.46 -16.34 21.91
CA LEU C 86 -10.09 -16.18 22.36
C LEU C 86 -9.95 -16.37 23.86
N THR C 87 -8.79 -16.87 24.27
CA THR C 87 -8.50 -17.07 25.68
C THR C 87 -7.64 -15.92 26.19
N TRP C 88 -7.48 -15.86 27.51
CA TRP C 88 -6.72 -14.76 28.10
C TRP C 88 -5.31 -14.71 27.56
N TRP C 89 -4.71 -15.86 27.27
CA TRP C 89 -3.37 -15.87 26.71
C TRP C 89 -3.35 -15.23 25.32
N GLU C 90 -4.38 -15.49 24.53
CA GLU C 90 -4.40 -14.99 23.15
C GLU C 90 -4.74 -13.51 23.10
N GLN C 91 -5.48 -13.02 24.07
CA GLN C 91 -5.87 -11.61 24.06
C GLN C 91 -4.69 -10.70 24.40
N MET C 92 -3.68 -11.22 25.07
CA MET C 92 -2.59 -10.38 25.58
C MET C 92 -1.87 -9.68 24.44
N ASP C 93 -1.62 -8.39 24.63
CA ASP C 93 -0.74 -7.60 23.77
C ASP C 93 -1.27 -7.54 22.35
N ASN C 94 -2.59 -7.71 22.19
CA ASN C 94 -3.25 -7.66 20.90
C ASN C 94 -2.67 -8.70 19.95
N GLY C 95 -2.34 -9.88 20.47
CA GLY C 95 -1.85 -10.97 19.67
C GLY C 95 -0.37 -10.91 19.33
N GLN C 96 0.33 -9.86 19.76
CA GLN C 96 1.76 -9.75 19.52
C GLN C 96 2.49 -10.90 20.23
N GLN C 97 3.43 -11.51 19.53
CA GLN C 97 4.08 -12.73 20.01
C GLN C 97 5.50 -12.45 20.48
N LEU C 98 5.91 -13.21 21.50
CA LEU C 98 7.25 -13.11 22.07
C LEU C 98 7.58 -11.69 22.49
N THR C 99 6.79 -11.16 23.42
CA THR C 99 7.05 -9.88 24.02
C THR C 99 7.71 -10.06 25.38
N ARG C 100 8.02 -8.95 26.03
CA ARG C 100 8.65 -9.00 27.33
C ARG C 100 7.79 -9.74 28.34
N ASN C 101 6.49 -9.47 28.34
CA ASN C 101 5.60 -10.04 29.35
C ASN C 101 5.17 -11.47 29.04
N ARG C 102 5.21 -11.88 27.78
CA ARG C 102 4.95 -13.29 27.50
C ARG C 102 6.11 -14.19 27.89
N LYS C 103 7.35 -13.73 27.69
CA LYS C 103 8.49 -14.55 28.07
C LYS C 103 8.58 -14.74 29.58
N PHE C 104 8.27 -13.71 30.36
CA PHE C 104 8.21 -13.90 31.81
C PHE C 104 7.18 -14.93 32.24
N LEU C 105 6.00 -14.92 31.63
CA LEU C 105 4.99 -15.91 31.97
C LEU C 105 5.33 -17.30 31.46
N THR C 106 6.08 -17.41 30.37
CA THR C 106 6.57 -18.70 29.92
C THR C 106 7.66 -19.26 30.82
N LEU C 107 8.50 -18.39 31.39
CA LEU C 107 9.70 -18.79 32.12
C LEU C 107 9.40 -19.24 33.55
N VAL C 108 8.23 -18.94 34.08
CA VAL C 108 7.94 -19.23 35.49
C VAL C 108 7.60 -20.69 35.73
N PRO C 109 6.73 -21.34 34.95
CA PRO C 109 6.43 -22.75 35.23
C PRO C 109 7.64 -23.67 35.09
N VAL C 110 8.65 -23.28 34.34
CA VAL C 110 9.88 -24.05 34.22
C VAL C 110 10.75 -23.91 35.46
N VAL C 111 11.06 -22.66 35.86
CA VAL C 111 11.91 -22.42 37.01
C VAL C 111 11.26 -22.88 38.29
N LEU C 112 9.93 -22.85 38.37
CA LEU C 112 9.26 -23.36 39.54
C LEU C 112 9.29 -24.89 39.61
N TYR C 113 9.31 -25.55 38.46
CA TYR C 113 9.42 -27.01 38.40
C TYR C 113 10.83 -27.49 38.69
N LEU C 114 11.83 -26.73 38.26
CA LEU C 114 13.20 -27.05 38.63
C LEU C 114 13.39 -27.07 40.13
N ILE C 115 12.82 -26.09 40.84
CA ILE C 115 12.92 -26.05 42.29
C ILE C 115 12.19 -27.20 42.94
N ALA C 116 11.01 -27.55 42.45
CA ALA C 116 10.24 -28.65 43.02
C ALA C 116 10.83 -30.01 42.70
N SER C 117 11.73 -30.09 41.71
CA SER C 117 12.46 -31.33 41.46
C SER C 117 13.81 -31.41 42.17
N HIS C 118 14.61 -30.36 42.17
CA HIS C 118 15.94 -30.37 42.75
C HIS C 118 15.93 -30.54 44.27
N THR C 119 14.78 -30.34 44.92
CA THR C 119 14.68 -30.52 46.36
C THR C 119 13.85 -31.74 46.74
N THR C 120 13.45 -32.52 45.74
CA THR C 120 12.66 -33.72 45.99
C THR C 120 13.40 -34.96 45.53
N ASP C 121 14.67 -34.78 45.18
CA ASP C 121 15.54 -35.86 44.71
C ASP C 121 14.94 -36.65 43.54
N TYR C 122 14.37 -35.93 42.58
CA TYR C 122 13.75 -36.53 41.41
C TYR C 122 12.71 -37.63 41.66
N ARG C 123 13.18 -38.85 41.94
CA ARG C 123 12.32 -40.02 42.17
C ARG C 123 11.36 -40.30 41.02
N HIS C 124 10.16 -40.79 41.34
CA HIS C 124 9.16 -41.09 40.32
C HIS C 124 7.74 -40.79 40.77
N PRO C 125 7.50 -40.85 42.09
CA PRO C 125 6.17 -40.55 42.64
C PRO C 125 5.75 -39.11 42.35
N TRP C 126 6.70 -38.19 42.41
CA TRP C 126 6.42 -36.79 42.14
C TRP C 126 6.94 -36.35 40.78
N LEU C 127 8.06 -36.94 40.36
CA LEU C 127 8.65 -36.61 39.06
C LEU C 127 7.66 -36.79 37.92
N PHE C 128 6.97 -37.92 37.93
CA PHE C 128 5.99 -38.22 36.88
C PHE C 128 4.98 -37.09 36.72
N LEU C 129 4.42 -36.63 37.83
CA LEU C 129 3.44 -35.56 37.82
C LEU C 129 4.01 -34.21 37.40
N ASN C 130 4.97 -33.71 38.15
CA ASN C 130 5.56 -32.40 37.87
C ASN C 130 5.93 -32.28 36.41
N THR C 131 6.48 -33.35 35.83
CA THR C 131 6.85 -33.32 34.42
C THR C 131 5.62 -33.15 33.55
N LEU C 132 4.54 -33.88 33.85
CA LEU C 132 3.32 -33.74 33.07
C LEU C 132 2.79 -32.31 33.16
N ALA C 133 2.77 -31.73 34.36
CA ALA C 133 2.26 -30.38 34.54
C ALA C 133 3.06 -29.37 33.73
N VAL C 134 4.39 -29.37 33.91
CA VAL C 134 5.20 -28.38 33.23
C VAL C 134 5.14 -28.58 31.72
N MET C 135 5.03 -29.84 31.27
CA MET C 135 4.91 -30.09 29.85
C MET C 135 3.63 -29.48 29.29
N VAL C 136 2.51 -29.68 29.99
CA VAL C 136 1.25 -29.12 29.53
C VAL C 136 1.34 -27.60 29.46
N LEU C 137 1.90 -26.98 30.50
CA LEU C 137 2.02 -25.52 30.53
C LEU C 137 2.86 -25.02 29.37
N VAL C 138 4.03 -25.61 29.14
CA VAL C 138 4.91 -25.09 28.10
C VAL C 138 4.35 -25.33 26.72
N VAL C 139 3.72 -26.49 26.48
CA VAL C 139 3.11 -26.69 25.17
C VAL C 139 1.98 -25.70 24.91
N ALA C 140 1.14 -25.43 25.91
CA ALA C 140 0.02 -24.53 25.67
C ALA C 140 0.45 -23.11 25.31
N LYS C 141 1.66 -22.71 25.67
CA LYS C 141 2.13 -21.34 25.46
C LYS C 141 3.05 -21.21 24.24
N PHE C 142 3.04 -22.19 23.35
CA PHE C 142 3.90 -22.13 22.17
C PHE C 142 3.34 -21.12 21.16
N PRO C 143 4.21 -20.40 20.44
CA PRO C 143 3.71 -19.48 19.41
C PRO C 143 2.86 -20.16 18.34
N ASN C 144 3.17 -21.42 18.00
CA ASN C 144 2.43 -22.09 16.94
C ASN C 144 1.05 -22.53 17.40
N MET C 145 0.85 -22.60 18.72
CA MET C 145 -0.44 -23.02 19.26
C MET C 145 -1.36 -21.81 19.42
N HIS C 146 -1.51 -21.03 18.36
CA HIS C 146 -2.30 -19.79 18.40
C HIS C 146 -3.61 -20.03 17.65
N LYS C 147 -4.72 -19.94 18.39
CA LYS C 147 -6.06 -20.14 17.83
C LYS C 147 -6.23 -21.53 17.22
N VAL C 148 -5.53 -22.53 17.75
CA VAL C 148 -5.64 -23.90 17.28
C VAL C 148 -6.03 -24.77 18.48
N ARG C 149 -6.92 -25.73 18.24
CA ARG C 149 -7.44 -26.57 19.29
C ARG C 149 -6.98 -28.01 19.08
N ILE C 150 -7.43 -28.88 19.98
CA ILE C 150 -7.10 -30.30 19.96
C ILE C 150 -8.41 -31.06 19.80
N PHE C 151 -8.64 -31.58 18.59
CA PHE C 151 -9.83 -32.40 18.28
C PHE C 151 -11.11 -31.61 18.50
N GLY C 152 -10.99 -30.29 18.46
CA GLY C 152 -12.16 -29.43 18.62
C GLY C 152 -12.84 -29.55 19.96
N ILE C 153 -12.05 -29.64 21.04
CA ILE C 153 -12.58 -29.71 22.40
C ILE C 153 -12.43 -28.33 23.01
N ASN C 154 -13.56 -27.72 23.37
CA ASN C 154 -13.60 -26.32 23.81
C ASN C 154 -12.92 -25.42 22.79
N GLY C 155 -13.42 -25.48 21.56
CA GLY C 155 -12.81 -24.76 20.47
C GLY C 155 -13.73 -23.80 19.75
N ASP C 156 -15.04 -24.03 19.84
CA ASP C 156 -16.01 -23.18 19.17
C ASP C 156 -17.36 -23.26 19.87
N MET D 22 -10.77 5.67 69.55
CA MET D 22 -9.81 4.63 69.21
C MET D 22 -8.45 4.92 69.82
N ASN D 23 -7.75 3.85 70.22
CA ASN D 23 -6.38 3.96 70.71
C ASN D 23 -5.41 3.43 69.67
N TRP D 24 -4.12 3.41 70.02
CA TRP D 24 -3.08 3.13 69.04
C TRP D 24 -3.25 1.75 68.42
N VAL D 25 -3.45 0.72 69.25
CA VAL D 25 -3.62 -0.62 68.69
C VAL D 25 -4.91 -0.73 67.88
N GLN D 26 -6.00 -0.11 68.34
CA GLN D 26 -7.25 -0.17 67.60
C GLN D 26 -7.19 0.57 66.28
N ARG D 27 -6.45 1.67 66.20
CA ARG D 27 -6.24 2.36 64.95
C ARG D 27 -5.34 1.59 64.00
N LYS D 28 -4.27 0.98 64.52
CA LYS D 28 -3.37 0.24 63.64
C LYS D 28 -3.97 -1.05 63.14
N ILE D 29 -4.97 -1.61 63.84
CA ILE D 29 -5.70 -2.73 63.28
C ILE D 29 -6.59 -2.27 62.14
N TYR D 30 -7.29 -1.15 62.31
CA TYR D 30 -8.13 -0.62 61.25
C TYR D 30 -7.33 -0.32 59.99
N LEU D 31 -6.17 0.31 60.15
CA LEU D 31 -5.33 0.58 58.99
C LEU D 31 -4.90 -0.70 58.28
N TYR D 32 -4.82 -1.82 58.98
CA TYR D 32 -4.45 -3.10 58.39
C TYR D 32 -5.60 -3.75 57.64
N ASN D 33 -6.84 -3.57 58.11
CA ASN D 33 -7.97 -4.17 57.42
C ASN D 33 -8.15 -3.62 56.01
N VAL D 34 -8.00 -2.31 55.84
CA VAL D 34 -8.25 -1.71 54.53
C VAL D 34 -7.09 -1.90 53.57
N THR D 35 -5.87 -2.06 54.05
CA THR D 35 -4.75 -2.20 53.14
C THR D 35 -4.75 -3.53 52.39
N PHE D 36 -5.18 -4.62 53.03
CA PHE D 36 -5.17 -5.93 52.40
C PHE D 36 -6.57 -6.41 52.05
N GLY D 37 -7.54 -5.50 51.99
CA GLY D 37 -8.84 -5.83 51.43
C GLY D 37 -9.73 -6.69 52.30
N LEU D 38 -9.49 -6.70 53.60
CA LEU D 38 -10.32 -7.50 54.49
C LEU D 38 -11.50 -6.72 55.04
N TYR D 39 -11.59 -5.43 54.76
CA TYR D 39 -12.70 -4.63 55.24
C TYR D 39 -14.00 -4.96 54.51
N MET D 40 -13.90 -5.53 53.30
CA MET D 40 -15.06 -5.81 52.46
C MET D 40 -15.66 -7.19 52.71
N LEU D 41 -14.85 -8.14 53.15
CA LEU D 41 -15.32 -9.52 53.26
C LEU D 41 -16.27 -9.69 54.44
N ASP D 42 -17.00 -10.80 54.43
CA ASP D 42 -17.89 -11.14 55.53
C ASP D 42 -17.08 -11.66 56.71
N TRP D 43 -17.76 -11.84 57.85
CA TRP D 43 -17.09 -12.29 59.05
C TRP D 43 -16.45 -13.66 58.88
N TRP D 44 -17.11 -14.58 58.20
CA TRP D 44 -16.56 -15.92 58.05
C TRP D 44 -15.42 -15.99 57.05
N GLU D 45 -15.36 -15.08 56.09
CA GLU D 45 -14.19 -15.00 55.23
C GLU D 45 -13.00 -14.33 55.90
N ARG D 46 -13.26 -13.50 56.90
CA ARG D 46 -12.19 -12.80 57.59
C ARG D 46 -11.61 -13.64 58.73
N TYR D 47 -12.45 -14.36 59.47
CA TYR D 47 -11.95 -15.22 60.53
C TYR D 47 -11.23 -16.44 60.02
N LEU D 48 -11.39 -16.77 58.74
CA LEU D 48 -10.68 -17.88 58.14
C LEU D 48 -9.32 -17.47 57.60
N PHE D 49 -9.08 -16.19 57.43
CA PHE D 49 -7.80 -15.67 56.97
C PHE D 49 -6.95 -15.13 58.10
N ASN D 50 -7.56 -14.50 59.11
CA ASN D 50 -6.79 -14.02 60.25
C ASN D 50 -6.15 -15.19 61.00
N SER D 51 -6.90 -16.28 61.20
CA SER D 51 -6.34 -17.45 61.86
C SER D 51 -5.21 -18.05 61.05
N LEU D 52 -5.42 -18.17 59.74
CA LEU D 52 -4.42 -18.75 58.87
C LEU D 52 -3.16 -17.90 58.77
N VAL D 53 -3.25 -16.59 59.04
CA VAL D 53 -2.04 -15.79 59.06
C VAL D 53 -1.40 -15.72 60.45
N VAL D 54 -2.19 -15.89 61.51
CA VAL D 54 -1.62 -16.07 62.85
C VAL D 54 -0.79 -17.34 62.94
N VAL D 55 -1.29 -18.44 62.39
CA VAL D 55 -0.55 -19.69 62.38
C VAL D 55 0.81 -19.53 61.74
N LEU D 56 0.88 -18.83 60.62
CA LEU D 56 2.15 -18.59 59.93
C LEU D 56 3.10 -17.73 60.75
N MET D 57 2.62 -16.73 61.47
CA MET D 57 3.49 -15.91 62.30
C MET D 57 4.00 -16.65 63.52
N TRP D 58 3.23 -17.59 64.06
CA TRP D 58 3.73 -18.40 65.16
C TRP D 58 4.74 -19.45 64.72
N PHE D 59 4.47 -20.13 63.61
CA PHE D 59 5.39 -21.10 63.04
C PHE D 59 6.75 -20.51 62.70
N VAL D 60 6.78 -19.38 62.01
CA VAL D 60 8.05 -18.74 61.67
C VAL D 60 8.81 -18.36 62.93
N LEU D 61 8.13 -17.74 63.89
CA LEU D 61 8.76 -17.35 65.14
C LEU D 61 9.41 -18.55 65.82
N TYR D 62 8.60 -19.55 66.17
CA TYR D 62 9.09 -20.66 67.01
C TYR D 62 10.24 -21.40 66.33
N ASN D 63 10.11 -21.66 65.03
CA ASN D 63 11.17 -22.37 64.32
C ASN D 63 12.40 -21.51 64.13
N GLY D 64 12.28 -20.41 63.38
CA GLY D 64 13.44 -19.63 63.02
C GLY D 64 14.18 -19.02 64.20
N THR D 65 13.50 -18.89 65.35
CA THR D 65 14.14 -18.37 66.55
C THR D 65 15.18 -19.33 67.13
N ARG D 66 15.03 -20.63 66.89
CA ARG D 66 15.94 -21.61 67.46
C ARG D 66 16.42 -22.68 66.49
N TYR D 67 15.96 -22.70 65.25
CA TYR D 67 16.43 -23.69 64.28
C TYR D 67 17.77 -23.30 63.65
N PHE D 68 18.28 -22.12 63.93
CA PHE D 68 19.57 -21.69 63.42
C PHE D 68 20.65 -21.85 64.48
N GLY E 36 21.30 -39.17 35.77
CA GLY E 36 19.89 -38.91 35.55
C GLY E 36 19.37 -37.70 36.31
N HIS E 37 20.28 -36.80 36.67
CA HIS E 37 19.92 -35.61 37.44
C HIS E 37 20.45 -34.31 36.84
N PHE E 38 21.57 -34.33 36.13
CA PHE E 38 22.15 -33.10 35.59
C PHE E 38 21.93 -32.92 34.10
N PHE E 39 21.50 -33.95 33.38
CA PHE E 39 21.13 -33.76 31.99
C PHE E 39 19.95 -32.80 31.85
N VAL E 40 18.93 -32.96 32.68
CA VAL E 40 17.78 -32.06 32.67
C VAL E 40 18.16 -30.64 33.06
N GLU E 41 18.91 -30.48 34.15
CA GLU E 41 19.28 -29.14 34.60
C GLU E 41 20.27 -28.48 33.65
N GLY E 42 20.99 -29.27 32.85
CA GLY E 42 21.85 -28.68 31.85
C GLY E 42 21.16 -28.34 30.56
N LEU E 43 20.16 -29.13 30.17
CA LEU E 43 19.41 -28.87 28.95
C LEU E 43 18.41 -27.73 29.13
N LEU E 44 17.81 -27.60 30.32
CA LEU E 44 16.83 -26.55 30.52
C LEU E 44 17.46 -25.17 30.50
N GLY E 45 18.72 -25.06 30.92
CA GLY E 45 19.42 -23.80 30.78
C GLY E 45 19.62 -23.39 29.34
N VAL E 46 19.90 -24.39 28.50
CA VAL E 46 20.06 -24.15 27.07
C VAL E 46 18.72 -23.71 26.49
N VAL E 47 17.64 -24.36 26.93
CA VAL E 47 16.30 -24.04 26.46
C VAL E 47 15.91 -22.62 26.87
N ILE E 48 16.24 -22.25 28.11
CA ILE E 48 15.96 -20.89 28.59
C ILE E 48 16.66 -19.87 27.71
N ILE E 49 17.96 -20.05 27.51
CA ILE E 49 18.74 -19.11 26.71
C ILE E 49 18.20 -19.07 25.28
N ILE E 50 17.54 -20.14 24.84
CA ILE E 50 16.99 -20.18 23.49
C ILE E 50 15.91 -19.12 23.31
N LEU E 51 14.94 -19.13 24.21
CA LEU E 51 13.81 -18.23 24.16
C LEU E 51 14.12 -16.79 24.56
N LEU E 52 14.96 -16.61 25.57
CA LEU E 52 15.33 -15.29 26.06
C LEU E 52 16.10 -14.44 25.04
N THR E 53 16.21 -14.91 23.80
CA THR E 53 16.95 -14.18 22.79
C THR E 53 16.15 -13.94 21.51
N ARG E 54 14.89 -14.35 21.46
CA ARG E 54 14.11 -14.24 20.23
C ARG E 54 13.63 -12.80 20.02
N LYS E 55 13.04 -12.56 18.85
CA LYS E 55 12.57 -11.24 18.47
C LYS E 55 11.05 -11.22 18.39
N SER E 56 10.44 -10.17 18.93
CA SER E 56 9.00 -10.03 18.89
C SER E 56 8.53 -9.74 17.48
N TYR E 57 7.53 -10.49 17.02
CA TYR E 57 6.98 -10.32 15.68
C TYR E 57 5.47 -10.33 15.76
N LYS E 58 4.85 -9.57 14.86
CA LYS E 58 3.41 -9.59 14.75
C LYS E 58 2.96 -10.87 14.06
N PRO E 59 1.76 -11.36 14.35
CA PRO E 59 1.25 -12.53 13.64
C PRO E 59 0.99 -12.21 12.19
N PRO E 60 1.22 -13.16 11.29
CA PRO E 60 1.00 -12.92 9.86
C PRO E 60 -0.41 -12.46 9.53
N LYS E 61 -0.57 -11.73 8.44
CA LYS E 61 -1.83 -11.14 8.03
C LYS E 61 -2.65 -12.13 7.24
N ARG E 62 -3.95 -11.86 7.14
CA ARG E 62 -4.86 -12.73 6.41
C ARG E 62 -4.92 -12.28 4.95
N PRO E 63 -4.36 -13.21 3.79
CA PRO E 63 -4.16 -12.71 2.41
C PRO E 63 -5.46 -12.23 1.79
N LEU E 64 -5.35 -11.40 0.76
CA LEU E 64 -6.51 -10.83 0.10
C LEU E 64 -7.34 -11.92 -0.57
N THR E 65 -8.64 -11.69 -0.65
CA THR E 65 -9.52 -12.65 -1.30
C THR E 65 -9.61 -12.35 -2.80
N GLU E 66 -10.07 -13.36 -3.54
CA GLU E 66 -10.22 -13.20 -4.98
C GLU E 66 -11.31 -12.21 -5.34
N GLN E 67 -12.18 -11.85 -4.40
CA GLN E 67 -13.20 -10.85 -4.64
C GLN E 67 -12.71 -9.44 -4.37
N GLU E 68 -11.92 -9.25 -3.31
CA GLU E 68 -11.40 -7.92 -3.00
C GLU E 68 -10.50 -7.40 -4.11
N ILE E 69 -9.67 -8.28 -4.69
CA ILE E 69 -8.73 -7.87 -5.72
C ILE E 69 -9.47 -7.29 -6.91
N ASP E 70 -10.63 -7.85 -7.23
CA ASP E 70 -11.44 -7.38 -8.35
C ASP E 70 -11.82 -5.91 -8.19
N GLU E 71 -12.11 -5.49 -6.96
CA GLU E 71 -12.45 -4.08 -6.72
C GLU E 71 -11.25 -3.19 -6.96
N LEU E 72 -10.10 -3.53 -6.38
CA LEU E 72 -8.90 -2.70 -6.52
C LEU E 72 -8.49 -2.57 -7.97
N CYS E 73 -8.65 -3.62 -8.76
CA CYS E 73 -8.38 -3.56 -10.19
C CYS E 73 -9.39 -2.71 -10.94
N ASP E 74 -10.49 -2.32 -10.30
CA ASP E 74 -11.50 -1.48 -10.95
C ASP E 74 -11.41 -0.02 -10.54
N GLU E 75 -10.99 0.26 -9.31
CA GLU E 75 -10.72 1.65 -8.93
C GLU E 75 -9.50 2.24 -9.61
N TRP E 76 -8.47 1.44 -9.89
CA TRP E 76 -7.24 1.96 -10.47
C TRP E 76 -7.53 2.61 -11.82
N VAL E 77 -6.94 3.78 -12.05
CA VAL E 77 -7.11 4.49 -13.31
C VAL E 77 -5.75 4.95 -13.83
N PRO E 78 -5.45 4.72 -15.11
CA PRO E 78 -4.17 5.16 -15.66
C PRO E 78 -4.23 6.58 -16.22
N GLU E 79 -3.09 7.24 -16.17
CA GLU E 79 -2.95 8.56 -16.75
C GLU E 79 -2.88 8.46 -18.26
N PRO E 80 -3.06 9.56 -18.98
CA PRO E 80 -2.96 9.50 -20.45
C PRO E 80 -1.56 9.11 -20.87
N LEU E 81 -1.47 8.51 -22.06
CA LEU E 81 -0.16 8.14 -22.58
C LEU E 81 0.71 9.36 -22.80
N ILE E 82 0.15 10.42 -23.38
CA ILE E 82 0.92 11.63 -23.68
C ILE E 82 0.19 12.85 -23.14
N PRO E 83 0.90 13.94 -22.86
CA PRO E 83 0.23 15.17 -22.43
C PRO E 83 -0.53 15.81 -23.58
N PRO E 84 -1.61 16.53 -23.29
CA PRO E 84 -2.40 17.15 -24.37
C PRO E 84 -1.57 18.17 -25.15
N ILE E 85 -1.82 18.22 -26.46
CA ILE E 85 -1.06 19.07 -27.36
C ILE E 85 -1.52 20.51 -27.20
N THR E 86 -0.68 21.46 -27.61
CA THR E 86 -1.03 22.87 -27.63
C THR E 86 -0.81 23.36 -29.07
N GLU E 87 -0.88 24.67 -29.27
CA GLU E 87 -0.72 25.23 -30.60
C GLU E 87 0.70 25.71 -30.88
N ASP E 88 1.45 26.08 -29.85
CA ASP E 88 2.86 26.38 -30.01
C ASP E 88 3.69 25.12 -30.22
N MET E 89 3.09 23.95 -30.04
CA MET E 89 3.76 22.66 -30.04
C MET E 89 3.77 22.04 -31.43
N LYS E 90 3.28 22.75 -32.45
CA LYS E 90 3.04 22.10 -33.73
C LYS E 90 3.48 22.92 -34.94
N HIS E 91 4.70 23.46 -34.91
CA HIS E 91 5.23 24.23 -36.03
C HIS E 91 6.03 23.32 -36.96
N GLU E 92 5.71 23.35 -38.25
CA GLU E 92 6.37 22.51 -39.24
C GLU E 92 7.64 23.14 -39.78
N PRO E 93 8.66 22.30 -40.03
CA PRO E 93 9.93 22.81 -40.55
C PRO E 93 9.90 22.92 -42.07
N PRO E 94 10.85 23.65 -42.65
CA PRO E 94 10.85 23.81 -44.11
C PRO E 94 11.08 22.50 -44.83
N VAL E 95 10.53 22.40 -46.04
CA VAL E 95 10.67 21.24 -46.89
C VAL E 95 11.41 21.70 -48.15
N LEU E 96 12.63 21.23 -48.32
CA LEU E 96 13.50 21.78 -49.35
C LEU E 96 13.79 20.78 -50.46
N GLU E 97 14.43 21.27 -51.52
CA GLU E 97 14.63 20.46 -52.72
C GLU E 97 16.05 20.56 -53.27
N SER E 98 16.48 19.51 -53.96
CA SER E 98 17.59 19.50 -54.91
C SER E 98 18.98 19.51 -54.29
N ALA E 99 19.10 19.80 -52.99
CA ALA E 99 20.40 19.79 -52.34
C ALA E 99 20.26 20.02 -50.85
N ALA E 100 21.39 20.13 -50.14
CA ALA E 100 21.40 20.71 -48.82
C ALA E 100 22.66 21.55 -48.64
N GLY E 101 23.32 21.89 -49.74
CA GLY E 101 24.58 22.57 -49.70
C GLY E 101 24.45 24.02 -49.29
N PRO E 102 25.44 24.85 -49.66
CA PRO E 102 25.34 26.27 -49.34
C PRO E 102 24.11 26.95 -49.94
N HIS E 103 23.73 26.57 -51.15
CA HIS E 103 22.62 27.17 -51.88
C HIS E 103 21.56 26.11 -52.12
N THR E 104 20.63 25.99 -51.20
CA THR E 104 19.53 25.04 -51.31
C THR E 104 18.34 25.72 -52.01
N THR E 105 17.17 25.08 -51.96
CA THR E 105 15.98 25.63 -52.61
C THR E 105 14.76 25.29 -51.77
N VAL E 106 13.94 26.29 -51.45
CA VAL E 106 12.69 26.10 -50.73
C VAL E 106 11.61 26.90 -51.43
N ASN E 107 10.46 26.27 -51.67
CA ASN E 107 9.30 26.91 -52.28
C ASN E 107 9.63 27.61 -53.60
N GLY E 108 10.68 27.17 -54.29
CA GLY E 108 11.05 27.80 -55.54
C GLY E 108 12.09 28.89 -55.40
N LYS E 109 11.98 29.71 -54.38
CA LYS E 109 12.97 30.76 -54.15
C LYS E 109 14.30 30.15 -53.71
N ASP E 110 15.38 30.84 -54.05
CA ASP E 110 16.73 30.39 -53.71
C ASP E 110 17.13 31.00 -52.36
N VAL E 111 17.40 30.14 -51.39
CA VAL E 111 17.81 30.59 -50.06
C VAL E 111 19.26 30.18 -49.83
N VAL E 112 19.86 30.76 -48.81
CA VAL E 112 21.25 30.51 -48.44
C VAL E 112 21.27 29.72 -47.15
N ASN E 113 22.05 28.64 -47.13
CA ASN E 113 21.96 27.66 -46.07
C ASN E 113 23.03 27.88 -45.01
N PHE E 114 22.61 27.85 -43.74
CA PHE E 114 23.55 27.90 -42.63
C PHE E 114 23.15 26.92 -41.53
N ALA E 115 22.47 25.83 -41.88
CA ALA E 115 22.01 24.87 -40.90
C ALA E 115 22.50 23.46 -41.19
N SER E 116 23.21 23.25 -42.30
CA SER E 116 23.79 21.96 -42.62
C SER E 116 25.24 21.94 -42.17
N ALA E 117 25.64 20.83 -41.57
CA ALA E 117 26.94 20.76 -40.91
C ALA E 117 28.04 20.28 -41.82
N ASN E 118 27.94 20.48 -43.13
CA ASN E 118 29.02 20.06 -44.03
C ASN E 118 30.02 21.21 -44.10
N TYR E 119 31.11 21.08 -43.35
CA TYR E 119 32.09 22.15 -43.28
C TYR E 119 32.93 22.24 -44.54
N LEU E 120 33.32 21.11 -45.11
CA LEU E 120 34.24 21.10 -46.24
C LEU E 120 33.55 21.32 -47.58
N GLY E 121 32.22 21.41 -47.59
CA GLY E 121 31.51 21.56 -48.85
C GLY E 121 31.61 20.37 -49.77
N LEU E 122 31.45 19.16 -49.24
CA LEU E 122 31.53 17.95 -50.05
C LEU E 122 30.17 17.44 -50.52
N ILE E 123 29.07 18.04 -50.07
CA ILE E 123 27.76 17.64 -50.55
C ILE E 123 27.69 17.94 -52.05
N GLY E 124 27.46 16.90 -52.85
CA GLY E 124 27.36 17.07 -54.27
C GLY E 124 28.66 17.16 -55.01
N HIS E 125 29.75 16.63 -54.46
CA HIS E 125 31.01 16.60 -55.17
C HIS E 125 30.94 15.59 -56.32
N GLU E 126 31.60 15.94 -57.42
CA GLU E 126 31.53 15.12 -58.62
C GLU E 126 32.24 13.78 -58.47
N LYS E 127 33.10 13.64 -57.45
CA LYS E 127 33.82 12.41 -57.24
C LYS E 127 33.14 11.49 -56.25
N LEU E 128 32.19 12.00 -55.46
CA LEU E 128 31.40 11.17 -54.58
C LEU E 128 30.22 10.53 -55.27
N LEU E 129 29.61 11.23 -56.23
CA LEU E 129 28.48 10.71 -56.96
C LEU E 129 28.85 9.65 -57.99
N GLU E 130 30.15 9.45 -58.24
CA GLU E 130 30.59 8.32 -59.04
C GLU E 130 30.88 7.09 -58.20
N SER E 131 31.48 7.30 -57.03
CA SER E 131 31.77 6.22 -56.12
C SER E 131 30.46 5.62 -55.62
N CYS E 132 29.57 6.47 -55.12
CA CYS E 132 28.27 5.98 -54.64
C CYS E 132 27.51 5.26 -55.73
N THR E 133 27.50 5.82 -56.94
CA THR E 133 26.79 5.19 -58.05
C THR E 133 27.38 3.83 -58.42
N SER E 134 28.71 3.73 -58.50
CA SER E 134 29.34 2.47 -58.86
C SER E 134 29.21 1.42 -57.76
N ALA E 135 29.00 1.82 -56.51
CA ALA E 135 28.80 0.87 -55.44
C ALA E 135 27.33 0.61 -55.14
N LEU E 136 26.42 1.41 -55.69
CA LEU E 136 25.00 1.21 -55.48
C LEU E 136 24.39 0.25 -56.49
N GLU E 137 25.07 0.01 -57.59
CA GLU E 137 24.60 -0.91 -58.63
C GLU E 137 25.45 -2.17 -58.64
N LYS E 138 26.13 -2.43 -57.53
CA LYS E 138 27.03 -3.58 -57.43
C LYS E 138 26.80 -4.28 -56.10
N TYR E 139 26.10 -3.64 -55.18
CA TYR E 139 25.87 -4.19 -53.86
C TYR E 139 24.41 -4.09 -53.45
N GLY E 140 23.68 -3.13 -53.99
CA GLY E 140 22.35 -2.83 -53.52
C GLY E 140 22.34 -1.66 -52.56
N VAL E 141 21.21 -1.45 -51.93
CA VAL E 141 21.00 -0.30 -51.07
C VAL E 141 20.92 -0.70 -49.60
N GLY E 142 20.94 -2.00 -49.31
CA GLY E 142 20.72 -2.45 -47.96
C GLY E 142 21.86 -3.32 -47.47
N SER E 143 21.85 -3.57 -46.16
CA SER E 143 22.89 -4.32 -45.48
C SER E 143 22.56 -5.79 -45.32
N CYS E 144 21.31 -6.10 -44.96
CA CYS E 144 20.83 -7.47 -44.79
C CYS E 144 21.66 -8.24 -43.77
N GLY E 145 21.64 -7.83 -42.52
CA GLY E 145 22.19 -8.63 -41.45
C GLY E 145 23.13 -7.88 -40.54
N PRO E 146 23.21 -8.30 -39.30
CA PRO E 146 24.22 -7.75 -38.39
C PRO E 146 25.61 -8.15 -38.84
N ARG E 147 26.59 -7.51 -38.21
CA ARG E 147 27.96 -7.60 -38.69
C ARG E 147 28.66 -8.85 -38.19
N GLY E 148 28.09 -9.52 -37.20
CA GLY E 148 28.67 -10.77 -36.75
C GLY E 148 28.24 -12.00 -37.51
N PHE E 149 27.12 -11.95 -38.25
CA PHE E 149 26.65 -13.13 -38.95
C PHE E 149 27.12 -13.07 -40.39
N TYR E 150 26.58 -12.21 -41.24
CA TYR E 150 26.96 -12.12 -42.64
C TYR E 150 26.90 -10.69 -43.16
N GLY E 151 26.97 -9.72 -42.27
CA GLY E 151 26.83 -8.34 -42.68
C GLY E 151 28.16 -7.63 -42.81
N THR E 152 29.22 -8.39 -43.06
CA THR E 152 30.57 -7.85 -43.17
C THR E 152 30.96 -7.86 -44.64
N ILE E 153 30.57 -6.81 -45.36
CA ILE E 153 31.03 -6.66 -46.72
C ILE E 153 32.53 -6.32 -46.68
N ASP E 154 33.21 -6.44 -47.82
CA ASP E 154 34.64 -6.14 -47.83
C ASP E 154 34.89 -4.65 -47.73
N VAL E 155 33.99 -3.82 -48.25
CA VAL E 155 34.18 -2.38 -48.19
C VAL E 155 34.24 -1.90 -46.75
N HIS E 156 33.58 -2.60 -45.84
CA HIS E 156 33.67 -2.23 -44.42
C HIS E 156 35.10 -2.37 -43.92
N LEU E 157 35.76 -3.47 -44.28
CA LEU E 157 37.14 -3.68 -43.86
C LEU E 157 38.06 -2.64 -44.49
N ASP E 158 37.84 -2.32 -45.76
CA ASP E 158 38.67 -1.30 -46.41
C ASP E 158 38.47 0.05 -45.75
N CYS E 159 37.24 0.41 -45.41
CA CYS E 159 36.99 1.70 -44.77
C CYS E 159 37.68 1.79 -43.42
N GLU E 160 37.60 0.73 -42.62
CA GLU E 160 38.28 0.74 -41.33
C GLU E 160 39.78 0.92 -41.50
N THR E 161 40.39 0.20 -42.45
CA THR E 161 41.81 0.35 -42.69
C THR E 161 42.16 1.76 -43.14
N ARG E 162 41.35 2.34 -44.02
CA ARG E 162 41.63 3.68 -44.51
C ARG E 162 41.57 4.72 -43.40
N ILE E 163 40.57 4.64 -42.53
CA ILE E 163 40.46 5.60 -41.44
C ILE E 163 41.65 5.48 -40.50
N SER E 164 42.01 4.24 -40.14
CA SER E 164 43.12 4.06 -39.21
C SER E 164 44.44 4.56 -39.81
N LYS E 165 44.65 4.34 -41.11
CA LYS E 165 45.84 4.89 -41.76
C LYS E 165 45.82 6.41 -41.78
N PHE E 166 44.65 7.01 -41.99
CA PHE E 166 44.55 8.46 -42.00
C PHE E 166 44.95 9.05 -40.66
N LEU E 167 44.39 8.54 -39.57
CA LEU E 167 44.75 9.07 -38.26
C LEU E 167 46.07 8.52 -37.73
N GLY E 168 46.60 7.45 -38.30
CA GLY E 168 47.80 6.85 -37.76
C GLY E 168 47.54 6.16 -36.44
N THR E 169 46.80 5.06 -36.48
CA THR E 169 46.43 4.30 -35.29
C THR E 169 46.36 2.83 -35.69
N PRO E 170 46.57 1.90 -34.76
CA PRO E 170 46.53 0.48 -35.15
C PRO E 170 45.25 0.03 -35.82
N ASP E 171 44.10 0.17 -35.17
CA ASP E 171 42.87 -0.45 -35.69
C ASP E 171 41.69 0.46 -35.42
N SER E 172 40.59 0.19 -36.11
CA SER E 172 39.40 1.03 -36.06
C SER E 172 38.16 0.16 -36.23
N ILE E 173 37.02 0.70 -35.84
CA ILE E 173 35.75 -0.03 -35.84
C ILE E 173 34.65 0.91 -36.32
N LEU E 174 33.77 0.40 -37.19
CA LEU E 174 32.66 1.18 -37.72
C LEU E 174 31.38 0.91 -36.95
N TYR E 175 30.50 1.90 -36.94
CA TYR E 175 29.19 1.80 -36.34
C TYR E 175 28.15 2.21 -37.38
N SER E 176 26.92 1.78 -37.15
CA SER E 176 25.88 1.96 -38.14
C SER E 176 25.37 3.38 -38.23
N TYR E 177 25.28 4.07 -37.09
CA TYR E 177 24.58 5.34 -37.04
C TYR E 177 25.30 6.31 -36.12
N GLY E 178 25.35 7.56 -36.53
CA GLY E 178 26.18 8.53 -35.86
C GLY E 178 25.86 8.79 -34.40
N LEU E 179 24.59 8.91 -34.05
CA LEU E 179 24.23 9.21 -32.67
C LEU E 179 24.42 8.03 -31.74
N SER E 180 24.53 6.81 -32.27
CA SER E 180 24.64 5.61 -31.44
C SER E 180 26.08 5.17 -31.25
N THR E 181 27.05 5.95 -31.70
CA THR E 181 28.43 5.61 -31.41
C THR E 181 28.83 5.98 -30.00
N MET E 182 27.97 6.68 -29.27
CA MET E 182 28.25 7.05 -27.90
C MET E 182 27.33 6.36 -26.91
N PHE E 183 26.22 5.79 -27.37
CA PHE E 183 25.39 4.91 -26.56
C PHE E 183 26.10 3.62 -26.19
N SER E 184 27.04 3.19 -27.02
CA SER E 184 27.60 1.87 -26.90
C SER E 184 29.07 1.86 -26.58
N THR E 185 29.79 2.94 -26.83
CA THR E 185 31.19 3.04 -26.44
C THR E 185 31.39 3.24 -24.96
N ILE E 186 30.56 4.06 -24.30
CA ILE E 186 30.76 4.37 -22.90
C ILE E 186 30.26 3.25 -21.99
N PRO E 187 29.09 2.65 -22.20
CA PRO E 187 28.71 1.52 -21.35
C PRO E 187 29.55 0.28 -21.55
N CYS E 188 30.33 0.19 -22.62
CA CYS E 188 31.23 -0.93 -22.81
C CYS E 188 32.47 -0.85 -21.95
N PHE E 189 32.93 0.34 -21.61
CA PHE E 189 34.15 0.54 -20.85
C PHE E 189 33.91 0.76 -19.37
N CYS E 190 32.83 1.43 -19.01
CA CYS E 190 32.56 1.80 -17.63
C CYS E 190 31.41 0.98 -17.09
N LYS E 191 31.68 0.18 -16.07
CA LYS E 191 30.71 -0.64 -15.39
C LYS E 191 30.23 0.06 -14.11
N LYS E 192 29.51 -0.65 -13.26
CA LYS E 192 28.81 -0.05 -12.13
C LYS E 192 29.73 0.42 -11.01
N GLY E 193 30.97 -0.03 -10.94
CA GLY E 193 31.79 0.36 -9.81
C GLY E 193 32.82 1.43 -10.11
N ASP E 194 32.70 2.07 -11.27
CA ASP E 194 33.73 2.99 -11.73
C ASP E 194 33.34 4.43 -11.43
N VAL E 195 34.19 5.36 -11.86
CA VAL E 195 33.99 6.78 -11.65
C VAL E 195 34.26 7.52 -12.94
N ILE E 196 33.30 8.34 -13.37
CA ILE E 196 33.40 9.11 -14.60
C ILE E 196 33.32 10.59 -14.27
N VAL E 197 34.20 11.38 -14.85
CA VAL E 197 34.26 12.83 -14.63
C VAL E 197 33.85 13.49 -15.93
N ALA E 198 32.56 13.80 -16.06
CA ALA E 198 32.00 14.35 -17.29
C ALA E 198 32.25 15.84 -17.37
N ASP E 199 31.58 16.55 -18.28
CA ASP E 199 31.89 17.94 -18.53
C ASP E 199 30.73 18.90 -18.32
N GLU E 200 29.53 18.42 -18.00
CA GLU E 200 28.40 19.28 -17.64
C GLU E 200 27.92 20.12 -18.83
N GLY E 201 28.59 19.95 -19.96
CA GLY E 201 28.18 20.63 -21.19
C GLY E 201 28.20 19.69 -22.37
N VAL E 202 27.97 18.40 -22.11
CA VAL E 202 27.99 17.36 -23.12
C VAL E 202 26.58 17.10 -23.61
N HIS E 203 26.45 16.81 -24.90
CA HIS E 203 25.14 16.72 -25.52
C HIS E 203 24.42 15.44 -25.10
N TRP E 204 23.28 15.18 -25.73
CA TRP E 204 22.43 14.10 -25.26
C TRP E 204 23.00 12.74 -25.61
N GLY E 205 23.71 12.64 -26.72
CA GLY E 205 24.31 11.35 -27.07
C GLY E 205 25.24 10.86 -26.00
N ILE E 206 26.13 11.72 -25.51
CA ILE E 206 27.07 11.34 -24.48
C ILE E 206 26.39 11.08 -23.16
N GLN E 207 25.43 11.93 -22.78
CA GLN E 207 24.84 11.83 -21.47
C GLN E 207 23.72 10.80 -21.41
N ASN E 208 23.40 10.14 -22.51
CA ASN E 208 22.59 8.93 -22.45
C ASN E 208 23.44 7.70 -22.16
N GLY E 209 24.62 7.61 -22.78
CA GLY E 209 25.56 6.58 -22.44
C GLY E 209 26.06 6.67 -21.02
N LEU E 210 26.26 7.88 -20.50
CA LEU E 210 26.66 8.02 -19.11
C LEU E 210 25.62 7.44 -18.16
N GLN E 211 24.35 7.50 -18.54
CA GLN E 211 23.31 6.95 -17.68
C GLN E 211 23.14 5.44 -17.86
N LEU E 212 23.35 4.94 -19.08
CA LEU E 212 23.21 3.51 -19.30
C LEU E 212 24.27 2.72 -18.53
N SER E 213 25.51 3.19 -18.56
CA SER E 213 26.60 2.57 -17.80
C SER E 213 26.45 2.97 -16.35
N ARG E 214 25.98 2.05 -15.52
CA ARG E 214 25.50 2.47 -14.21
C ARG E 214 26.63 2.83 -13.25
N SER E 215 27.46 3.80 -13.63
CA SER E 215 28.62 4.18 -12.83
C SER E 215 28.32 5.48 -12.10
N THR E 216 29.33 6.00 -11.42
CA THR E 216 29.21 7.22 -10.60
C THR E 216 29.75 8.40 -11.40
N ILE E 217 28.91 9.39 -11.63
CA ILE E 217 29.25 10.52 -12.50
C ILE E 217 29.31 11.78 -11.67
N VAL E 218 30.40 12.53 -11.81
CA VAL E 218 30.56 13.85 -11.21
C VAL E 218 30.99 14.81 -12.31
N TYR E 219 30.46 16.02 -12.29
CA TYR E 219 30.67 16.99 -13.35
C TYR E 219 31.66 18.05 -12.93
N PHE E 220 32.12 18.83 -13.90
CA PHE E 220 32.95 19.99 -13.60
C PHE E 220 32.55 21.12 -14.52
N LYS E 221 32.94 22.33 -14.14
CA LYS E 221 32.48 23.53 -14.83
C LYS E 221 32.94 23.53 -16.29
N HIS E 222 32.12 24.11 -17.14
CA HIS E 222 32.35 24.08 -18.58
C HIS E 222 33.70 24.70 -18.92
N ASN E 223 34.62 23.86 -19.39
CA ASN E 223 35.96 24.32 -19.77
C ASN E 223 36.63 25.10 -18.66
N ASP E 224 36.72 24.49 -17.49
CA ASP E 224 37.36 25.11 -16.33
C ASP E 224 38.39 24.15 -15.76
N MET E 225 39.62 24.24 -16.24
CA MET E 225 40.68 23.35 -15.75
C MET E 225 40.91 23.54 -14.26
N GLU E 226 40.70 24.74 -13.75
CA GLU E 226 40.74 24.95 -12.32
C GLU E 226 39.68 24.15 -11.58
N SER E 227 38.47 24.06 -12.14
CA SER E 227 37.45 23.21 -11.53
C SER E 227 37.61 21.75 -11.89
N LEU E 228 38.40 21.43 -12.91
CA LEU E 228 38.70 20.04 -13.20
C LEU E 228 39.67 19.46 -12.18
N ARG E 229 40.74 20.20 -11.86
CA ARG E 229 41.74 19.71 -10.93
C ARG E 229 41.23 19.62 -9.50
N ILE E 230 40.40 20.58 -9.07
CA ILE E 230 39.72 20.45 -7.79
C ILE E 230 38.93 19.16 -7.69
N THR E 231 38.14 18.83 -8.71
CA THR E 231 37.36 17.60 -8.71
C THR E 231 38.22 16.35 -8.73
N LEU E 232 39.31 16.36 -9.51
CA LEU E 232 40.21 15.22 -9.54
C LEU E 232 40.81 14.94 -8.18
N GLU E 233 41.28 15.97 -7.47
CA GLU E 233 41.86 15.74 -6.15
C GLU E 233 40.83 15.23 -5.16
N LYS E 234 39.64 15.82 -5.14
CA LYS E 234 38.61 15.38 -4.21
C LYS E 234 38.15 13.96 -4.50
N ILE E 235 38.28 13.48 -5.73
CA ILE E 235 38.06 12.06 -6.01
C ILE E 235 39.22 11.17 -5.56
N MET E 236 40.47 11.60 -5.77
CA MET E 236 41.61 10.79 -5.41
C MET E 236 41.87 10.80 -3.91
N THR E 237 40.88 11.21 -3.11
CA THR E 237 40.97 11.19 -1.66
C THR E 237 39.84 10.35 -1.07
N LYS E 238 38.64 10.50 -1.63
CA LYS E 238 37.50 9.71 -1.18
C LYS E 238 37.62 8.25 -1.56
N TYR E 239 38.47 7.92 -2.53
CA TYR E 239 38.73 6.54 -2.93
C TYR E 239 40.22 6.27 -2.73
N LYS E 240 40.59 5.88 -1.52
CA LYS E 240 42.00 5.70 -1.17
C LYS E 240 42.37 4.23 -1.09
N ARG E 241 41.67 3.45 -0.27
CA ARG E 241 42.00 2.03 -0.14
C ARG E 241 41.71 1.28 -1.42
N SER E 242 40.64 1.66 -2.12
CA SER E 242 40.31 1.03 -3.40
C SER E 242 41.24 1.52 -4.49
N LYS E 243 41.86 0.58 -5.20
CA LYS E 243 42.82 0.92 -6.25
C LYS E 243 42.60 0.13 -7.53
N ASN E 244 41.72 -0.86 -7.53
CA ASN E 244 41.43 -1.62 -8.74
C ASN E 244 40.37 -0.98 -9.63
N LEU E 245 39.67 0.04 -9.12
CA LEU E 245 38.61 0.67 -9.88
C LEU E 245 39.19 1.47 -11.04
N ARG E 246 38.37 1.69 -12.05
CA ARG E 246 38.77 2.42 -13.24
C ARG E 246 38.19 3.84 -13.21
N ARG E 247 38.96 4.78 -13.74
CA ARG E 247 38.59 6.18 -13.74
C ARG E 247 38.77 6.75 -15.13
N TYR E 248 37.76 7.51 -15.60
CA TYR E 248 37.70 8.00 -16.96
C TYR E 248 37.33 9.48 -16.96
N ILE E 249 37.79 10.18 -18.00
CA ILE E 249 37.45 11.58 -18.23
C ILE E 249 36.77 11.67 -19.59
N VAL E 250 35.57 12.23 -19.63
CA VAL E 250 34.79 12.33 -20.86
C VAL E 250 34.70 13.79 -21.26
N ALA E 251 35.21 14.10 -22.45
CA ALA E 251 35.27 15.47 -22.94
C ALA E 251 34.68 15.55 -24.34
N GLU E 252 34.90 16.67 -25.01
CA GLU E 252 34.40 16.86 -26.36
C GLU E 252 35.29 17.86 -27.06
N ALA E 253 35.67 17.57 -28.30
CA ALA E 253 36.63 18.42 -28.99
C ALA E 253 36.08 19.82 -29.20
N VAL E 254 34.99 19.95 -29.94
CA VAL E 254 34.33 21.22 -30.16
C VAL E 254 32.89 21.04 -29.73
N TYR E 255 32.48 21.73 -28.66
CA TYR E 255 31.17 21.50 -28.09
C TYR E 255 30.08 21.99 -29.03
N GLN E 256 28.97 21.28 -29.07
CA GLN E 256 27.85 21.66 -29.92
C GLN E 256 26.91 22.63 -29.26
N ASN E 257 26.85 22.65 -27.94
CA ASN E 257 25.96 23.57 -27.25
C ASN E 257 26.58 24.94 -27.00
N SER E 258 27.88 25.08 -27.15
CA SER E 258 28.51 26.37 -26.92
C SER E 258 29.56 26.77 -27.95
N GLY E 259 30.04 25.86 -28.79
CA GLY E 259 31.01 26.23 -29.79
C GLY E 259 32.42 26.42 -29.28
N GLN E 260 32.70 26.05 -28.04
CA GLN E 260 33.99 26.28 -27.41
C GLN E 260 34.88 25.05 -27.53
N ILE E 261 36.10 25.25 -28.00
CA ILE E 261 37.09 24.19 -28.14
C ILE E 261 37.63 23.83 -26.77
N ALA E 262 37.74 22.54 -26.50
CA ALA E 262 38.36 22.09 -25.26
C ALA E 262 39.88 22.21 -25.36
N PRO E 263 40.55 22.66 -24.30
CA PRO E 263 42.02 22.72 -24.30
C PRO E 263 42.62 21.37 -23.95
N LEU E 264 43.23 20.73 -24.94
CA LEU E 264 43.82 19.40 -24.74
C LEU E 264 45.29 19.47 -24.39
N ASP E 265 45.63 20.32 -23.44
CA ASP E 265 46.96 20.30 -22.84
C ASP E 265 46.87 20.08 -21.35
N GLU E 266 46.03 20.85 -20.68
CA GLU E 266 45.79 20.64 -19.26
C GLU E 266 45.12 19.30 -19.00
N ILE E 267 44.26 18.84 -19.90
CA ILE E 267 43.64 17.54 -19.71
C ILE E 267 44.65 16.40 -19.88
N VAL E 268 45.53 16.46 -20.88
CA VAL E 268 46.54 15.42 -21.03
C VAL E 268 47.59 15.49 -19.94
N LYS E 269 47.75 16.64 -19.28
CA LYS E 269 48.72 16.76 -18.21
C LYS E 269 48.16 16.38 -16.84
N LEU E 270 46.94 16.77 -16.52
CA LEU E 270 46.28 16.32 -15.31
C LEU E 270 45.92 14.85 -15.34
N LYS E 271 45.79 14.26 -16.52
CA LYS E 271 45.49 12.84 -16.64
C LYS E 271 46.70 11.98 -16.30
N GLU E 272 47.90 12.46 -16.58
CA GLU E 272 49.12 11.72 -16.27
C GLU E 272 49.51 11.82 -14.80
N LYS E 273 48.87 12.69 -14.04
CA LYS E 273 49.20 12.87 -12.63
C LYS E 273 48.27 12.13 -11.70
N TYR E 274 47.08 11.75 -12.15
CA TYR E 274 46.11 11.06 -11.30
C TYR E 274 45.74 9.69 -11.82
N ARG E 275 46.38 9.23 -12.90
CA ARG E 275 46.13 7.91 -13.48
C ARG E 275 44.67 7.75 -13.90
N PHE E 276 44.31 8.55 -14.91
CA PHE E 276 42.96 8.54 -15.48
C PHE E 276 43.01 8.12 -16.94
N ARG E 277 41.84 8.06 -17.55
CA ARG E 277 41.68 7.72 -18.96
C ARG E 277 40.82 8.80 -19.62
N VAL E 278 41.08 9.07 -20.89
CA VAL E 278 40.39 10.13 -21.61
C VAL E 278 39.61 9.53 -22.77
N ILE E 279 38.34 9.93 -22.89
CA ILE E 279 37.48 9.54 -24.00
C ILE E 279 37.08 10.83 -24.71
N LEU E 280 37.54 11.00 -25.95
CA LEU E 280 37.32 12.22 -26.69
C LEU E 280 36.31 12.02 -27.81
N ASP E 281 35.31 12.89 -27.88
CA ASP E 281 34.29 12.88 -28.92
C ASP E 281 34.61 13.98 -29.92
N GLU E 282 35.46 13.67 -30.91
CA GLU E 282 35.84 14.69 -31.89
C GLU E 282 35.06 14.50 -33.19
N SER E 283 33.75 14.69 -33.12
CA SER E 283 32.95 14.66 -34.32
C SER E 283 32.94 15.98 -35.07
N ASN E 284 33.12 17.09 -34.37
CA ASN E 284 33.09 18.42 -34.97
C ASN E 284 34.48 18.93 -35.31
N SER E 285 35.52 18.14 -35.08
CA SER E 285 36.86 18.62 -35.34
C SER E 285 37.59 17.69 -36.29
N PHE E 286 37.11 16.47 -36.45
CA PHE E 286 37.74 15.56 -37.39
C PHE E 286 37.66 16.11 -38.80
N GLY E 287 38.80 16.50 -39.37
CA GLY E 287 38.82 16.97 -40.73
C GLY E 287 38.68 18.47 -40.93
N VAL E 288 38.54 19.25 -39.87
CA VAL E 288 38.36 20.69 -40.02
C VAL E 288 39.40 21.47 -39.25
N LEU E 289 39.96 20.87 -38.19
CA LEU E 289 40.51 21.70 -37.14
C LEU E 289 42.04 21.74 -37.18
N GLY E 290 42.68 20.59 -37.37
CA GLY E 290 44.13 20.58 -37.46
C GLY E 290 44.60 21.24 -38.73
N ARG E 291 45.92 21.42 -38.81
CA ARG E 291 46.50 21.97 -40.03
C ARG E 291 46.43 21.01 -41.20
N SER E 292 46.55 19.71 -40.96
CA SER E 292 46.35 18.71 -41.98
C SER E 292 44.98 18.06 -41.92
N GLY E 293 44.15 18.44 -40.97
CA GLY E 293 42.83 17.88 -40.81
C GLY E 293 42.72 16.74 -39.82
N ARG E 294 43.77 16.45 -39.05
CA ARG E 294 43.72 15.30 -38.17
C ARG E 294 42.80 15.52 -36.98
N GLY E 295 42.66 16.76 -36.51
CA GLY E 295 41.72 17.00 -35.44
C GLY E 295 42.33 17.86 -34.35
N LEU E 296 41.92 17.59 -33.12
CA LEU E 296 42.36 18.40 -31.99
C LEU E 296 43.81 18.11 -31.63
N ALA E 297 44.23 16.85 -31.74
CA ALA E 297 45.58 16.49 -31.36
C ALA E 297 46.62 17.24 -32.18
N GLU E 298 46.41 17.32 -33.49
CA GLU E 298 47.32 18.11 -34.31
C GLU E 298 47.16 19.61 -34.07
N HIS E 299 46.01 20.04 -33.54
CA HIS E 299 45.83 21.45 -33.19
C HIS E 299 46.73 21.84 -32.03
N HIS E 300 46.73 21.05 -30.96
CA HIS E 300 47.54 21.32 -29.78
C HIS E 300 48.88 20.61 -29.80
N SER E 301 49.21 19.94 -30.89
CA SER E 301 50.53 19.32 -31.10
C SER E 301 50.84 18.29 -30.02
N VAL E 302 49.85 17.46 -29.68
CA VAL E 302 50.07 16.37 -28.73
C VAL E 302 50.05 15.06 -29.50
N PRO E 303 50.80 14.05 -29.06
CA PRO E 303 50.73 12.73 -29.71
C PRO E 303 49.36 12.12 -29.51
N ILE E 304 48.90 11.39 -30.53
CA ILE E 304 47.56 10.79 -30.48
C ILE E 304 47.52 9.55 -29.58
N GLU E 305 48.67 9.00 -29.21
CA GLU E 305 48.70 7.85 -28.32
C GLU E 305 48.36 8.21 -26.89
N LYS E 306 48.36 9.51 -26.55
CA LYS E 306 47.97 9.91 -25.20
C LYS E 306 46.47 9.81 -25.01
N ILE E 307 45.71 9.81 -26.10
CA ILE E 307 44.25 9.77 -26.05
C ILE E 307 43.81 8.33 -26.20
N ASP E 308 43.12 7.81 -25.19
CA ASP E 308 42.85 6.38 -25.12
C ASP E 308 41.81 5.95 -26.15
N VAL E 309 40.71 6.67 -26.24
CA VAL E 309 39.63 6.35 -27.17
C VAL E 309 39.25 7.63 -27.91
N VAL E 310 39.14 7.55 -29.23
CA VAL E 310 38.75 8.67 -30.07
C VAL E 310 37.54 8.24 -30.88
N THR E 311 36.40 8.86 -30.62
CA THR E 311 35.17 8.54 -31.33
C THR E 311 34.75 9.73 -32.18
N ALA E 312 34.06 9.44 -33.27
CA ALA E 312 33.65 10.49 -34.20
C ALA E 312 32.42 10.04 -34.95
N ALA E 313 31.76 10.99 -35.59
CA ALA E 313 30.61 10.72 -36.44
C ALA E 313 30.91 11.21 -37.85
N MET E 314 30.63 10.37 -38.83
CA MET E 314 30.93 10.70 -40.21
C MET E 314 29.82 11.47 -40.89
N GLY E 315 28.87 11.99 -40.11
CA GLY E 315 27.76 12.73 -40.68
C GLY E 315 27.93 14.22 -40.66
N HIS E 316 29.15 14.72 -40.44
CA HIS E 316 29.36 16.17 -40.43
C HIS E 316 30.27 16.64 -41.55
N ALA E 317 31.52 16.17 -41.56
CA ALA E 317 32.52 16.71 -42.45
C ALA E 317 32.90 15.73 -43.55
N LEU E 318 32.19 14.60 -43.63
CA LEU E 318 32.44 13.59 -44.64
C LEU E 318 31.26 13.41 -45.57
N ALA E 319 30.11 14.01 -45.27
CA ALA E 319 28.93 13.97 -46.14
C ALA E 319 28.43 12.55 -46.33
N THR E 320 28.43 11.77 -45.26
CA THR E 320 27.89 10.41 -45.26
C THR E 320 27.16 10.22 -43.93
N GLU E 321 26.91 8.97 -43.58
CA GLU E 321 26.32 8.60 -42.31
C GLU E 321 27.17 7.51 -41.68
N GLY E 322 27.09 7.39 -40.36
CA GLY E 322 27.81 6.37 -39.65
C GLY E 322 28.63 6.94 -38.52
N GLY E 323 29.57 6.15 -38.03
CA GLY E 323 30.47 6.57 -36.97
C GLY E 323 31.66 5.66 -36.96
N PHE E 324 32.63 5.97 -36.10
CA PHE E 324 33.75 5.08 -35.91
C PHE E 324 34.42 5.36 -34.57
N CYS E 325 35.24 4.42 -34.14
CA CYS E 325 35.94 4.51 -32.87
C CYS E 325 37.36 4.03 -33.11
N THR E 326 38.33 4.65 -32.47
CA THR E 326 39.72 4.40 -32.77
C THR E 326 40.54 4.25 -31.49
N GLY E 327 41.64 3.51 -31.60
CA GLY E 327 42.48 3.25 -30.44
C GLY E 327 43.45 2.12 -30.77
N ASN E 328 44.12 1.64 -29.73
CA ASN E 328 45.05 0.54 -29.92
C ASN E 328 44.29 -0.75 -30.17
N ALA E 329 45.04 -1.81 -30.49
CA ALA E 329 44.41 -3.08 -30.87
C ALA E 329 43.61 -3.70 -29.73
N ARG E 330 44.14 -3.64 -28.50
CA ARG E 330 43.47 -4.31 -27.40
C ARG E 330 42.10 -3.73 -27.12
N ILE E 331 41.99 -2.41 -27.06
CA ILE E 331 40.70 -1.77 -26.81
C ILE E 331 39.71 -2.03 -27.93
N ILE E 332 40.11 -1.83 -29.19
CA ILE E 332 39.18 -2.03 -30.30
C ILE E 332 38.69 -3.46 -30.41
N ASP E 333 39.57 -4.45 -30.26
CA ASP E 333 39.15 -5.83 -30.41
C ASP E 333 38.33 -6.34 -29.24
N TYR E 334 38.24 -5.58 -28.15
CA TYR E 334 37.45 -6.00 -27.01
C TYR E 334 36.01 -5.53 -27.12
N GLN E 335 35.78 -4.36 -27.71
CA GLN E 335 34.44 -3.85 -27.91
C GLN E 335 33.85 -4.30 -29.23
N ARG E 336 34.58 -5.09 -30.00
CA ARG E 336 34.05 -5.69 -31.20
C ARG E 336 33.17 -6.90 -30.90
N LEU E 337 33.24 -7.42 -29.69
CA LEU E 337 32.44 -8.57 -29.26
C LEU E 337 31.45 -8.24 -28.15
N SER E 338 31.75 -7.28 -27.29
CA SER E 338 30.94 -7.01 -26.11
C SER E 338 30.19 -5.69 -26.21
N SER E 339 30.10 -5.11 -27.39
CA SER E 339 29.34 -3.87 -27.54
C SER E 339 27.86 -4.19 -27.60
N SER E 340 27.03 -3.21 -27.93
CA SER E 340 25.59 -3.48 -27.98
C SER E 340 25.00 -3.04 -29.31
N GLY E 341 25.46 -1.91 -29.82
CA GLY E 341 25.03 -1.43 -31.11
C GLY E 341 25.82 -1.98 -32.26
N TYR E 342 26.87 -2.76 -31.98
CA TYR E 342 27.68 -3.40 -33.00
C TYR E 342 27.26 -4.83 -33.27
N VAL E 343 26.78 -5.55 -32.24
CA VAL E 343 26.44 -6.95 -32.37
C VAL E 343 24.95 -7.18 -32.59
N PHE E 344 24.11 -6.17 -32.36
CA PHE E 344 22.67 -6.31 -32.41
C PHE E 344 22.04 -5.41 -33.46
N SER E 345 22.83 -4.88 -34.38
CA SER E 345 22.26 -3.92 -35.32
C SER E 345 22.82 -4.17 -36.70
N ALA E 346 22.03 -3.87 -37.72
CA ALA E 346 22.48 -4.04 -39.08
C ALA E 346 23.67 -3.13 -39.37
N SER E 347 24.58 -3.62 -40.19
CA SER E 347 25.77 -2.86 -40.52
C SER E 347 25.43 -1.72 -41.48
N LEU E 348 26.44 -0.94 -41.80
CA LEU E 348 26.27 0.21 -42.68
C LEU E 348 25.95 -0.23 -44.10
N PRO E 349 25.00 0.38 -44.78
CA PRO E 349 24.82 0.15 -46.21
C PRO E 349 26.11 0.42 -46.96
N PRO E 350 26.53 -0.48 -47.83
CA PRO E 350 27.87 -0.35 -48.45
C PRO E 350 28.05 0.89 -49.30
N TYR E 351 26.98 1.47 -49.85
CA TYR E 351 27.16 2.70 -50.62
C TYR E 351 27.48 3.89 -49.72
N LEU E 352 27.19 3.80 -48.43
CA LEU E 352 27.58 4.85 -47.51
C LEU E 352 29.02 4.70 -47.06
N ALA E 353 29.49 3.47 -46.92
CA ALA E 353 30.86 3.21 -46.53
C ALA E 353 31.83 3.28 -47.70
N SER E 354 31.33 3.27 -48.94
CA SER E 354 32.20 3.46 -50.09
C SER E 354 32.32 4.92 -50.49
N ALA E 355 31.57 5.82 -49.86
CA ALA E 355 31.73 7.24 -50.05
C ALA E 355 32.64 7.88 -49.02
N ALA E 356 32.72 7.29 -47.82
CA ALA E 356 33.67 7.78 -46.83
C ALA E 356 35.10 7.63 -47.31
N ILE E 357 35.41 6.53 -47.99
CA ILE E 357 36.77 6.31 -48.49
C ILE E 357 37.13 7.40 -49.50
N THR E 358 36.22 7.69 -50.43
CA THR E 358 36.48 8.73 -51.41
C THR E 358 36.59 10.09 -50.76
N ALA E 359 35.74 10.37 -49.77
CA ALA E 359 35.81 11.65 -49.07
C ALA E 359 37.13 11.81 -48.34
N ILE E 360 37.62 10.77 -47.68
CA ILE E 360 38.91 10.87 -46.99
C ILE E 360 40.03 11.09 -47.99
N ASP E 361 39.97 10.42 -49.14
CA ASP E 361 41.00 10.65 -50.16
C ASP E 361 40.97 12.08 -50.66
N VAL E 362 39.77 12.65 -50.87
CA VAL E 362 39.67 14.03 -51.30
C VAL E 362 40.22 14.98 -50.26
N ILE E 363 39.90 14.73 -48.98
CA ILE E 363 40.42 15.56 -47.90
C ILE E 363 41.94 15.52 -47.89
N ASP E 364 42.51 14.31 -47.97
CA ASP E 364 43.95 14.13 -47.89
C ASP E 364 44.66 14.82 -49.06
N GLN E 365 44.12 14.70 -50.27
CA GLN E 365 44.78 15.26 -51.44
C GLN E 365 44.62 16.77 -51.56
N ASN E 366 43.73 17.39 -50.79
CA ASN E 366 43.40 18.80 -50.97
C ASN E 366 43.32 19.49 -49.63
N PRO E 367 44.44 19.92 -49.07
CA PRO E 367 44.43 20.65 -47.79
C PRO E 367 44.20 22.16 -47.92
N ASP E 368 43.84 22.65 -49.10
CA ASP E 368 43.57 24.06 -49.30
C ASP E 368 42.18 24.46 -48.83
N MET E 369 41.21 23.55 -48.92
CA MET E 369 39.87 23.83 -48.44
C MET E 369 39.82 23.93 -46.92
N LEU E 370 40.93 23.65 -46.24
CA LEU E 370 40.98 23.85 -44.80
C LEU E 370 41.29 25.30 -44.45
N VAL E 371 42.28 25.90 -45.13
CA VAL E 371 42.52 27.33 -44.93
C VAL E 371 41.41 28.18 -45.50
N LYS E 372 40.73 27.72 -46.55
CA LYS E 372 39.58 28.44 -47.07
C LYS E 372 38.42 28.48 -46.08
N LEU E 373 38.40 27.60 -45.08
CA LEU E 373 37.36 27.62 -44.07
C LEU E 373 37.65 28.57 -42.92
N LYS E 374 38.92 28.65 -42.52
CA LYS E 374 39.30 29.56 -41.45
C LYS E 374 39.03 30.99 -41.92
N GLN E 375 39.38 31.29 -43.17
CA GLN E 375 39.13 32.61 -43.71
C GLN E 375 37.66 32.98 -43.63
N ASN E 376 36.77 32.05 -43.96
CA ASN E 376 35.35 32.34 -43.92
C ASN E 376 34.87 32.57 -42.49
N VAL E 377 35.36 31.76 -41.55
CA VAL E 377 34.98 31.99 -40.16
C VAL E 377 35.46 33.34 -39.66
N ALA E 378 36.70 33.72 -39.96
CA ALA E 378 37.19 35.05 -39.61
C ALA E 378 36.39 36.16 -40.27
N LEU E 379 36.02 36.00 -41.54
CA LEU E 379 35.22 36.99 -42.23
C LEU E 379 33.84 37.17 -41.63
N LEU E 380 33.23 36.10 -41.13
CA LEU E 380 31.97 36.24 -40.41
C LEU E 380 32.15 36.86 -39.04
N TRP E 381 33.31 36.67 -38.42
CA TRP E 381 33.59 37.30 -37.14
C TRP E 381 33.92 38.78 -37.24
N LYS E 382 34.40 39.25 -38.39
CA LYS E 382 34.72 40.66 -38.57
C LYS E 382 33.49 41.48 -38.97
N GLY E 383 32.35 40.83 -39.15
CA GLY E 383 31.16 41.54 -39.54
C GLY E 383 29.98 41.31 -38.61
N LEU E 384 30.27 40.80 -37.42
CA LEU E 384 29.19 40.48 -36.50
C LEU E 384 29.49 40.91 -35.06
N SER E 385 30.67 41.44 -34.78
CA SER E 385 31.08 41.77 -33.42
C SER E 385 30.33 42.96 -32.85
N ASP E 386 29.65 43.75 -33.68
CA ASP E 386 28.97 44.96 -33.25
C ASP E 386 27.45 44.79 -33.22
N ILE E 387 26.97 43.61 -32.86
CA ILE E 387 25.54 43.34 -32.76
C ILE E 387 25.00 43.93 -31.47
N LYS E 388 23.69 44.14 -31.42
CA LYS E 388 23.08 44.88 -30.32
C LYS E 388 22.78 44.04 -29.09
N GLY E 389 21.89 43.06 -29.23
CA GLY E 389 21.47 42.29 -28.07
C GLY E 389 22.13 40.94 -27.95
N MET E 390 22.73 40.44 -29.03
CA MET E 390 23.40 39.16 -29.02
C MET E 390 24.85 39.34 -28.60
N SER E 391 25.58 38.23 -28.49
CA SER E 391 26.97 38.28 -28.06
C SER E 391 27.66 37.00 -28.49
N LEU E 392 28.70 37.12 -29.31
CA LEU E 392 29.48 35.98 -29.77
C LEU E 392 30.16 35.31 -28.60
N THR E 393 29.66 34.14 -28.19
CA THR E 393 30.21 33.41 -27.07
C THR E 393 30.87 32.10 -27.48
N SER E 394 31.33 32.00 -28.71
CA SER E 394 32.03 30.81 -29.19
C SER E 394 33.53 31.07 -29.16
N ASN E 395 34.32 30.07 -29.54
CA ASN E 395 35.75 30.27 -29.74
C ASN E 395 35.92 30.98 -31.08
N ARG E 396 37.13 31.40 -31.40
CA ARG E 396 37.37 32.23 -32.57
C ARG E 396 37.66 31.35 -33.78
N GLU E 397 37.84 30.05 -33.56
CA GLU E 397 38.23 29.14 -34.62
C GLU E 397 37.23 28.03 -34.90
N SER E 398 36.34 27.72 -33.98
CA SER E 398 35.36 26.68 -34.24
C SER E 398 34.39 27.14 -35.31
N PRO E 399 34.03 26.26 -36.25
CA PRO E 399 33.10 26.67 -37.30
C PRO E 399 31.66 26.56 -36.86
N ILE E 400 31.36 26.98 -35.63
CA ILE E 400 30.00 27.07 -35.13
C ILE E 400 29.86 28.42 -34.46
N VAL E 401 29.41 29.42 -35.21
CA VAL E 401 29.34 30.78 -34.67
C VAL E 401 28.13 30.90 -33.78
N PHE E 402 28.33 30.77 -32.47
CA PHE E 402 27.25 30.87 -31.51
C PHE E 402 26.88 32.33 -31.27
N LEU E 403 25.67 32.54 -30.74
CA LEU E 403 25.18 33.89 -30.43
C LEU E 403 24.23 33.79 -29.24
N LYS E 404 24.78 33.97 -28.04
CA LYS E 404 23.95 33.97 -26.85
C LYS E 404 23.15 35.25 -26.77
N LEU E 405 21.91 35.16 -26.29
CA LEU E 405 21.10 36.37 -26.12
C LEU E 405 21.46 37.01 -24.79
N GLU E 406 21.75 38.31 -24.82
CA GLU E 406 22.08 39.01 -23.58
C GLU E 406 20.80 39.54 -22.93
N LYS E 407 20.84 39.69 -21.61
CA LYS E 407 19.70 40.21 -20.86
C LYS E 407 18.47 39.34 -21.11
N SER E 408 18.51 38.11 -20.62
CA SER E 408 17.42 37.14 -20.79
C SER E 408 16.06 37.78 -20.56
N SER E 409 15.16 37.61 -21.52
CA SER E 409 13.88 38.30 -21.53
C SER E 409 12.94 37.75 -20.45
N GLY E 410 13.31 36.64 -19.82
CA GLY E 410 12.50 36.06 -18.78
C GLY E 410 12.90 34.64 -18.46
N SER E 411 11.93 33.75 -18.37
CA SER E 411 12.19 32.34 -18.14
C SER E 411 12.68 31.67 -19.42
N ALA E 412 13.38 30.55 -19.26
CA ALA E 412 13.95 29.85 -20.40
C ALA E 412 12.85 29.40 -21.35
N LYS E 413 11.72 28.97 -20.80
CA LYS E 413 10.58 28.57 -21.62
C LYS E 413 10.20 29.68 -22.59
N ASP E 414 10.12 30.92 -22.10
CA ASP E 414 9.76 32.03 -22.96
C ASP E 414 10.85 32.33 -23.97
N ASP E 415 12.12 32.23 -23.55
CA ASP E 415 13.23 32.55 -24.43
C ASP E 415 13.27 31.59 -25.62
N LEU E 416 12.79 30.36 -25.42
CA LEU E 416 12.81 29.41 -26.52
C LEU E 416 11.93 29.87 -27.68
N LEU E 417 10.68 30.26 -27.40
CA LEU E 417 9.82 30.77 -28.47
C LEU E 417 10.33 32.10 -29.00
N LEU E 418 10.90 32.94 -28.12
CA LEU E 418 11.47 34.19 -28.59
C LEU E 418 12.53 33.93 -29.65
N LEU E 419 13.39 32.94 -29.42
CA LEU E 419 14.40 32.62 -30.43
C LEU E 419 13.77 31.94 -31.64
N GLU E 420 12.71 31.16 -31.43
CA GLU E 420 12.07 30.45 -32.53
C GLU E 420 11.53 31.42 -33.57
N LYS E 421 10.81 32.46 -33.13
CA LYS E 421 10.24 33.40 -34.08
C LYS E 421 11.32 34.20 -34.80
N MET E 422 12.39 34.56 -34.09
CA MET E 422 13.50 35.24 -34.74
C MET E 422 14.14 34.37 -35.81
N ALA E 423 14.24 33.06 -35.56
CA ALA E 423 14.73 32.13 -36.56
C ALA E 423 13.75 31.96 -37.72
N ASP E 424 12.45 32.01 -37.46
CA ASP E 424 11.45 31.87 -38.51
C ASP E 424 11.48 33.05 -39.47
N ARG E 425 11.56 34.26 -38.94
CA ARG E 425 11.53 35.46 -39.76
C ARG E 425 12.81 35.67 -40.57
N ALA E 426 13.88 34.97 -40.25
CA ALA E 426 15.09 35.09 -41.06
C ALA E 426 14.94 34.40 -42.40
N LEU E 427 14.10 33.37 -42.47
CA LEU E 427 13.90 32.65 -43.71
C LEU E 427 12.80 33.25 -44.59
N LYS E 428 11.62 33.42 -43.99
CA LYS E 428 10.45 33.96 -44.67
C LYS E 428 10.65 35.27 -45.43
N GLU E 429 11.42 36.19 -44.85
CA GLU E 429 11.63 37.50 -45.46
C GLU E 429 12.80 37.63 -46.43
N ASP E 430 14.00 37.39 -45.94
CA ASP E 430 15.22 37.54 -46.73
C ASP E 430 16.00 36.25 -46.93
N SER E 431 15.32 35.10 -46.89
CA SER E 431 15.89 33.84 -47.38
C SER E 431 17.16 33.41 -46.66
N LEU E 432 17.05 33.03 -45.39
CA LEU E 432 18.21 32.59 -44.64
C LEU E 432 17.82 31.47 -43.68
N LEU E 433 18.52 30.35 -43.74
CA LEU E 433 18.33 29.26 -42.78
C LEU E 433 19.33 29.40 -41.65
N VAL E 434 18.86 29.38 -40.41
CA VAL E 434 19.73 29.31 -39.25
C VAL E 434 19.13 28.31 -38.27
N VAL E 435 19.87 28.04 -37.20
CA VAL E 435 19.49 27.03 -36.22
C VAL E 435 19.23 27.73 -34.89
N SER E 436 18.28 27.22 -34.13
CA SER E 436 18.03 27.70 -32.79
C SER E 436 18.03 26.53 -31.82
N SER E 437 18.45 26.80 -30.59
CA SER E 437 18.59 25.74 -29.60
C SER E 437 17.25 25.10 -29.31
N LYS E 438 17.10 23.83 -29.69
CA LYS E 438 15.89 23.07 -29.40
C LYS E 438 16.20 22.04 -28.33
N ARG E 439 15.92 22.43 -27.09
CA ARG E 439 16.14 21.54 -25.96
C ARG E 439 14.95 20.59 -25.81
N SER E 440 15.20 19.41 -25.25
CA SER E 440 14.16 18.46 -24.92
C SER E 440 13.92 18.48 -23.42
N PHE E 441 12.91 17.76 -22.96
CA PHE E 441 12.72 17.64 -21.52
C PHE E 441 13.51 16.49 -20.93
N LEU E 442 14.13 15.67 -21.78
CA LEU E 442 15.01 14.60 -21.34
C LEU E 442 16.45 15.06 -21.23
N ASP E 443 16.80 16.15 -21.93
CA ASP E 443 18.12 16.72 -21.83
C ASP E 443 18.34 17.32 -20.44
N LYS E 444 19.60 17.33 -20.01
CA LYS E 444 19.97 17.88 -18.70
C LYS E 444 20.96 19.03 -18.81
N CYS E 445 21.32 19.43 -20.03
CA CYS E 445 22.21 20.56 -20.21
C CYS E 445 21.51 21.85 -19.79
N ARG E 446 22.27 22.75 -19.19
CA ARG E 446 21.71 24.00 -18.69
C ARG E 446 22.47 25.21 -19.19
N LEU E 447 23.24 25.05 -20.26
CA LEU E 447 23.97 26.15 -20.85
C LEU E 447 23.00 27.15 -21.46
N PRO E 448 23.44 28.38 -21.70
CA PRO E 448 22.55 29.36 -22.32
C PRO E 448 22.13 28.95 -23.72
N VAL E 449 20.90 29.33 -24.10
CA VAL E 449 20.38 29.06 -25.43
C VAL E 449 20.87 30.13 -26.38
N GLY E 450 20.68 29.93 -27.68
CA GLY E 450 21.20 30.89 -28.64
C GLY E 450 20.88 30.45 -30.06
N ILE E 451 21.62 31.04 -30.99
CA ILE E 451 21.45 30.76 -32.41
C ILE E 451 22.81 30.47 -33.04
N LYS E 452 22.89 29.35 -33.76
CA LYS E 452 24.14 28.86 -34.34
C LYS E 452 24.17 29.13 -35.83
N LEU E 453 25.35 29.00 -36.42
CA LEU E 453 25.55 29.17 -37.85
C LEU E 453 26.71 28.28 -38.29
N TYR E 454 26.40 27.17 -38.92
CA TYR E 454 27.43 26.21 -39.33
C TYR E 454 28.07 26.72 -40.60
N VAL E 455 29.17 27.44 -40.45
CA VAL E 455 29.89 27.94 -41.61
C VAL E 455 30.54 26.77 -42.36
N SER E 456 30.60 26.89 -43.68
CA SER E 456 31.24 25.88 -44.52
C SER E 456 32.43 26.50 -45.22
N ALA E 457 33.08 25.71 -46.07
CA ALA E 457 34.19 26.16 -46.88
C ALA E 457 33.78 26.45 -48.31
N GLY E 458 32.49 26.50 -48.58
CA GLY E 458 32.01 26.74 -49.93
C GLY E 458 31.17 27.99 -50.02
N HIS E 459 31.01 28.68 -48.89
CA HIS E 459 30.26 29.91 -48.88
C HIS E 459 30.99 31.00 -49.67
N SER E 460 30.21 31.89 -50.26
CA SER E 460 30.77 32.99 -51.03
C SER E 460 31.10 34.14 -50.07
N GLU E 461 31.57 35.26 -50.61
CA GLU E 461 31.84 36.44 -49.80
C GLU E 461 30.63 37.36 -49.70
N SER E 462 29.62 37.17 -50.56
CA SER E 462 28.42 38.00 -50.52
C SER E 462 27.37 37.43 -49.58
N ASP E 463 27.07 36.14 -49.69
CA ASP E 463 26.16 35.49 -48.76
C ASP E 463 26.67 35.51 -47.33
N LEU E 464 27.99 35.49 -47.15
CA LEU E 464 28.56 35.46 -45.82
C LEU E 464 28.30 36.77 -45.07
N LEU E 465 28.38 37.91 -45.76
CA LEU E 465 28.01 39.18 -45.16
C LEU E 465 26.50 39.44 -45.17
N LYS E 466 25.79 38.87 -46.14
CA LYS E 466 24.32 38.89 -46.12
C LYS E 466 23.77 38.19 -44.89
N ALA E 467 24.47 37.19 -44.37
CA ALA E 467 24.11 36.55 -43.11
C ALA E 467 24.37 37.43 -41.91
N SER E 468 25.26 38.41 -42.02
CA SER E 468 25.55 39.27 -40.88
C SER E 468 24.59 40.45 -40.81
N GLU E 469 24.38 41.13 -41.96
CA GLU E 469 23.48 42.27 -41.96
C GLU E 469 22.07 41.87 -41.56
N SER E 470 21.60 40.75 -42.09
CA SER E 470 20.26 40.27 -41.79
C SER E 470 20.10 39.88 -40.32
N LEU E 471 21.14 39.38 -39.68
CA LEU E 471 21.03 39.11 -38.26
C LEU E 471 21.08 40.39 -37.42
N LYS E 472 21.93 41.35 -37.80
CA LYS E 472 22.02 42.59 -37.03
C LYS E 472 20.70 43.35 -37.06
N ARG E 473 20.08 43.47 -38.24
CA ARG E 473 18.83 44.21 -38.34
C ARG E 473 17.73 43.56 -37.51
N LEU E 474 17.56 42.24 -37.67
CA LEU E 474 16.49 41.55 -36.96
C LEU E 474 16.71 41.56 -35.45
N ALA E 475 17.96 41.39 -35.01
CA ALA E 475 18.25 41.45 -33.59
C ALA E 475 18.01 42.83 -33.04
N SER E 476 18.34 43.87 -33.80
CA SER E 476 18.13 45.24 -33.35
C SER E 476 16.65 45.55 -33.19
N GLU E 477 15.87 45.27 -34.23
CA GLU E 477 14.44 45.59 -34.24
C GLU E 477 13.51 44.61 -33.53
N LEU E 478 14.04 43.76 -32.67
CA LEU E 478 13.15 42.84 -31.95
C LEU E 478 13.50 42.78 -30.47
N LEU E 479 14.78 42.88 -30.14
CA LEU E 479 15.22 42.62 -28.78
C LEU E 479 15.25 43.88 -27.93
N LEU E 480 16.02 44.87 -28.34
CA LEU E 480 16.14 46.11 -27.58
C LEU E 480 14.85 46.92 -27.61
N MET F 1 7.98 -25.52 -23.12
CA MET F 1 7.80 -24.82 -24.39
C MET F 1 8.69 -25.45 -25.45
N ILE F 2 9.73 -26.17 -25.02
CA ILE F 2 10.60 -26.92 -25.92
C ILE F 2 10.76 -28.31 -25.33
N THR F 3 10.47 -29.34 -26.12
CA THR F 3 10.66 -30.70 -25.67
C THR F 3 12.11 -31.11 -25.84
N ILE F 4 12.75 -31.51 -24.74
CA ILE F 4 14.18 -31.81 -24.70
C ILE F 4 14.35 -33.29 -24.41
N PRO F 5 15.00 -34.06 -25.28
CA PRO F 5 15.30 -35.46 -24.93
C PRO F 5 16.16 -35.51 -23.69
N TYR F 6 15.79 -36.39 -22.76
CA TYR F 6 16.45 -36.39 -21.45
C TYR F 6 17.91 -36.82 -21.56
N LEU F 7 18.20 -37.80 -22.41
CA LEU F 7 19.57 -38.28 -22.51
C LEU F 7 20.50 -37.25 -23.12
N THR F 8 19.96 -36.28 -23.87
CA THR F 8 20.75 -35.20 -24.45
C THR F 8 20.90 -34.02 -23.51
N ALA F 9 19.95 -33.81 -22.60
CA ALA F 9 20.11 -32.81 -21.55
C ALA F 9 21.20 -33.17 -20.56
N VAL F 10 21.67 -34.41 -20.57
CA VAL F 10 22.72 -34.85 -19.66
C VAL F 10 24.10 -34.77 -20.28
N SER F 11 24.25 -35.09 -21.56
CA SER F 11 25.54 -34.98 -22.21
C SER F 11 25.85 -33.57 -22.68
N THR F 12 24.94 -32.62 -22.47
CA THR F 12 25.20 -31.20 -22.69
C THR F 12 25.83 -30.55 -21.47
N TYR F 13 25.24 -30.77 -20.30
CA TYR F 13 25.85 -30.26 -19.08
C TYR F 13 27.23 -30.82 -18.87
N PHE F 14 27.42 -32.09 -19.17
CA PHE F 14 28.74 -32.70 -19.11
C PHE F 14 29.71 -32.04 -20.08
N SER F 15 29.28 -31.74 -21.29
CA SER F 15 30.13 -31.06 -22.26
C SER F 15 30.50 -29.66 -21.84
N TYR F 16 29.58 -28.92 -21.23
CA TYR F 16 29.90 -27.58 -20.75
C TYR F 16 30.78 -27.59 -19.52
N GLY F 17 30.56 -28.52 -18.59
CA GLY F 17 31.43 -28.63 -17.44
C GLY F 17 32.85 -28.98 -17.76
N LEU F 18 33.07 -29.81 -18.78
CA LEU F 18 34.42 -30.13 -19.21
C LEU F 18 35.14 -28.90 -19.77
N LEU F 19 34.45 -28.08 -20.55
CA LEU F 19 35.00 -26.82 -21.03
C LEU F 19 35.33 -25.88 -19.87
N PHE F 20 34.42 -25.76 -18.90
CA PHE F 20 34.67 -24.96 -17.72
C PHE F 20 35.90 -25.43 -16.96
N ALA F 21 36.02 -26.74 -16.75
CA ALA F 21 37.14 -27.28 -15.99
C ALA F 21 38.46 -27.08 -16.71
N PHE F 22 38.53 -27.31 -18.01
CA PHE F 22 39.79 -27.04 -18.70
C PHE F 22 40.10 -25.56 -18.78
N GLY F 23 39.08 -24.71 -18.89
CA GLY F 23 39.32 -23.28 -18.93
C GLY F 23 39.86 -22.73 -17.64
N GLN F 24 39.30 -23.13 -16.50
CA GLN F 24 39.83 -22.65 -15.23
C GLN F 24 41.26 -23.12 -15.04
N LEU F 25 41.54 -24.38 -15.37
CA LEU F 25 42.90 -24.91 -15.27
C LEU F 25 43.86 -24.10 -16.11
N ARG F 26 43.53 -23.84 -17.38
CA ARG F 26 44.43 -23.09 -18.23
C ARG F 26 44.58 -21.64 -17.79
N ASP F 27 43.53 -21.00 -17.30
CA ASP F 27 43.63 -19.63 -16.82
C ASP F 27 44.41 -19.54 -15.52
N PHE F 28 44.51 -20.63 -14.77
CA PHE F 28 45.30 -20.64 -13.56
C PHE F 28 46.79 -20.73 -13.82
N PHE F 29 47.21 -21.08 -15.05
CA PHE F 29 48.62 -21.13 -15.41
C PHE F 29 49.07 -19.94 -16.25
N ARG F 30 48.19 -18.95 -16.36
CA ARG F 30 48.47 -17.71 -17.04
C ARG F 30 48.69 -16.65 -15.96
N ARG F 31 47.90 -16.72 -14.89
CA ARG F 31 48.03 -15.78 -13.78
C ARG F 31 49.37 -15.90 -13.08
N PHE F 32 50.04 -17.03 -13.20
CA PHE F 32 51.34 -17.19 -12.58
C PHE F 32 52.49 -17.03 -13.57
N ILE F 33 52.20 -16.71 -14.83
CA ILE F 33 53.22 -16.44 -15.83
C ILE F 33 53.23 -14.99 -16.26
N ASP F 34 52.34 -14.17 -15.72
CA ASP F 34 52.30 -12.75 -16.04
C ASP F 34 53.36 -11.95 -15.29
N TRP F 35 54.15 -12.61 -14.44
CA TRP F 35 55.27 -11.93 -13.79
C TRP F 35 56.24 -11.36 -14.80
N TRP F 36 56.30 -11.94 -16.00
CA TRP F 36 57.23 -11.50 -17.02
C TRP F 36 56.48 -10.87 -18.20
N GLN F 42 50.44 1.52 -17.99
CA GLN F 42 51.69 2.05 -17.43
C GLN F 42 51.45 2.53 -16.00
N GLY F 43 50.38 2.02 -15.40
CA GLY F 43 49.99 2.43 -14.06
C GLY F 43 48.48 2.52 -13.93
N TYR F 44 47.80 2.67 -15.06
CA TYR F 44 46.34 2.70 -15.08
C TYR F 44 45.77 1.32 -14.80
N ALA F 45 44.52 1.30 -14.38
CA ALA F 45 43.81 0.06 -14.17
C ALA F 45 43.60 -0.66 -15.49
N PRO F 46 43.49 -1.98 -15.48
CA PRO F 46 43.32 -2.72 -16.73
C PRO F 46 42.03 -2.35 -17.43
N ILE F 47 42.05 -2.45 -18.77
CA ILE F 47 40.86 -2.16 -19.56
C ILE F 47 39.73 -3.08 -19.18
N CYS F 48 40.03 -4.35 -18.90
CA CYS F 48 39.04 -5.33 -18.50
C CYS F 48 39.62 -6.19 -17.39
N LEU F 49 38.82 -6.49 -16.38
CA LEU F 49 39.27 -7.32 -15.26
C LEU F 49 39.77 -8.66 -15.77
N GLY F 50 40.04 -9.59 -14.86
CA GLY F 50 40.50 -10.91 -15.27
C GLY F 50 39.39 -11.81 -15.78
N HIS F 51 38.22 -11.74 -15.15
CA HIS F 51 37.24 -12.82 -15.24
C HIS F 51 35.83 -12.34 -15.57
N GLU F 52 35.75 -11.40 -16.51
CA GLU F 52 34.49 -10.87 -16.98
C GLU F 52 34.26 -11.30 -18.43
N ASP F 53 35.31 -11.83 -19.04
CA ASP F 53 35.25 -12.30 -20.42
C ASP F 53 35.79 -13.72 -20.49
N PHE F 54 35.41 -14.55 -19.52
CA PHE F 54 35.91 -15.92 -19.50
C PHE F 54 35.42 -16.70 -20.70
N TYR F 55 34.12 -16.61 -21.02
CA TYR F 55 33.54 -17.34 -22.13
C TYR F 55 33.82 -16.69 -23.47
N ILE F 56 34.35 -15.49 -23.49
CA ILE F 56 34.81 -14.88 -24.72
C ILE F 56 36.14 -15.45 -25.18
N ARG F 57 37.09 -15.68 -24.27
CA ARG F 57 38.39 -16.19 -24.65
C ARG F 57 38.56 -17.68 -24.45
N ARG F 58 37.66 -18.35 -23.74
CA ARG F 58 37.79 -19.78 -23.51
C ARG F 58 36.69 -20.60 -24.19
N LEU F 59 35.69 -19.95 -24.77
CA LEU F 59 34.68 -20.69 -25.50
C LEU F 59 34.48 -20.14 -26.90
N TYR F 60 34.51 -18.82 -27.04
CA TYR F 60 34.29 -18.21 -28.35
C TYR F 60 35.49 -18.34 -29.26
N HIS F 61 36.70 -18.16 -28.73
CA HIS F 61 37.89 -18.23 -29.57
C HIS F 61 38.13 -19.61 -30.13
N ARG F 62 37.53 -20.64 -29.54
CA ARG F 62 37.68 -21.99 -30.07
C ARG F 62 36.91 -22.18 -31.38
N ILE F 63 35.86 -21.38 -31.60
CA ILE F 63 35.01 -21.54 -32.76
C ILE F 63 34.84 -20.23 -33.51
N GLN F 64 35.82 -19.34 -33.40
CA GLN F 64 35.70 -18.00 -33.95
C GLN F 64 35.67 -17.96 -35.46
N ASP F 65 35.82 -19.09 -36.14
CA ASP F 65 35.79 -19.11 -37.60
C ASP F 65 34.41 -19.42 -38.14
N CYS F 66 33.42 -19.53 -37.28
CA CYS F 66 32.03 -19.68 -37.69
C CYS F 66 31.27 -18.36 -37.68
N PHE F 67 31.95 -17.25 -37.39
CA PHE F 67 31.32 -15.94 -37.29
C PHE F 67 32.12 -14.94 -38.10
N GLU F 68 31.48 -13.82 -38.40
CA GLU F 68 32.11 -12.69 -39.10
C GLU F 68 32.74 -13.12 -40.41
N ARG F 69 32.03 -13.92 -41.17
CA ARG F 69 32.53 -14.33 -42.48
C ARG F 69 32.34 -13.20 -43.47
N PRO F 70 33.39 -12.69 -44.09
CA PRO F 70 33.24 -11.58 -45.02
C PRO F 70 32.86 -12.04 -46.41
N ILE F 71 31.87 -11.37 -47.00
CA ILE F 71 31.41 -11.69 -48.34
C ILE F 71 31.74 -10.51 -49.25
N SER F 72 31.79 -10.79 -50.55
CA SER F 72 32.18 -9.78 -51.52
C SER F 72 31.20 -9.74 -52.68
N SER F 73 29.91 -9.82 -52.38
CA SER F 73 28.87 -9.80 -53.39
C SER F 73 27.58 -9.32 -52.74
N ALA F 74 26.61 -9.00 -53.57
CA ALA F 74 25.34 -8.51 -53.06
C ALA F 74 24.65 -9.59 -52.24
N PRO F 75 23.88 -9.23 -51.23
CA PRO F 75 23.20 -10.24 -50.42
C PRO F 75 22.09 -10.91 -51.21
N ASP F 76 22.46 -11.84 -52.08
CA ASP F 76 21.52 -12.44 -53.01
C ASP F 76 21.33 -13.91 -52.66
N ALA F 77 20.62 -14.67 -53.48
CA ALA F 77 20.47 -16.10 -53.22
C ALA F 77 21.80 -16.84 -53.29
N TRP F 78 22.73 -16.36 -54.11
CA TRP F 78 24.07 -16.92 -54.20
C TRP F 78 25.07 -15.77 -54.05
N PHE F 79 25.99 -15.89 -53.10
CA PHE F 79 27.06 -14.91 -52.98
C PHE F 79 28.42 -15.57 -52.90
N ASP F 80 29.45 -14.73 -52.79
CA ASP F 80 30.84 -15.16 -52.74
C ASP F 80 31.37 -14.94 -51.34
N VAL F 81 31.98 -15.98 -50.76
CA VAL F 81 32.49 -15.92 -49.40
C VAL F 81 34.01 -15.94 -49.46
N VAL F 82 34.63 -14.99 -48.77
CA VAL F 82 36.08 -14.88 -48.78
C VAL F 82 36.68 -15.87 -47.79
N GLU F 83 37.82 -16.45 -48.15
CA GLU F 83 38.51 -17.42 -47.29
C GLU F 83 39.54 -16.72 -46.42
N ARG F 84 39.68 -17.21 -45.19
CA ARG F 84 40.56 -16.62 -44.19
C ARG F 84 41.53 -17.66 -43.66
N TYR F 85 42.78 -17.26 -43.45
CA TYR F 85 43.76 -18.11 -42.80
C TYR F 85 44.17 -17.52 -41.46
N SER F 86 44.98 -18.26 -40.71
CA SER F 86 45.44 -17.80 -39.41
C SER F 86 46.80 -17.13 -39.45
N ASN F 87 47.82 -17.85 -39.92
CA ASN F 87 49.18 -17.35 -40.15
C ASN F 87 49.94 -17.13 -38.84
N ASP F 88 49.25 -17.18 -37.70
CA ASP F 88 49.93 -17.11 -36.41
C ASP F 88 49.29 -18.04 -35.37
N ASN F 89 48.97 -19.26 -35.80
CA ASN F 89 48.34 -20.26 -34.94
C ASN F 89 47.01 -19.77 -34.38
N ASN F 90 46.11 -19.34 -35.26
CA ASN F 90 44.72 -19.07 -34.91
C ASN F 90 44.56 -18.03 -33.81
N LYS F 91 45.01 -16.81 -34.07
CA LYS F 91 44.79 -15.72 -33.12
C LYS F 91 44.14 -14.53 -33.82
N THR F 92 44.54 -14.28 -35.09
CA THR F 92 44.03 -13.16 -35.88
C THR F 92 43.86 -13.65 -37.32
N LEU F 93 42.61 -13.92 -37.70
CA LEU F 93 42.33 -14.38 -39.05
C LEU F 93 42.45 -13.22 -40.04
N LYS F 94 43.09 -13.47 -41.18
CA LYS F 94 43.22 -12.50 -42.24
C LYS F 94 42.61 -13.06 -43.52
N ARG F 95 42.16 -12.17 -44.40
CA ARG F 95 41.43 -12.59 -45.58
C ARG F 95 42.36 -12.74 -46.78
N THR F 96 42.08 -13.77 -47.59
CA THR F 96 42.83 -14.05 -48.80
C THR F 96 42.19 -13.36 -49.99
N THR F 97 42.60 -13.74 -51.20
CA THR F 97 41.88 -13.38 -52.42
C THR F 97 40.92 -14.48 -52.88
N LYS F 98 41.13 -15.72 -52.46
CA LYS F 98 40.26 -16.82 -52.87
C LYS F 98 38.83 -16.59 -52.37
N THR F 99 37.87 -17.03 -53.16
CA THR F 99 36.45 -16.93 -52.81
C THR F 99 35.76 -18.27 -53.06
N SER F 100 34.49 -18.33 -52.73
CA SER F 100 33.63 -19.48 -52.97
C SER F 100 32.35 -19.02 -53.62
N ARG F 101 31.37 -19.91 -53.71
CA ARG F 101 30.04 -19.58 -54.22
C ARG F 101 29.04 -20.46 -53.49
N CYS F 102 28.47 -19.94 -52.42
CA CYS F 102 27.61 -20.71 -51.54
C CYS F 102 26.16 -20.30 -51.71
N LEU F 103 25.27 -21.08 -51.10
CA LEU F 103 23.84 -20.80 -51.11
C LEU F 103 23.52 -19.96 -49.88
N ASN F 104 22.96 -18.79 -50.11
CA ASN F 104 22.62 -17.87 -49.04
C ASN F 104 21.42 -18.32 -48.23
N LEU F 105 21.67 -18.71 -46.98
CA LEU F 105 20.61 -19.15 -46.08
C LEU F 105 20.78 -18.48 -44.72
N GLY F 106 21.57 -17.42 -44.69
CA GLY F 106 21.82 -16.70 -43.45
C GLY F 106 21.60 -15.21 -43.49
N SER F 107 20.97 -14.72 -44.55
CA SER F 107 20.70 -13.29 -44.67
C SER F 107 19.28 -12.99 -44.18
N TYR F 108 18.64 -11.96 -44.72
CA TYR F 108 17.30 -11.64 -44.26
C TYR F 108 16.33 -11.19 -45.35
N ASN F 109 16.84 -10.82 -46.52
CA ASN F 109 15.97 -10.35 -47.60
C ASN F 109 14.89 -11.37 -47.94
N TYR F 110 13.74 -11.24 -47.29
CA TYR F 110 12.62 -12.15 -47.53
C TYR F 110 12.05 -12.02 -48.92
N LEU F 111 11.63 -10.81 -49.27
CA LEU F 111 11.01 -10.56 -50.57
C LEU F 111 12.02 -10.39 -51.71
N GLY F 112 13.30 -10.63 -51.46
CA GLY F 112 14.27 -10.49 -52.52
C GLY F 112 14.42 -9.07 -53.03
N PHE F 113 14.47 -8.10 -52.11
CA PHE F 113 14.70 -6.71 -52.48
C PHE F 113 16.15 -6.28 -52.33
N GLY F 114 16.97 -7.05 -51.64
CA GLY F 114 18.37 -6.72 -51.51
C GLY F 114 19.19 -7.11 -52.72
N SER F 115 18.81 -6.60 -53.88
CA SER F 115 19.45 -6.99 -55.13
C SER F 115 19.37 -5.85 -56.13
N PHE F 116 19.56 -6.17 -57.42
CA PHE F 116 19.37 -5.18 -58.48
C PHE F 116 18.07 -5.58 -59.21
N ASP F 117 16.98 -4.92 -58.85
CA ASP F 117 15.72 -5.10 -59.56
C ASP F 117 15.37 -3.86 -60.35
N GLU F 118 14.68 -4.06 -61.47
CA GLU F 118 14.53 -2.99 -62.44
C GLU F 118 13.27 -2.16 -62.24
N TYR F 119 12.98 -1.76 -61.01
CA TYR F 119 12.01 -0.69 -60.79
C TYR F 119 12.50 0.25 -59.71
N CYS F 120 13.36 -0.25 -58.83
CA CYS F 120 13.81 0.49 -57.67
C CYS F 120 15.20 1.08 -57.85
N THR F 121 16.16 0.29 -58.30
CA THR F 121 17.53 0.79 -58.45
C THR F 121 17.63 1.95 -59.44
N PRO F 122 17.00 1.90 -60.62
CA PRO F 122 17.04 3.09 -61.48
C PRO F 122 16.44 4.33 -60.85
N ARG F 123 15.41 4.19 -60.03
CA ARG F 123 14.85 5.36 -59.37
C ARG F 123 15.75 5.87 -58.25
N VAL F 124 16.34 4.97 -57.48
CA VAL F 124 17.24 5.36 -56.40
C VAL F 124 18.50 6.04 -56.93
N ILE F 125 19.10 5.51 -58.00
CA ILE F 125 20.26 6.17 -58.60
C ILE F 125 19.91 7.59 -59.07
N GLU F 126 18.74 7.79 -59.65
CA GLU F 126 18.32 9.13 -60.01
C GLU F 126 18.07 10.02 -58.82
N SER F 127 17.53 9.50 -57.73
CA SER F 127 17.34 10.27 -56.51
C SER F 127 18.63 10.46 -55.74
N LEU F 128 19.71 9.80 -56.14
CA LEU F 128 21.03 10.08 -55.60
C LEU F 128 21.70 11.28 -56.24
N LYS F 129 21.91 11.26 -57.54
CA LYS F 129 22.62 12.30 -58.25
C LYS F 129 21.87 13.62 -58.25
N LYS F 130 20.73 13.68 -57.59
CA LYS F 130 20.00 14.93 -57.40
C LYS F 130 19.99 15.35 -55.94
N PHE F 131 20.46 14.52 -55.01
CA PHE F 131 20.39 14.86 -53.60
C PHE F 131 21.66 14.57 -52.79
N SER F 132 22.65 13.97 -53.43
CA SER F 132 23.93 13.65 -52.81
C SER F 132 23.85 12.97 -51.45
N ALA F 133 23.89 11.64 -51.48
CA ALA F 133 23.84 10.82 -50.27
C ALA F 133 22.77 11.25 -49.27
N SER F 134 23.17 12.05 -48.29
CA SER F 134 22.25 12.52 -47.28
C SER F 134 22.60 13.92 -46.81
N THR F 135 21.61 14.61 -46.24
CA THR F 135 21.82 15.95 -45.72
C THR F 135 22.63 15.86 -44.43
N CYS F 136 23.39 16.89 -44.12
CA CYS F 136 24.21 16.87 -42.92
C CYS F 136 23.53 17.52 -41.71
N SER F 137 22.25 17.84 -41.86
CA SER F 137 21.51 18.45 -40.75
C SER F 137 20.47 17.48 -40.25
N SER F 138 19.85 17.83 -39.12
CA SER F 138 18.76 17.03 -38.59
C SER F 138 17.46 17.38 -39.29
N ARG F 139 16.38 16.75 -38.87
CA ARG F 139 15.12 16.90 -39.59
C ARG F 139 14.36 18.16 -39.21
N VAL F 140 14.63 18.74 -38.05
CA VAL F 140 13.94 19.96 -37.64
C VAL F 140 14.65 21.22 -38.10
N ASP F 141 15.79 21.11 -38.78
CA ASP F 141 16.50 22.28 -39.26
C ASP F 141 16.58 22.35 -40.78
N ALA F 142 17.24 21.38 -41.42
CA ALA F 142 17.32 21.41 -42.88
C ALA F 142 17.31 20.02 -43.50
N GLY F 143 16.94 18.99 -42.77
CA GLY F 143 17.04 17.64 -43.27
C GLY F 143 15.72 17.03 -43.68
N THR F 144 14.69 17.85 -43.83
CA THR F 144 13.37 17.38 -44.25
C THR F 144 13.23 17.69 -45.73
N THR F 145 13.82 16.87 -46.58
CA THR F 145 13.67 17.04 -48.01
C THR F 145 12.25 16.69 -48.44
N SER F 146 11.98 16.80 -49.73
CA SER F 146 10.69 16.39 -50.24
C SER F 146 10.49 14.88 -50.13
N VAL F 147 11.55 14.11 -50.42
CA VAL F 147 11.51 12.66 -50.29
C VAL F 147 11.19 12.20 -48.88
N HIS F 148 11.60 12.94 -47.87
CA HIS F 148 11.27 12.60 -46.50
C HIS F 148 9.82 12.89 -46.15
N ALA F 149 9.18 13.81 -46.87
CA ALA F 149 7.77 14.10 -46.65
C ALA F 149 6.87 13.18 -47.45
N GLU F 150 7.31 12.74 -48.61
CA GLU F 150 6.56 11.77 -49.41
C GLU F 150 6.59 10.38 -48.80
N LEU F 151 7.69 9.98 -48.18
CA LEU F 151 7.82 8.67 -47.56
C LEU F 151 6.98 8.50 -46.31
N GLU F 152 6.75 9.55 -45.54
CA GLU F 152 5.93 9.42 -44.35
C GLU F 152 4.46 9.33 -44.67
N GLU F 153 4.08 9.49 -45.94
CA GLU F 153 2.72 9.20 -46.39
C GLU F 153 2.55 7.77 -46.85
N CYS F 154 3.54 7.22 -47.57
CA CYS F 154 3.48 5.82 -47.97
C CYS F 154 3.41 4.89 -46.77
N VAL F 155 4.17 5.18 -45.73
CA VAL F 155 4.13 4.36 -44.53
C VAL F 155 2.78 4.43 -43.83
N THR F 156 2.18 5.61 -43.75
CA THR F 156 0.84 5.70 -43.16
C THR F 156 -0.20 4.96 -44.00
N ARG F 157 -0.10 5.05 -45.32
CA ARG F 157 -1.02 4.31 -46.18
C ARG F 157 -0.84 2.80 -46.02
N PHE F 158 0.40 2.35 -45.93
CA PHE F 158 0.69 0.92 -45.82
C PHE F 158 0.27 0.37 -44.46
N VAL F 159 0.85 0.89 -43.40
CA VAL F 159 0.62 0.33 -42.06
C VAL F 159 -0.83 0.42 -41.68
N GLY F 160 -1.46 1.58 -41.91
CA GLY F 160 -2.88 1.78 -41.73
C GLY F 160 -3.24 2.81 -40.67
N LYS F 161 -2.32 3.13 -39.79
CA LYS F 161 -2.60 4.07 -38.72
C LYS F 161 -2.46 5.51 -39.19
N PRO F 162 -3.06 6.48 -38.48
CA PRO F 162 -3.14 7.85 -39.00
C PRO F 162 -1.81 8.52 -39.32
N ALA F 163 -0.76 8.34 -38.53
CA ALA F 163 0.49 9.07 -38.78
C ALA F 163 1.67 8.21 -38.35
N ALA F 164 2.83 8.54 -38.92
CA ALA F 164 4.05 7.76 -38.69
C ALA F 164 5.27 8.65 -38.73
N VAL F 165 6.32 8.24 -38.03
CA VAL F 165 7.61 8.91 -38.01
C VAL F 165 8.67 7.90 -38.41
N VAL F 166 9.62 8.30 -39.24
CA VAL F 166 10.69 7.41 -39.67
C VAL F 166 12.03 7.92 -39.19
N PHE F 167 12.81 7.05 -38.58
CA PHE F 167 14.13 7.30 -38.06
C PHE F 167 15.20 6.70 -38.98
N GLY F 168 16.44 6.70 -38.53
CA GLY F 168 17.51 6.18 -39.35
C GLY F 168 18.20 4.96 -38.79
N MET F 169 17.75 4.45 -37.65
CA MET F 169 18.32 3.24 -37.10
C MET F 169 17.24 2.46 -36.38
N GLY F 170 17.24 1.14 -36.57
CA GLY F 170 16.22 0.29 -35.96
C GLY F 170 16.49 -0.01 -34.51
N TYR F 171 17.70 0.27 -34.04
CA TYR F 171 18.04 0.09 -32.64
C TYR F 171 17.79 1.35 -31.82
N ALA F 172 17.97 2.53 -32.40
CA ALA F 172 17.64 3.78 -31.76
C ALA F 172 16.14 4.05 -31.74
N THR F 173 15.36 3.28 -32.50
CA THR F 173 13.91 3.41 -32.52
C THR F 173 13.27 2.81 -31.28
N ASN F 174 14.07 2.23 -30.40
CA ASN F 174 13.52 1.68 -29.16
C ASN F 174 14.17 2.22 -27.91
N SER F 175 15.38 2.76 -27.98
CA SER F 175 16.03 3.32 -26.80
C SER F 175 15.77 4.80 -26.62
N ALA F 176 15.35 5.51 -27.66
CA ALA F 176 15.09 6.94 -27.58
C ALA F 176 13.61 7.27 -27.54
N ILE F 177 12.72 6.28 -27.54
CA ILE F 177 11.29 6.53 -27.52
C ILE F 177 10.64 6.05 -26.23
N ILE F 178 11.01 4.85 -25.78
CA ILE F 178 10.45 4.35 -24.52
C ILE F 178 10.70 5.31 -23.37
N PRO F 179 11.85 5.98 -23.25
CA PRO F 179 11.98 7.00 -22.21
C PRO F 179 10.96 8.12 -22.31
N VAL F 180 10.51 8.46 -23.52
CA VAL F 180 9.55 9.55 -23.68
C VAL F 180 8.17 9.14 -23.18
N LEU F 181 7.69 7.97 -23.57
CA LEU F 181 6.32 7.59 -23.25
C LEU F 181 6.14 7.25 -21.77
N ILE F 182 7.12 6.61 -21.16
CA ILE F 182 7.00 6.21 -19.77
C ILE F 182 8.23 6.72 -19.03
N GLY F 183 8.08 6.90 -17.72
CA GLY F 183 9.15 7.43 -16.91
C GLY F 183 9.23 6.74 -15.57
N LYS F 184 9.51 7.50 -14.52
CA LYS F 184 9.58 6.93 -13.18
C LYS F 184 8.17 6.78 -12.62
N GLY F 185 7.94 5.69 -11.90
CA GLY F 185 6.62 5.38 -11.39
C GLY F 185 5.78 4.53 -12.31
N GLY F 186 6.18 4.34 -13.57
CA GLY F 186 5.46 3.49 -14.49
C GLY F 186 5.89 2.04 -14.33
N LEU F 187 5.24 1.17 -15.10
CA LEU F 187 5.53 -0.25 -15.13
C LEU F 187 5.59 -0.70 -16.58
N ILE F 188 6.40 -1.73 -16.83
CA ILE F 188 6.57 -2.31 -18.16
C ILE F 188 6.55 -3.82 -17.98
N ILE F 189 5.44 -4.46 -18.33
CA ILE F 189 5.40 -5.92 -18.34
C ILE F 189 5.86 -6.37 -19.71
N SER F 190 7.13 -6.72 -19.83
CA SER F 190 7.68 -7.15 -21.10
C SER F 190 7.56 -8.66 -21.25
N ASP F 191 7.76 -9.12 -22.46
CA ASP F 191 7.87 -10.54 -22.70
C ASP F 191 9.30 -10.99 -22.46
N SER F 192 9.47 -12.25 -22.05
CA SER F 192 10.79 -12.76 -21.72
C SER F 192 11.76 -12.56 -22.87
N LEU F 193 11.36 -12.99 -24.07
CA LEU F 193 12.25 -13.00 -25.23
C LEU F 193 12.01 -11.73 -26.04
N ASN F 194 12.47 -10.61 -25.48
CA ASN F 194 12.45 -9.36 -26.20
C ASN F 194 13.86 -8.96 -26.59
N HIS F 195 13.97 -8.19 -27.66
CA HIS F 195 15.25 -7.77 -28.19
C HIS F 195 16.02 -6.96 -27.15
N SER F 196 17.31 -6.79 -27.42
CA SER F 196 18.15 -6.01 -26.51
C SER F 196 17.78 -4.55 -26.53
N SER F 197 17.32 -4.05 -27.69
CA SER F 197 16.97 -2.64 -27.79
C SER F 197 15.81 -2.29 -26.86
N ILE F 198 14.82 -3.18 -26.77
CA ILE F 198 13.66 -2.90 -25.93
C ILE F 198 14.05 -2.84 -24.46
N VAL F 199 14.89 -3.76 -23.99
CA VAL F 199 15.28 -3.74 -22.59
C VAL F 199 16.20 -2.56 -22.30
N ASN F 200 17.10 -2.22 -23.22
CA ASN F 200 17.93 -1.04 -23.01
C ASN F 200 17.10 0.23 -22.96
N GLY F 201 16.08 0.33 -23.82
CA GLY F 201 15.20 1.48 -23.76
C GLY F 201 14.46 1.59 -22.45
N ALA F 202 13.98 0.47 -21.93
CA ALA F 202 13.32 0.47 -20.63
C ALA F 202 14.28 0.84 -19.52
N ARG F 203 15.56 0.48 -19.62
CA ARG F 203 16.54 0.89 -18.64
C ARG F 203 16.90 2.35 -18.73
N GLY F 204 16.83 2.95 -19.93
CA GLY F 204 17.19 4.34 -20.08
C GLY F 204 16.24 5.29 -19.38
N SER F 205 15.01 4.85 -19.13
CA SER F 205 14.06 5.60 -18.31
C SER F 205 14.19 5.15 -16.86
N GLY F 206 13.24 5.55 -16.02
CA GLY F 206 13.29 5.12 -14.63
C GLY F 206 12.25 4.07 -14.30
N ALA F 207 11.61 3.52 -15.32
CA ALA F 207 10.48 2.63 -15.11
C ALA F 207 10.93 1.31 -14.52
N THR F 208 9.98 0.60 -13.91
CA THR F 208 10.23 -0.74 -13.40
C THR F 208 9.83 -1.77 -14.45
N ILE F 209 10.56 -2.88 -14.50
CA ILE F 209 10.33 -3.91 -15.49
C ILE F 209 10.01 -5.22 -14.79
N ARG F 210 8.86 -5.81 -15.11
CA ARG F 210 8.54 -7.18 -14.79
C ARG F 210 8.53 -7.99 -16.08
N VAL F 211 8.43 -9.30 -15.94
CA VAL F 211 8.47 -10.19 -17.09
C VAL F 211 7.40 -11.25 -16.94
N PHE F 212 6.57 -11.42 -17.97
CA PHE F 212 5.59 -12.48 -17.97
C PHE F 212 6.02 -13.58 -18.93
N GLN F 213 5.48 -14.77 -18.70
CA GLN F 213 5.97 -15.95 -19.39
C GLN F 213 5.71 -15.88 -20.88
N HIS F 214 6.71 -16.27 -21.66
CA HIS F 214 6.71 -16.07 -23.11
C HIS F 214 5.50 -16.69 -23.78
N ASN F 215 4.69 -15.85 -24.39
CA ASN F 215 3.60 -16.28 -25.26
C ASN F 215 2.60 -17.18 -24.53
N THR F 216 2.13 -16.68 -23.38
CA THR F 216 0.99 -17.29 -22.71
C THR F 216 0.22 -16.23 -21.93
N PRO F 217 -1.08 -16.05 -22.20
CA PRO F 217 -1.82 -14.97 -21.56
C PRO F 217 -2.32 -15.30 -20.16
N SER F 218 -2.55 -16.57 -19.86
CA SER F 218 -2.99 -16.93 -18.50
C SER F 218 -1.96 -16.54 -17.47
N HIS F 219 -0.71 -16.34 -17.87
CA HIS F 219 0.31 -15.81 -16.99
C HIS F 219 0.40 -14.30 -17.04
N LEU F 220 0.03 -13.68 -18.15
CA LEU F 220 -0.03 -12.23 -18.21
C LEU F 220 -1.12 -11.67 -17.32
N GLU F 221 -2.27 -12.35 -17.23
CA GLU F 221 -3.31 -11.89 -16.32
C GLU F 221 -2.89 -11.95 -14.86
N ARG F 222 -2.25 -13.05 -14.44
CA ARG F 222 -1.86 -13.20 -13.06
C ARG F 222 -0.76 -12.24 -12.64
N VAL F 223 0.01 -11.70 -13.57
CA VAL F 223 0.98 -10.68 -13.22
C VAL F 223 0.34 -9.30 -13.11
N LEU F 224 -0.56 -8.93 -14.01
CA LEU F 224 -1.27 -7.67 -13.89
C LEU F 224 -2.11 -7.60 -12.63
N ARG F 225 -2.78 -8.69 -12.27
CA ARG F 225 -3.58 -8.67 -11.05
C ARG F 225 -2.71 -8.36 -9.84
N GLU F 226 -1.60 -9.08 -9.68
CA GLU F 226 -0.73 -8.85 -8.54
C GLU F 226 -0.15 -7.44 -8.55
N GLN F 227 0.28 -6.97 -9.72
CA GLN F 227 0.97 -5.69 -9.76
C GLN F 227 0.01 -4.53 -9.53
N ILE F 228 -1.25 -4.67 -9.93
CA ILE F 228 -2.22 -3.62 -9.61
C ILE F 228 -2.75 -3.73 -8.20
N ALA F 229 -2.74 -4.92 -7.61
CA ALA F 229 -3.15 -5.10 -6.22
C ALA F 229 -2.03 -4.79 -5.23
N GLU F 230 -0.80 -4.60 -5.68
CA GLU F 230 0.30 -4.30 -4.76
C GLU F 230 0.93 -2.94 -4.93
N GLY F 231 0.61 -2.19 -5.97
CA GLY F 231 1.16 -0.87 -6.15
C GLY F 231 2.69 -0.87 -6.28
N GLN F 232 3.27 0.32 -6.10
CA GLN F 232 4.71 0.54 -6.12
C GLN F 232 5.39 -0.46 -5.18
N PRO F 233 6.67 -0.77 -5.39
CA PRO F 233 7.26 -1.88 -4.64
C PRO F 233 7.45 -1.62 -3.16
N ARG F 234 7.64 -0.38 -2.74
CA ARG F 234 7.88 -0.09 -1.33
C ARG F 234 6.84 0.84 -0.72
N THR F 235 6.56 1.94 -1.41
CA THR F 235 5.57 2.90 -0.95
C THR F 235 4.31 2.74 -1.81
N HIS F 236 3.34 1.99 -1.28
CA HIS F 236 2.32 1.42 -2.15
C HIS F 236 1.41 2.50 -2.70
N ARG F 237 1.96 3.33 -3.56
CA ARG F 237 1.26 4.36 -4.31
C ARG F 237 0.47 3.67 -5.43
N PRO F 238 -0.24 4.41 -6.30
CA PRO F 238 -0.78 3.74 -7.49
C PRO F 238 0.26 3.70 -8.60
N TRP F 239 0.24 2.67 -9.43
CA TRP F 239 1.05 2.70 -10.65
C TRP F 239 0.55 3.82 -11.55
N LYS F 240 1.46 4.69 -11.96
CA LYS F 240 1.08 5.80 -12.81
C LYS F 240 0.66 5.33 -14.20
N LYS F 241 1.29 4.30 -14.73
CA LYS F 241 0.98 3.75 -16.05
C LYS F 241 1.30 2.27 -16.02
N ILE F 242 0.79 1.56 -17.02
CA ILE F 242 1.23 0.20 -17.33
C ILE F 242 1.28 0.05 -18.84
N ILE F 243 2.40 -0.46 -19.35
CA ILE F 243 2.59 -0.71 -20.77
C ILE F 243 2.99 -2.15 -20.95
N VAL F 244 2.42 -2.81 -21.95
CA VAL F 244 2.72 -4.21 -22.25
C VAL F 244 3.38 -4.27 -23.60
N VAL F 245 4.58 -4.87 -23.65
CA VAL F 245 5.38 -4.94 -24.87
C VAL F 245 5.38 -6.38 -25.35
N VAL F 246 4.97 -6.58 -26.60
CA VAL F 246 4.97 -7.90 -27.23
C VAL F 246 5.54 -7.75 -28.63
N GLU F 247 5.82 -8.90 -29.26
CA GLU F 247 6.43 -8.93 -30.58
C GLU F 247 5.55 -9.72 -31.54
N GLY F 248 5.60 -9.34 -32.81
CA GLY F 248 4.82 -10.03 -33.81
C GLY F 248 5.21 -11.48 -33.95
N ILE F 249 6.41 -11.72 -34.44
CA ILE F 249 6.97 -13.06 -34.58
C ILE F 249 8.21 -13.12 -33.69
N TYR F 250 8.21 -14.02 -32.72
CA TYR F 250 9.34 -14.09 -31.81
C TYR F 250 10.50 -14.83 -32.44
N SER F 251 11.41 -14.10 -33.08
CA SER F 251 12.52 -14.73 -33.77
C SER F 251 13.34 -15.56 -32.79
N MET F 252 14.04 -16.55 -33.36
CA MET F 252 14.81 -17.51 -32.58
C MET F 252 13.88 -18.39 -31.74
N GLU F 253 12.59 -18.27 -32.00
CA GLU F 253 11.60 -19.23 -31.53
C GLU F 253 10.59 -19.48 -32.64
N GLY F 254 10.55 -18.58 -33.62
CA GLY F 254 9.72 -18.69 -34.81
C GLY F 254 8.23 -18.69 -34.63
N GLU F 255 7.71 -18.26 -33.48
CA GLU F 255 6.28 -18.37 -33.16
C GLU F 255 5.56 -17.06 -33.42
N ILE F 256 4.35 -17.15 -33.98
CA ILE F 256 3.48 -15.99 -34.07
C ILE F 256 2.80 -15.74 -32.74
N CYS F 257 2.73 -14.48 -32.33
CA CYS F 257 2.17 -14.11 -31.04
C CYS F 257 0.67 -14.36 -31.01
N HIS F 258 0.15 -14.51 -29.80
CA HIS F 258 -1.28 -14.72 -29.58
C HIS F 258 -1.97 -13.38 -29.32
N LEU F 259 -1.99 -12.54 -30.34
CA LEU F 259 -2.39 -11.15 -30.19
C LEU F 259 -3.85 -10.98 -29.76
N PRO F 260 -4.82 -11.69 -30.35
CA PRO F 260 -6.21 -11.48 -29.92
C PRO F 260 -6.45 -11.76 -28.45
N GLU F 261 -5.77 -12.75 -27.87
CA GLU F 261 -5.94 -13.05 -26.45
C GLU F 261 -5.13 -12.13 -25.56
N VAL F 262 -4.24 -11.32 -26.11
CA VAL F 262 -3.44 -10.39 -25.32
C VAL F 262 -4.13 -9.04 -25.28
N VAL F 263 -4.61 -8.58 -26.44
CA VAL F 263 -5.33 -7.31 -26.48
C VAL F 263 -6.59 -7.34 -25.62
N ALA F 264 -7.31 -8.46 -25.60
CA ALA F 264 -8.51 -8.58 -24.81
C ALA F 264 -8.24 -8.43 -23.31
N ILE F 265 -7.11 -8.93 -22.82
CA ILE F 265 -6.78 -8.80 -21.40
C ILE F 265 -6.21 -7.43 -21.08
N CYS F 266 -5.51 -6.80 -22.02
CA CYS F 266 -5.03 -5.44 -21.80
C CYS F 266 -6.17 -4.43 -21.78
N LYS F 267 -7.23 -4.66 -22.55
CA LYS F 267 -8.39 -3.77 -22.46
C LYS F 267 -9.04 -3.84 -21.09
N LYS F 268 -9.15 -5.03 -20.52
CA LYS F 268 -9.88 -5.22 -19.27
C LYS F 268 -9.26 -4.43 -18.14
N TYR F 269 -7.93 -4.43 -18.04
CA TYR F 269 -7.23 -3.77 -16.96
C TYR F 269 -6.71 -2.40 -17.37
N LYS F 270 -7.11 -1.91 -18.53
CA LYS F 270 -6.80 -0.56 -18.98
C LYS F 270 -5.30 -0.32 -19.11
N ALA F 271 -4.57 -1.38 -19.45
CA ALA F 271 -3.17 -1.28 -19.79
C ALA F 271 -3.03 -0.96 -21.28
N TYR F 272 -1.85 -0.49 -21.66
CA TYR F 272 -1.58 -0.16 -23.04
C TYR F 272 -0.83 -1.29 -23.73
N VAL F 273 -0.77 -1.22 -25.04
CA VAL F 273 -0.14 -2.27 -25.85
C VAL F 273 0.90 -1.64 -26.77
N TYR F 274 2.09 -2.21 -26.79
CA TYR F 274 3.20 -1.76 -27.61
C TYR F 274 3.63 -2.93 -28.50
N LEU F 275 3.27 -2.86 -29.77
CA LEU F 275 3.60 -3.94 -30.69
C LEU F 275 4.96 -3.70 -31.32
N ASP F 276 5.57 -4.78 -31.82
CA ASP F 276 6.92 -4.77 -32.37
C ASP F 276 6.94 -5.65 -33.60
N GLU F 277 6.67 -5.07 -34.76
CA GLU F 277 6.61 -5.82 -36.01
C GLU F 277 7.94 -5.74 -36.78
N ALA F 278 9.02 -6.17 -36.13
CA ALA F 278 10.30 -6.15 -36.80
C ALA F 278 10.41 -7.24 -37.85
N HIS F 279 9.99 -8.46 -37.51
CA HIS F 279 10.16 -9.63 -38.38
C HIS F 279 8.95 -9.90 -39.24
N SER F 280 7.86 -9.17 -39.07
CA SER F 280 6.58 -9.56 -39.64
C SER F 280 5.87 -8.38 -40.26
N ILE F 281 6.55 -7.62 -41.10
CA ILE F 281 5.94 -6.46 -41.75
C ILE F 281 5.95 -6.56 -43.27
N GLY F 282 6.66 -7.52 -43.83
CA GLY F 282 6.53 -7.77 -45.25
C GLY F 282 6.38 -9.26 -45.49
N ALA F 283 6.59 -10.04 -44.43
CA ALA F 283 6.62 -11.49 -44.56
C ALA F 283 5.22 -12.09 -44.51
N ILE F 284 4.54 -11.94 -43.38
CA ILE F 284 3.29 -12.64 -43.17
C ILE F 284 2.14 -11.69 -43.50
N GLY F 285 1.01 -12.28 -43.86
CA GLY F 285 -0.14 -11.54 -44.33
C GLY F 285 -0.39 -11.77 -45.80
N LYS F 286 -1.66 -11.73 -46.19
CA LYS F 286 -2.00 -11.94 -47.59
C LYS F 286 -1.63 -10.75 -48.45
N THR F 287 -1.48 -9.58 -47.84
CA THR F 287 -1.07 -8.38 -48.55
C THR F 287 0.28 -7.87 -48.03
N GLY F 288 0.80 -8.48 -46.97
CA GLY F 288 2.04 -8.03 -46.38
C GLY F 288 1.88 -6.98 -45.32
N LYS F 289 0.70 -6.86 -44.72
CA LYS F 289 0.45 -5.83 -43.74
C LYS F 289 0.77 -6.27 -42.33
N GLY F 290 1.29 -7.48 -42.14
CA GLY F 290 1.78 -7.90 -40.86
C GLY F 290 0.83 -8.78 -40.10
N ILE F 291 1.11 -8.93 -38.81
CA ILE F 291 0.31 -9.81 -37.95
C ILE F 291 -1.10 -9.28 -37.74
N CYS F 292 -1.29 -7.96 -37.71
CA CYS F 292 -2.62 -7.41 -37.49
C CYS F 292 -3.56 -7.70 -38.64
N GLU F 293 -3.04 -8.14 -39.77
CA GLU F 293 -3.88 -8.57 -40.88
C GLU F 293 -4.03 -10.08 -40.95
N LEU F 294 -2.96 -10.82 -40.67
CA LEU F 294 -3.04 -12.28 -40.69
C LEU F 294 -3.97 -12.79 -39.61
N LEU F 295 -3.90 -12.22 -38.41
CA LEU F 295 -4.72 -12.70 -37.31
C LEU F 295 -6.08 -12.01 -37.21
N GLY F 296 -6.36 -11.05 -38.09
CA GLY F 296 -7.65 -10.39 -38.06
C GLY F 296 -7.93 -9.69 -36.74
N VAL F 297 -7.19 -8.63 -36.45
CA VAL F 297 -7.39 -7.82 -35.26
C VAL F 297 -7.46 -6.36 -35.69
N ASP F 298 -8.37 -5.61 -35.09
CA ASP F 298 -8.53 -4.21 -35.45
C ASP F 298 -7.28 -3.43 -35.05
N THR F 299 -6.72 -2.70 -36.02
CA THR F 299 -5.44 -2.04 -35.82
C THR F 299 -5.51 -0.88 -34.84
N ALA F 300 -6.71 -0.47 -34.42
CA ALA F 300 -6.86 0.62 -33.47
C ALA F 300 -6.91 0.16 -32.03
N ASP F 301 -6.76 -1.15 -31.79
CA ASP F 301 -6.67 -1.65 -30.43
C ASP F 301 -5.25 -1.59 -29.86
N VAL F 302 -4.25 -1.37 -30.71
CA VAL F 302 -2.87 -1.26 -30.29
C VAL F 302 -2.48 0.21 -30.35
N ASP F 303 -1.72 0.66 -29.35
CA ASP F 303 -1.48 2.09 -29.21
C ASP F 303 -0.28 2.54 -30.00
N VAL F 304 0.82 1.78 -29.95
CA VAL F 304 2.05 2.10 -30.65
C VAL F 304 2.44 0.88 -31.47
N MET F 305 2.99 1.11 -32.65
CA MET F 305 3.46 0.01 -33.49
C MET F 305 4.84 0.36 -34.05
N MET F 306 5.86 -0.36 -33.62
CA MET F 306 7.22 -0.17 -34.06
C MET F 306 7.56 -1.18 -35.16
N GLY F 307 8.41 -0.77 -36.08
CA GLY F 307 8.75 -1.63 -37.20
C GLY F 307 10.20 -1.46 -37.61
N THR F 308 10.57 -1.98 -38.77
CA THR F 308 11.95 -1.88 -39.24
C THR F 308 11.97 -2.30 -40.71
N PHE F 309 12.69 -1.55 -41.53
CA PHE F 309 12.77 -1.85 -42.94
C PHE F 309 13.99 -2.69 -43.31
N THR F 310 14.80 -3.10 -42.34
CA THR F 310 16.03 -3.79 -42.69
C THR F 310 15.78 -5.16 -43.30
N1 LLP F 311 14.58 -4.38 -33.41
C2 LLP F 311 14.08 -5.66 -33.39
C2' LLP F 311 12.96 -6.00 -32.44
C3 LLP F 311 14.58 -6.64 -34.22
O3 LLP F 311 14.06 -7.90 -34.17
C4 LLP F 311 15.60 -6.35 -35.11
C4' LLP F 311 15.69 -7.14 -36.39
C5 LLP F 311 16.11 -5.06 -35.12
C6 LLP F 311 15.61 -4.08 -34.28
C5' LLP F 311 17.23 -4.72 -36.08
OP4 LLP F 311 17.66 -3.39 -35.88
P LLP F 311 18.50 -2.70 -37.05
OP1 LLP F 311 17.56 -1.99 -37.99
OP2 LLP F 311 19.50 -1.73 -36.48
OP3 LLP F 311 19.22 -3.79 -37.80
N LLP F 311 14.80 -5.89 -42.80
CA LLP F 311 14.65 -7.29 -43.15
CB LLP F 311 13.99 -8.03 -41.97
CG LLP F 311 14.84 -7.95 -40.73
CD LLP F 311 14.23 -8.63 -39.54
CE LLP F 311 15.18 -8.61 -38.36
NZ LLP F 311 15.43 -7.25 -37.80
C LLP F 311 13.85 -7.52 -44.43
O LLP F 311 14.30 -8.28 -45.29
N SER F 312 12.72 -6.86 -44.60
CA SER F 312 11.86 -7.11 -45.75
C SER F 312 12.12 -6.17 -46.92
N PHE F 313 12.25 -4.86 -46.68
CA PHE F 313 12.33 -3.88 -47.76
C PHE F 313 13.74 -3.61 -48.24
N GLY F 314 14.76 -4.23 -47.63
CA GLY F 314 16.12 -4.06 -48.10
C GLY F 314 16.67 -2.66 -47.99
N SER F 315 16.49 -2.02 -46.84
CA SER F 315 17.03 -0.69 -46.59
C SER F 315 16.92 -0.38 -45.11
N CYS F 316 17.91 0.32 -44.58
CA CYS F 316 17.94 0.63 -43.15
C CYS F 316 16.81 1.58 -42.78
N GLY F 317 16.41 1.55 -41.52
CA GLY F 317 15.45 2.51 -41.02
C GLY F 317 14.57 1.91 -39.95
N GLY F 318 13.59 2.70 -39.53
CA GLY F 318 12.61 2.29 -38.54
C GLY F 318 11.43 3.23 -38.63
N TYR F 319 10.38 2.91 -37.88
CA TYR F 319 9.21 3.77 -37.87
C TYR F 319 8.40 3.54 -36.61
N ILE F 320 7.51 4.49 -36.32
CA ILE F 320 6.53 4.38 -35.25
C ILE F 320 5.23 5.01 -35.76
N ALA F 321 4.12 4.30 -35.58
CA ALA F 321 2.84 4.75 -36.09
C ALA F 321 1.80 4.77 -34.98
N GLY F 322 0.91 5.76 -35.02
CA GLY F 322 -0.09 5.89 -33.98
C GLY F 322 -0.99 7.07 -34.23
N SER F 323 -1.69 7.48 -33.16
CA SER F 323 -2.64 8.57 -33.23
C SER F 323 -1.94 9.89 -33.55
N LYS F 324 -2.66 10.79 -34.22
CA LYS F 324 -2.03 11.97 -34.79
C LYS F 324 -1.46 12.90 -33.73
N GLU F 325 -1.90 12.78 -32.48
CA GLU F 325 -1.25 13.55 -31.43
C GLU F 325 -0.02 12.88 -30.85
N LEU F 326 0.06 11.54 -30.90
CA LEU F 326 1.28 10.87 -30.49
C LEU F 326 2.46 11.29 -31.37
N ILE F 327 2.23 11.33 -32.68
CA ILE F 327 3.29 11.72 -33.60
C ILE F 327 3.67 13.18 -33.40
N GLN F 328 2.69 14.03 -33.10
CA GLN F 328 2.98 15.43 -32.88
C GLN F 328 3.77 15.62 -31.59
N TYR F 329 3.51 14.80 -30.58
CA TYR F 329 4.31 14.86 -29.37
C TYR F 329 5.73 14.37 -29.60
N LEU F 330 5.89 13.26 -30.31
CA LEU F 330 7.22 12.72 -30.55
C LEU F 330 8.05 13.65 -31.43
N LYS F 331 7.44 14.28 -32.43
CA LYS F 331 8.19 15.16 -33.30
C LYS F 331 8.67 16.40 -32.55
N HIS F 332 8.18 16.62 -31.34
CA HIS F 332 8.52 17.80 -30.55
C HIS F 332 9.34 17.46 -29.31
N GLN F 333 9.36 16.21 -28.87
CA GLN F 333 10.10 15.84 -27.68
C GLN F 333 10.91 14.55 -27.79
N CYS F 334 11.20 14.05 -28.98
CA CYS F 334 11.99 12.83 -29.10
C CYS F 334 13.43 13.17 -29.43
N PRO F 335 14.40 12.77 -28.59
CA PRO F 335 15.80 13.12 -28.85
C PRO F 335 16.33 12.59 -30.17
N ALA F 336 15.91 11.41 -30.59
CA ALA F 336 16.36 10.86 -31.86
C ALA F 336 15.87 11.67 -33.06
N HIS F 337 14.75 12.36 -32.93
CA HIS F 337 14.24 13.22 -33.99
C HIS F 337 14.91 14.59 -34.01
N LEU F 338 15.25 15.13 -32.84
CA LEU F 338 15.84 16.46 -32.72
C LEU F 338 17.33 16.48 -32.99
N TYR F 339 18.09 15.55 -32.40
CA TYR F 339 19.55 15.63 -32.42
C TYR F 339 20.21 14.81 -33.50
N ALA F 340 19.51 13.87 -34.13
CA ALA F 340 20.16 12.92 -35.02
C ALA F 340 19.94 13.27 -36.48
N THR F 341 20.95 13.00 -37.28
CA THR F 341 20.91 13.29 -38.71
C THR F 341 19.80 12.50 -39.39
N SER F 342 19.17 13.13 -40.37
CA SER F 342 18.04 12.54 -41.08
C SER F 342 18.44 11.29 -41.83
N ILE F 343 17.48 10.41 -42.07
CA ILE F 343 17.71 9.19 -42.83
C ILE F 343 18.12 9.55 -44.25
N PRO F 344 19.14 8.93 -44.82
CA PRO F 344 19.61 9.35 -46.14
C PRO F 344 18.52 9.30 -47.20
N THR F 345 18.75 9.98 -48.31
CA THR F 345 17.70 10.12 -49.32
C THR F 345 17.61 8.90 -50.23
N PRO F 346 18.69 8.37 -50.80
CA PRO F 346 18.57 7.12 -51.56
C PRO F 346 18.17 5.93 -50.71
N SER F 347 18.27 6.03 -49.39
CA SER F 347 17.79 4.96 -48.52
C SER F 347 16.35 5.17 -48.11
N ALA F 348 15.72 6.25 -48.54
CA ALA F 348 14.28 6.43 -48.38
C ALA F 348 13.54 6.24 -49.69
N GLN F 349 14.12 6.65 -50.79
CA GLN F 349 13.54 6.32 -52.08
C GLN F 349 13.39 4.82 -52.28
N GLN F 350 14.28 4.01 -51.69
CA GLN F 350 14.22 2.57 -51.91
C GLN F 350 13.19 1.91 -51.01
N ILE F 351 12.65 2.62 -50.03
CA ILE F 351 11.47 2.17 -49.30
C ILE F 351 10.20 2.60 -50.00
N ILE F 352 10.19 3.82 -50.54
CA ILE F 352 9.03 4.26 -51.30
C ILE F 352 8.79 3.35 -52.49
N SER F 353 9.85 3.09 -53.27
CA SER F 353 9.69 2.32 -54.48
C SER F 353 9.57 0.82 -54.20
N ALA F 354 9.70 0.40 -52.95
CA ALA F 354 9.39 -0.99 -52.60
C ALA F 354 7.96 -1.13 -52.13
N ILE F 355 7.46 -0.17 -51.35
CA ILE F 355 6.05 -0.20 -50.99
C ILE F 355 5.18 -0.05 -52.23
N LYS F 356 5.62 0.72 -53.21
CA LYS F 356 4.84 0.78 -54.45
C LYS F 356 4.76 -0.58 -55.14
N VAL F 357 5.86 -1.33 -55.19
CA VAL F 357 5.83 -2.65 -55.78
C VAL F 357 4.90 -3.58 -55.00
N ILE F 358 5.00 -3.56 -53.67
CA ILE F 358 4.17 -4.48 -52.88
C ILE F 358 2.70 -4.17 -53.07
N LEU F 359 2.33 -2.89 -53.07
CA LEU F 359 0.93 -2.54 -53.26
C LEU F 359 0.46 -2.66 -54.69
N GLY F 360 1.34 -3.01 -55.62
CA GLY F 360 0.93 -3.19 -57.00
C GLY F 360 0.71 -1.92 -57.78
N GLU F 361 1.29 -0.80 -57.35
CA GLU F 361 1.17 0.45 -58.05
C GLU F 361 2.32 0.72 -59.00
N ASP F 362 3.09 -0.30 -59.35
CA ASP F 362 4.21 -0.14 -60.27
C ASP F 362 3.84 -0.45 -61.71
N GLY F 363 2.60 -0.82 -61.98
CA GLY F 363 2.17 -1.26 -63.30
C GLY F 363 2.19 -2.76 -63.47
N SER F 364 3.29 -3.41 -63.08
CA SER F 364 3.39 -4.85 -63.21
C SER F 364 2.57 -5.53 -62.12
N ASN F 365 2.71 -6.85 -61.99
CA ASN F 365 1.95 -7.60 -60.99
C ASN F 365 2.84 -8.51 -60.18
N ARG F 366 4.15 -8.29 -60.21
CA ARG F 366 5.09 -9.12 -59.46
C ARG F 366 5.20 -8.70 -58.00
N GLY F 367 4.20 -7.97 -57.50
CA GLY F 367 4.12 -7.69 -56.08
C GLY F 367 3.37 -8.77 -55.36
N ALA F 368 2.61 -9.58 -56.10
CA ALA F 368 1.92 -10.73 -55.52
C ALA F 368 2.67 -12.03 -55.76
N GLN F 369 3.47 -12.10 -56.81
CA GLN F 369 4.33 -13.27 -57.01
C GLN F 369 5.31 -13.44 -55.84
N LYS F 370 5.91 -12.34 -55.39
CA LYS F 370 6.79 -12.40 -54.23
C LYS F 370 6.04 -12.86 -52.99
N LEU F 371 4.86 -12.30 -52.74
CA LEU F 371 4.10 -12.64 -51.55
C LEU F 371 3.60 -14.07 -51.57
N ALA F 372 3.41 -14.66 -52.74
CA ALA F 372 3.01 -16.06 -52.81
C ALA F 372 4.19 -17.01 -52.77
N ARG F 373 5.31 -16.63 -53.38
CA ARG F 373 6.49 -17.49 -53.39
C ARG F 373 7.24 -17.48 -52.07
N ILE F 374 7.09 -16.43 -51.25
CA ILE F 374 7.64 -16.49 -49.90
C ILE F 374 6.89 -17.47 -49.03
N ARG F 375 5.64 -17.78 -49.34
CA ARG F 375 4.86 -18.73 -48.57
C ARG F 375 4.97 -20.16 -49.09
N GLU F 376 4.92 -20.35 -50.40
CA GLU F 376 5.05 -21.70 -50.95
C GLU F 376 6.46 -22.25 -50.82
N ASN F 377 7.43 -21.44 -50.41
CA ASN F 377 8.77 -21.92 -50.11
C ASN F 377 8.95 -22.28 -48.65
N SER F 378 8.47 -21.43 -47.74
CA SER F 378 8.51 -21.73 -46.32
C SER F 378 7.67 -22.94 -45.95
N ASN F 379 6.44 -23.04 -46.46
CA ASN F 379 5.62 -24.19 -46.14
C ASN F 379 6.19 -25.49 -46.68
N PHE F 380 7.03 -25.41 -47.71
CA PHE F 380 7.67 -26.60 -48.25
C PHE F 380 8.89 -26.99 -47.43
N PHE F 381 9.76 -26.03 -47.15
CA PHE F 381 10.98 -26.33 -46.41
C PHE F 381 10.67 -26.84 -45.01
N ARG F 382 9.76 -26.16 -44.31
CA ARG F 382 9.42 -26.58 -42.95
C ARG F 382 8.75 -27.94 -42.93
N ALA F 383 7.87 -28.22 -43.88
CA ALA F 383 7.26 -29.54 -43.96
C ALA F 383 8.26 -30.63 -44.25
N GLU F 384 9.21 -30.40 -45.16
CA GLU F 384 10.22 -31.39 -45.47
C GLU F 384 11.18 -31.64 -44.32
N LEU F 385 11.50 -30.63 -43.52
CA LEU F 385 12.42 -30.86 -42.41
C LEU F 385 11.78 -31.71 -41.32
N GLN F 386 10.48 -31.54 -41.07
CA GLN F 386 9.82 -32.32 -40.04
C GLN F 386 9.73 -33.79 -40.43
N LYS F 387 9.56 -34.08 -41.72
CA LYS F 387 9.45 -35.47 -42.14
C LYS F 387 10.73 -36.25 -41.98
N MET F 388 11.89 -35.58 -41.97
CA MET F 388 13.16 -36.28 -41.80
C MET F 388 13.55 -36.45 -40.35
N GLY F 389 12.76 -35.93 -39.41
CA GLY F 389 13.00 -36.16 -38.01
C GLY F 389 13.72 -35.05 -37.28
N PHE F 390 14.06 -33.96 -37.94
CA PHE F 390 14.68 -32.84 -37.24
C PHE F 390 13.70 -32.24 -36.25
N GLU F 391 14.20 -31.34 -35.42
CA GLU F 391 13.37 -30.58 -34.49
C GLU F 391 13.41 -29.12 -34.92
N VAL F 392 12.35 -28.68 -35.60
CA VAL F 392 12.22 -27.30 -36.05
C VAL F 392 11.07 -26.65 -35.30
N LEU F 393 11.25 -25.39 -34.92
CA LEU F 393 10.23 -24.67 -34.18
C LEU F 393 9.47 -23.71 -35.08
N GLY F 394 8.52 -22.99 -34.50
CA GLY F 394 7.73 -22.03 -35.25
C GLY F 394 6.48 -22.65 -35.85
N ASP F 395 5.62 -21.80 -36.41
CA ASP F 395 4.38 -22.25 -37.02
C ASP F 395 4.57 -22.52 -38.50
N ASN F 396 3.46 -22.52 -39.25
CA ASN F 396 3.51 -22.78 -40.68
C ASN F 396 3.65 -21.50 -41.51
N ASP F 397 3.36 -20.36 -40.89
CA ASP F 397 3.46 -19.09 -41.60
C ASP F 397 4.53 -18.19 -40.99
N SER F 398 5.79 -18.52 -41.24
CA SER F 398 6.92 -17.76 -40.73
C SER F 398 8.15 -18.11 -41.54
N PRO F 399 8.90 -17.09 -41.97
CA PRO F 399 10.12 -17.25 -42.77
C PRO F 399 11.31 -17.84 -42.01
N VAL F 400 11.26 -17.81 -40.68
CA VAL F 400 12.37 -18.35 -39.89
C VAL F 400 12.01 -19.69 -39.24
N MET F 401 12.98 -20.60 -39.23
CA MET F 401 12.76 -21.92 -38.64
C MET F 401 14.07 -22.38 -38.00
N PRO F 402 14.24 -22.16 -36.71
CA PRO F 402 15.45 -22.63 -36.04
C PRO F 402 15.44 -24.15 -35.86
N ILE F 403 16.60 -24.76 -36.06
CA ILE F 403 16.82 -26.18 -35.83
C ILE F 403 17.62 -26.32 -34.54
N MET F 404 17.11 -27.09 -33.61
CA MET F 404 17.77 -27.21 -32.31
C MET F 404 18.92 -28.20 -32.39
N LEU F 405 20.02 -27.88 -31.71
CA LEU F 405 21.22 -28.71 -31.68
C LEU F 405 21.55 -29.23 -30.28
N TYR F 406 21.41 -28.39 -29.26
CA TYR F 406 21.52 -28.74 -27.85
C TYR F 406 22.94 -29.04 -27.36
N ASN F 407 23.92 -29.14 -28.25
CA ASN F 407 25.26 -29.51 -27.82
C ASN F 407 26.26 -28.45 -28.25
N PRO F 408 27.09 -27.94 -27.34
CA PRO F 408 28.04 -26.90 -27.75
C PRO F 408 29.02 -27.34 -28.82
N ALA F 409 29.33 -28.62 -28.89
CA ALA F 409 30.32 -29.07 -29.88
C ALA F 409 29.71 -29.28 -31.25
N LYS F 410 28.39 -29.30 -31.36
CA LYS F 410 27.75 -29.48 -32.65
C LYS F 410 27.63 -28.18 -33.43
N ILE F 411 27.85 -27.04 -32.77
CA ILE F 411 27.79 -25.73 -33.41
C ILE F 411 28.89 -25.59 -34.45
N PRO F 412 30.16 -25.87 -34.16
CA PRO F 412 31.17 -25.82 -35.22
C PRO F 412 31.16 -27.01 -36.14
N ALA F 413 30.49 -28.09 -35.78
CA ALA F 413 30.40 -29.27 -36.62
C ALA F 413 29.32 -29.16 -37.69
N PHE F 414 28.18 -28.59 -37.36
CA PHE F 414 27.10 -28.42 -38.32
C PHE F 414 27.38 -27.29 -39.30
N SER F 415 28.19 -26.30 -38.93
CA SER F 415 28.48 -25.17 -39.78
C SER F 415 29.66 -25.40 -40.71
N ARG F 416 30.74 -25.99 -40.19
CA ARG F 416 31.92 -26.22 -41.02
C ARG F 416 31.63 -27.20 -42.14
N GLU F 417 30.84 -28.24 -41.87
CA GLU F 417 30.49 -29.18 -42.92
C GLU F 417 29.64 -28.52 -43.99
N CYS F 418 28.61 -27.78 -43.57
CA CYS F 418 27.71 -27.14 -44.52
C CYS F 418 28.47 -26.15 -45.39
N LEU F 419 29.37 -25.37 -44.81
CA LEU F 419 30.14 -24.45 -45.63
C LEU F 419 31.02 -25.19 -46.62
N ARG F 420 31.60 -26.32 -46.21
CA ARG F 420 32.41 -27.10 -47.12
C ARG F 420 31.60 -27.66 -48.28
N GLN F 421 30.31 -27.95 -48.05
CA GLN F 421 29.45 -28.43 -49.13
C GLN F 421 28.65 -27.32 -49.77
N LYS F 422 29.11 -26.07 -49.67
CA LYS F 422 28.52 -24.94 -50.40
C LYS F 422 27.11 -24.60 -49.92
N VAL F 423 26.94 -24.53 -48.59
CA VAL F 423 25.73 -24.02 -47.97
C VAL F 423 26.14 -23.20 -46.76
N ALA F 424 25.56 -22.01 -46.60
CA ALA F 424 25.93 -21.10 -45.53
C ALA F 424 24.76 -20.92 -44.57
N VAL F 425 25.00 -21.13 -43.28
CA VAL F 425 23.98 -21.05 -42.25
C VAL F 425 24.51 -20.22 -41.08
N VAL F 426 23.67 -20.08 -40.06
CA VAL F 426 23.97 -19.27 -38.89
C VAL F 426 23.72 -20.11 -37.64
N VAL F 427 24.62 -20.01 -36.67
CA VAL F 427 24.51 -20.76 -35.42
C VAL F 427 24.68 -19.80 -34.25
N VAL F 428 24.04 -20.13 -33.13
CA VAL F 428 24.01 -19.25 -31.97
C VAL F 428 24.40 -20.05 -30.73
N GLY F 429 25.28 -19.49 -29.91
CA GLY F 429 25.91 -20.21 -28.82
C GLY F 429 25.34 -20.00 -27.44
N PHE F 430 26.15 -20.22 -26.40
CA PHE F 430 25.69 -20.10 -25.03
C PHE F 430 25.63 -18.67 -24.53
N PRO F 431 26.70 -17.87 -24.59
CA PRO F 431 26.63 -16.56 -23.92
C PRO F 431 25.43 -15.73 -24.36
N ALA F 432 24.92 -15.96 -25.57
CA ALA F 432 23.77 -15.22 -26.07
C ALA F 432 22.44 -15.87 -25.72
N THR F 433 22.41 -17.20 -25.72
CA THR F 433 21.18 -17.96 -25.57
C THR F 433 21.15 -18.58 -24.17
N PRO F 434 20.10 -19.24 -23.72
CA PRO F 434 20.23 -20.10 -22.55
C PRO F 434 21.25 -21.21 -22.78
N LEU F 435 21.72 -21.77 -21.66
CA LEU F 435 22.78 -22.77 -21.70
C LEU F 435 22.39 -23.98 -22.53
N LEU F 436 21.19 -24.50 -22.30
CA LEU F 436 20.82 -25.77 -22.89
C LEU F 436 20.38 -25.67 -24.34
N LEU F 437 20.09 -24.48 -24.83
CA LEU F 437 19.43 -24.32 -26.13
C LEU F 437 20.35 -23.64 -27.12
N ALA F 438 21.14 -24.43 -27.84
CA ALA F 438 21.92 -23.94 -28.96
C ALA F 438 21.20 -24.36 -30.23
N ARG F 439 21.17 -23.48 -31.22
CA ARG F 439 20.34 -23.72 -32.39
C ARG F 439 21.01 -23.18 -33.63
N ALA F 440 20.43 -23.49 -34.77
CA ALA F 440 20.82 -22.93 -36.06
C ALA F 440 19.60 -22.25 -36.67
N ARG F 441 19.81 -21.10 -37.29
CA ARG F 441 18.71 -20.32 -37.82
C ARG F 441 18.73 -20.35 -39.34
N ILE F 442 17.62 -20.76 -39.94
CA ILE F 442 17.49 -20.90 -41.38
C ILE F 442 16.52 -19.83 -41.87
N CYS F 443 16.96 -19.03 -42.82
CA CYS F 443 16.13 -17.96 -43.39
C CYS F 443 15.83 -18.29 -44.84
N ILE F 444 14.55 -18.35 -45.19
CA ILE F 444 14.10 -18.69 -46.53
C ILE F 444 13.51 -17.43 -47.16
N SER F 445 13.96 -17.10 -48.37
CA SER F 445 13.52 -15.90 -49.05
C SER F 445 12.61 -16.26 -50.21
N ALA F 446 12.14 -15.23 -50.91
CA ALA F 446 11.34 -15.41 -52.10
C ALA F 446 12.15 -15.36 -53.37
N SER F 447 13.47 -15.34 -53.27
CA SER F 447 14.34 -15.41 -54.42
C SER F 447 14.98 -16.78 -54.62
N HIS F 448 14.83 -17.69 -53.65
CA HIS F 448 15.28 -19.05 -53.85
C HIS F 448 14.34 -19.77 -54.81
N SER F 449 14.91 -20.58 -55.69
CA SER F 449 14.13 -21.42 -56.57
C SER F 449 13.92 -22.78 -55.93
N ARG F 450 13.00 -23.57 -56.49
CA ARG F 450 12.77 -24.92 -56.00
C ARG F 450 13.98 -25.82 -56.19
N GLU F 451 14.70 -25.67 -57.30
CA GLU F 451 15.92 -26.43 -57.52
C GLU F 451 16.97 -26.19 -56.44
N ASP F 452 16.97 -25.02 -55.82
CA ASP F 452 17.92 -24.71 -54.77
C ASP F 452 17.52 -25.32 -53.44
N LEU F 453 16.24 -25.24 -53.07
CA LEU F 453 15.79 -25.85 -51.83
C LEU F 453 15.93 -27.37 -51.89
N ILE F 454 15.65 -27.97 -53.05
CA ILE F 454 15.79 -29.41 -53.20
C ILE F 454 17.24 -29.84 -52.98
N ARG F 455 18.18 -29.10 -53.55
CA ARG F 455 19.59 -29.41 -53.43
C ARG F 455 20.14 -29.12 -52.04
N ALA F 456 19.63 -28.09 -51.39
CA ALA F 456 20.04 -27.74 -50.03
C ALA F 456 19.47 -28.66 -48.97
N LEU F 457 18.32 -29.28 -49.21
CA LEU F 457 17.78 -30.23 -48.25
C LEU F 457 18.58 -31.53 -48.19
N LYS F 458 19.13 -32.01 -49.30
CA LYS F 458 19.96 -33.21 -49.25
C LYS F 458 21.33 -32.96 -48.65
N VAL F 459 21.86 -31.75 -48.78
CA VAL F 459 23.09 -31.40 -48.07
C VAL F 459 22.88 -31.35 -46.57
N ILE F 460 21.76 -30.82 -46.11
CA ILE F 460 21.44 -30.80 -44.69
C ILE F 460 21.12 -32.20 -44.15
N SER F 461 20.38 -33.01 -44.89
CA SER F 461 20.03 -34.35 -44.44
C SER F 461 21.24 -35.24 -44.28
N LYS F 462 22.27 -35.06 -45.09
CA LYS F 462 23.49 -35.82 -44.97
C LYS F 462 24.39 -35.34 -43.83
N VAL F 463 24.46 -34.04 -43.59
CA VAL F 463 25.19 -33.52 -42.45
C VAL F 463 24.53 -33.88 -41.14
N GLY F 464 23.20 -33.90 -41.08
CA GLY F 464 22.50 -34.25 -39.87
C GLY F 464 22.59 -35.69 -39.45
N ASP F 465 23.04 -36.58 -40.34
CA ASP F 465 23.31 -37.95 -39.90
C ASP F 465 24.59 -38.03 -39.07
N LEU F 466 25.66 -37.36 -39.51
CA LEU F 466 26.93 -37.43 -38.81
C LEU F 466 26.80 -36.89 -37.39
N SER F 467 26.26 -35.69 -37.25
CA SER F 467 26.10 -35.10 -35.92
C SER F 467 24.97 -35.74 -35.14
N GLY F 468 24.09 -36.49 -35.80
CA GLY F 468 23.01 -37.14 -35.09
C GLY F 468 22.03 -36.18 -34.47
N ILE F 469 21.59 -35.18 -35.23
CA ILE F 469 20.67 -34.17 -34.72
C ILE F 469 19.25 -34.45 -35.18
N LYS F 470 18.97 -35.68 -35.60
CA LYS F 470 17.61 -36.11 -35.92
C LYS F 470 16.97 -36.70 -34.67
N TYR F 471 16.66 -35.80 -33.73
CA TYR F 471 16.19 -36.25 -32.42
C TYR F 471 14.83 -36.93 -32.50
N PHE F 472 13.95 -36.46 -33.38
CA PHE F 472 12.64 -37.06 -33.54
C PHE F 472 12.70 -38.21 -34.53
N PRO F 473 11.71 -39.10 -34.52
CA PRO F 473 11.76 -40.24 -35.44
C PRO F 473 11.19 -39.92 -36.81
N ALA F 474 11.90 -40.39 -37.84
CA ALA F 474 11.43 -40.27 -39.20
C ALA F 474 10.41 -41.35 -39.50
N GLU F 475 10.03 -41.52 -40.76
CA GLU F 475 9.03 -42.50 -41.14
C GLU F 475 9.61 -43.64 -41.97
N MET G 1 17.32 -44.39 -30.28
CA MET G 1 18.21 -44.32 -29.12
C MET G 1 17.90 -43.04 -28.35
N ALA G 2 16.70 -42.50 -28.57
CA ALA G 2 16.28 -41.29 -27.88
C ALA G 2 14.83 -41.43 -27.44
N ASN G 3 14.59 -41.29 -26.14
CA ASN G 3 13.26 -41.30 -25.57
C ASN G 3 13.23 -40.34 -24.39
N LEU G 4 12.15 -40.40 -23.62
CA LEU G 4 11.97 -39.61 -22.41
C LEU G 4 12.07 -38.11 -22.70
N TYR G 5 11.12 -37.64 -23.50
CA TYR G 5 11.01 -36.22 -23.79
C TYR G 5 10.36 -35.49 -22.62
N VAL G 6 10.88 -34.30 -22.33
CA VAL G 6 10.39 -33.48 -21.22
C VAL G 6 10.11 -32.08 -21.76
N LYS G 7 8.94 -31.54 -21.42
CA LYS G 7 8.56 -30.22 -21.91
C LYS G 7 8.91 -29.16 -20.88
N ALA G 8 10.14 -28.67 -20.98
CA ALA G 8 10.66 -27.69 -20.04
C ALA G 8 9.94 -26.36 -20.17
N VAL G 9 9.66 -25.74 -19.04
CA VAL G 9 9.03 -24.42 -18.98
C VAL G 9 10.13 -23.40 -18.69
N PRO G 10 10.09 -22.22 -19.31
CA PRO G 10 11.10 -21.20 -19.02
C PRO G 10 10.76 -20.40 -17.78
N PRO G 11 11.51 -20.56 -16.70
CA PRO G 11 11.35 -19.67 -15.56
C PRO G 11 12.05 -18.35 -15.83
N PRO G 12 11.41 -17.22 -15.53
CA PRO G 12 11.95 -15.96 -16.03
C PRO G 12 13.35 -15.66 -15.51
N ASP G 13 13.46 -15.40 -14.22
CA ASP G 13 14.72 -15.38 -13.47
C ASP G 13 15.72 -14.37 -14.01
N MET G 14 15.49 -13.87 -15.24
CA MET G 14 16.17 -12.74 -15.85
C MET G 14 17.63 -12.61 -15.42
N ASN G 15 18.36 -13.71 -15.43
CA ASN G 15 19.75 -13.68 -14.99
C ASN G 15 20.48 -14.88 -15.59
N ARG G 16 21.32 -14.63 -16.59
CA ARG G 16 22.01 -15.72 -17.28
C ARG G 16 22.78 -16.59 -16.31
N ASN G 17 23.31 -15.99 -15.24
CA ASN G 17 24.21 -16.71 -14.34
C ASN G 17 23.52 -17.88 -13.67
N THR G 18 22.30 -17.66 -13.19
CA THR G 18 21.63 -18.62 -12.32
C THR G 18 20.23 -18.97 -12.81
N GLU G 19 20.03 -19.04 -14.13
CA GLU G 19 18.76 -19.53 -14.66
C GLU G 19 18.88 -20.93 -15.24
N TRP G 20 20.09 -21.36 -15.58
CA TRP G 20 20.32 -22.69 -16.11
C TRP G 20 20.12 -23.77 -15.07
N PHE G 21 19.97 -23.39 -13.80
CA PHE G 21 19.85 -24.34 -12.71
C PHE G 21 18.40 -24.68 -12.44
N MET G 22 17.55 -24.58 -13.46
CA MET G 22 16.14 -24.88 -13.31
C MET G 22 15.61 -25.85 -14.38
N TYR G 23 16.38 -26.03 -15.45
CA TYR G 23 16.00 -26.93 -16.51
C TYR G 23 16.15 -28.37 -16.06
N PRO G 24 15.45 -29.31 -16.72
CA PRO G 24 15.48 -30.71 -16.26
C PRO G 24 16.81 -31.38 -16.60
N GLY G 25 17.42 -32.01 -15.61
CA GLY G 25 18.61 -32.80 -15.84
C GLY G 25 19.81 -32.36 -15.03
N VAL G 26 19.63 -31.41 -14.12
CA VAL G 26 20.77 -30.86 -13.40
C VAL G 26 21.20 -31.78 -12.28
N TRP G 27 20.24 -32.26 -11.48
CA TRP G 27 20.55 -33.11 -10.34
C TRP G 27 21.24 -34.40 -10.79
N THR G 28 20.72 -35.01 -11.86
CA THR G 28 21.30 -36.25 -12.35
C THR G 28 22.75 -36.07 -12.76
N THR G 29 23.05 -34.99 -13.48
CA THR G 29 24.43 -34.73 -13.84
C THR G 29 25.29 -34.38 -12.64
N TYR G 30 24.69 -33.69 -11.67
CA TYR G 30 25.42 -33.33 -10.46
C TYR G 30 25.94 -34.59 -9.82
N MET G 31 25.05 -35.57 -9.62
CA MET G 31 25.43 -36.84 -9.02
C MET G 31 26.33 -37.69 -9.91
N LEU G 32 26.11 -37.72 -11.23
CA LEU G 32 26.93 -38.54 -12.10
C LEU G 32 28.35 -38.03 -12.24
N ILE G 33 28.58 -36.73 -12.08
CA ILE G 33 29.94 -36.24 -12.02
C ILE G 33 30.66 -36.73 -10.77
N LEU G 34 30.00 -36.71 -9.61
CA LEU G 34 30.57 -37.23 -8.39
C LEU G 34 30.85 -38.73 -8.47
N PHE G 35 29.94 -39.51 -9.03
CA PHE G 35 30.14 -40.94 -9.16
C PHE G 35 31.18 -41.28 -10.22
N PHE G 36 31.39 -40.40 -11.20
CA PHE G 36 32.44 -40.55 -12.19
C PHE G 36 33.82 -40.24 -11.65
N GLY G 37 33.94 -39.18 -10.86
CA GLY G 37 35.21 -38.88 -10.22
C GLY G 37 35.65 -39.99 -9.28
N TRP G 38 34.70 -40.58 -8.55
CA TRP G 38 35.04 -41.64 -7.62
C TRP G 38 35.68 -42.83 -8.33
N LEU G 39 35.10 -43.25 -9.45
CA LEU G 39 35.70 -44.33 -10.21
C LEU G 39 37.01 -43.95 -10.88
N VAL G 40 37.15 -42.71 -11.35
CA VAL G 40 38.40 -42.36 -12.03
C VAL G 40 39.56 -42.21 -11.05
N VAL G 41 39.28 -41.87 -9.79
CA VAL G 41 40.37 -41.76 -8.82
C VAL G 41 41.02 -43.11 -8.55
N LEU G 42 40.22 -44.16 -8.37
CA LEU G 42 40.73 -45.46 -7.98
C LEU G 42 41.01 -46.33 -9.20
N SER G 43 41.30 -45.66 -10.31
CA SER G 43 41.73 -46.36 -11.51
C SER G 43 43.11 -45.87 -11.94
N VAL G 44 43.36 -44.58 -11.76
CA VAL G 44 44.67 -44.03 -12.08
C VAL G 44 45.68 -44.42 -11.00
N SER G 45 45.20 -44.70 -9.79
CA SER G 45 46.06 -45.16 -8.70
C SER G 45 45.20 -46.07 -7.83
N GLY G 46 45.48 -47.38 -7.89
CA GLY G 46 44.70 -48.33 -7.12
C GLY G 46 44.82 -48.12 -5.63
N CYS G 47 43.69 -47.90 -4.95
CA CYS G 47 43.69 -47.60 -3.54
C CYS G 47 42.43 -48.18 -2.91
N SER G 48 42.15 -47.75 -1.71
CA SER G 48 40.99 -48.21 -0.96
C SER G 48 39.79 -47.33 -1.25
N PRO G 49 38.59 -47.90 -1.30
CA PRO G 49 37.40 -47.08 -1.56
C PRO G 49 37.22 -45.94 -0.57
N GLY G 50 37.60 -46.15 0.68
CA GLY G 50 37.43 -45.10 1.68
C GLY G 50 38.25 -43.86 1.38
N MET G 51 39.52 -44.06 1.07
CA MET G 51 40.39 -42.94 0.74
C MET G 51 39.84 -42.21 -0.48
N ALA G 52 39.52 -42.99 -1.52
CA ALA G 52 38.99 -42.42 -2.75
C ALA G 52 37.76 -41.57 -2.52
N TRP G 53 36.79 -42.03 -1.73
CA TRP G 53 35.72 -41.14 -1.31
C TRP G 53 36.25 -39.92 -0.56
N THR G 54 37.31 -40.07 0.23
CA THR G 54 37.91 -38.89 0.85
C THR G 54 38.47 -37.91 -0.16
N VAL G 55 39.20 -38.39 -1.18
CA VAL G 55 39.72 -37.49 -2.19
C VAL G 55 38.60 -36.81 -2.98
N VAL G 56 37.53 -37.54 -3.28
CA VAL G 56 36.35 -36.92 -3.88
C VAL G 56 35.76 -35.84 -2.99
N ASN G 57 35.57 -36.10 -1.70
CA ASN G 57 35.00 -35.09 -0.83
C ASN G 57 35.91 -33.88 -0.66
N LEU G 58 37.22 -34.07 -0.72
CA LEU G 58 38.15 -32.95 -0.62
C LEU G 58 38.23 -32.13 -1.89
N ALA G 59 38.20 -32.76 -3.06
CA ALA G 59 38.16 -32.01 -4.31
C ALA G 59 36.84 -31.27 -4.51
N HIS G 60 35.73 -31.87 -4.12
CA HIS G 60 34.44 -31.22 -4.18
C HIS G 60 34.33 -30.04 -3.22
N PHE G 61 35.27 -29.90 -2.28
CA PHE G 61 35.26 -28.76 -1.38
C PHE G 61 35.80 -27.51 -2.06
N VAL G 62 37.00 -27.60 -2.64
CA VAL G 62 37.61 -26.42 -3.24
C VAL G 62 36.77 -25.93 -4.42
N VAL G 63 36.40 -26.84 -5.31
CA VAL G 63 35.63 -26.47 -6.49
C VAL G 63 34.32 -25.79 -6.11
N THR G 64 33.55 -26.37 -5.21
CA THR G 64 32.28 -25.79 -4.83
C THR G 64 32.41 -24.50 -4.02
N TYR G 65 33.37 -24.42 -3.09
CA TYR G 65 33.50 -23.20 -2.32
C TYR G 65 34.00 -22.03 -3.16
N HIS G 66 35.06 -22.22 -3.94
CA HIS G 66 35.59 -21.18 -4.81
C HIS G 66 34.58 -20.70 -5.84
N SER G 67 33.63 -21.53 -6.23
CA SER G 67 32.66 -21.17 -7.25
C SER G 67 31.39 -20.56 -6.69
N PHE G 68 30.89 -21.09 -5.58
CA PHE G 68 29.61 -20.60 -5.08
C PHE G 68 29.75 -19.50 -4.04
N HIS G 69 30.90 -19.40 -3.35
CA HIS G 69 31.00 -18.50 -2.22
C HIS G 69 32.18 -17.55 -2.27
N TRP G 70 33.16 -17.76 -3.13
CA TRP G 70 34.31 -16.87 -3.22
C TRP G 70 34.11 -15.84 -4.33
N MET G 71 33.81 -16.31 -5.53
CA MET G 71 33.70 -15.42 -6.69
C MET G 71 32.49 -14.53 -6.58
N LYS G 72 32.65 -13.27 -6.96
CA LYS G 72 31.57 -12.30 -6.97
C LYS G 72 31.46 -11.70 -8.37
N GLY G 73 30.23 -11.35 -8.74
CA GLY G 73 29.97 -10.83 -10.06
C GLY G 73 29.47 -11.90 -11.01
N THR G 74 29.33 -11.50 -12.27
CA THR G 74 28.96 -12.40 -13.36
C THR G 74 29.95 -12.23 -14.49
N PRO G 75 30.15 -13.27 -15.29
CA PRO G 75 31.10 -13.16 -16.40
C PRO G 75 30.48 -12.61 -17.68
N PHE G 76 29.29 -12.03 -17.57
CA PHE G 76 28.60 -11.43 -18.71
C PHE G 76 28.52 -9.94 -18.49
N ALA G 77 29.00 -9.17 -19.46
CA ALA G 77 29.08 -7.72 -19.34
C ALA G 77 27.80 -7.02 -19.74
N ASP G 78 26.72 -7.76 -20.01
CA ASP G 78 25.51 -7.15 -20.54
C ASP G 78 24.74 -6.39 -19.47
N ASP G 79 24.82 -6.86 -18.24
CA ASP G 79 24.09 -6.27 -17.12
C ASP G 79 24.82 -5.13 -16.42
N GLN G 80 25.91 -4.66 -17.03
CA GLN G 80 26.71 -3.57 -16.48
C GLN G 80 27.08 -3.77 -15.00
N GLY G 81 27.54 -4.96 -14.66
CA GLY G 81 27.93 -5.28 -13.29
C GLY G 81 26.92 -4.90 -12.23
N ILE G 82 25.68 -5.35 -12.39
CA ILE G 82 24.64 -5.04 -11.40
C ILE G 82 24.82 -5.87 -10.14
N TYR G 83 25.45 -7.03 -10.29
CA TYR G 83 25.68 -7.93 -9.15
C TYR G 83 27.18 -8.00 -8.85
N ASN G 84 27.72 -6.94 -8.29
CA ASN G 84 29.15 -6.90 -7.95
C ASN G 84 29.40 -7.22 -6.50
N GLY G 85 28.42 -6.96 -5.65
CA GLY G 85 28.55 -7.22 -4.23
C GLY G 85 27.82 -8.48 -3.80
N LEU G 86 27.70 -9.42 -4.73
CA LEU G 86 27.01 -10.67 -4.45
C LEU G 86 27.74 -11.87 -5.03
N THR G 87 27.61 -13.00 -4.35
CA THR G 87 28.23 -14.25 -4.79
C THR G 87 27.18 -15.10 -5.50
N TRP G 88 27.66 -16.16 -6.15
CA TRP G 88 26.74 -17.02 -6.91
C TRP G 88 25.65 -17.58 -6.02
N TRP G 89 25.97 -17.89 -4.76
CA TRP G 89 24.96 -18.39 -3.85
C TRP G 89 23.88 -17.36 -3.58
N GLU G 90 24.28 -16.09 -3.46
CA GLU G 90 23.32 -15.04 -3.12
C GLU G 90 22.48 -14.65 -4.32
N GLN G 91 23.01 -14.80 -5.53
CA GLN G 91 22.25 -14.41 -6.71
C GLN G 91 21.12 -15.37 -7.01
N MET G 92 21.21 -16.60 -6.52
CA MET G 92 20.24 -17.63 -6.88
C MET G 92 18.83 -17.24 -6.48
N ASP G 93 17.90 -17.46 -7.40
CA ASP G 93 16.47 -17.36 -7.12
C ASP G 93 16.07 -15.95 -6.67
N ASN G 94 16.87 -14.96 -7.08
CA ASN G 94 16.62 -13.57 -6.74
C ASN G 94 16.58 -13.37 -5.23
N GLY G 95 17.43 -14.08 -4.50
CA GLY G 95 17.53 -13.92 -3.07
C GLY G 95 16.49 -14.68 -2.27
N GLN G 96 15.57 -15.38 -2.92
CA GLN G 96 14.58 -16.17 -2.22
C GLN G 96 15.27 -17.28 -1.44
N GLN G 97 14.83 -17.48 -0.19
CA GLN G 97 15.52 -18.38 0.74
C GLN G 97 14.73 -19.66 0.95
N LEU G 98 15.49 -20.75 1.15
CA LEU G 98 14.92 -22.07 1.40
C LEU G 98 13.94 -22.48 0.31
N THR G 99 14.46 -22.55 -0.91
CA THR G 99 13.71 -23.07 -2.05
C THR G 99 14.08 -24.51 -2.30
N ARG G 100 13.44 -25.10 -3.31
CA ARG G 100 13.71 -26.48 -3.65
C ARG G 100 15.17 -26.69 -4.04
N ASN G 101 15.72 -25.77 -4.82
CA ASN G 101 17.08 -25.95 -5.34
C ASN G 101 18.15 -25.56 -4.34
N ARG G 102 17.84 -24.70 -3.37
CA ARG G 102 18.83 -24.44 -2.33
C ARG G 102 18.96 -25.59 -1.35
N LYS G 103 17.85 -26.26 -1.02
CA LYS G 103 17.93 -27.39 -0.10
C LYS G 103 18.70 -28.55 -0.70
N PHE G 104 18.54 -28.82 -1.99
CA PHE G 104 19.35 -29.84 -2.63
C PHE G 104 20.84 -29.53 -2.58
N LEU G 105 21.24 -28.29 -2.80
CA LEU G 105 22.64 -27.92 -2.72
C LEU G 105 23.17 -27.90 -1.30
N THR G 106 22.31 -27.65 -0.31
CA THR G 106 22.72 -27.76 1.08
C THR G 106 22.89 -29.21 1.51
N LEU G 107 22.08 -30.12 0.98
CA LEU G 107 22.01 -31.51 1.43
C LEU G 107 23.13 -32.38 0.89
N VAL G 108 23.83 -31.93 -0.15
CA VAL G 108 24.84 -32.77 -0.80
C VAL G 108 26.15 -32.85 -0.01
N PRO G 109 26.72 -31.74 0.46
CA PRO G 109 27.99 -31.85 1.20
C PRO G 109 27.88 -32.66 2.48
N VAL G 110 26.68 -32.78 3.05
CA VAL G 110 26.45 -33.60 4.23
C VAL G 110 26.43 -35.09 3.89
N VAL G 111 25.59 -35.46 2.92
CA VAL G 111 25.46 -36.87 2.55
C VAL G 111 26.73 -37.39 1.90
N LEU G 112 27.50 -36.54 1.24
CA LEU G 112 28.77 -36.98 0.70
C LEU G 112 29.83 -37.17 1.78
N TYR G 113 29.75 -36.41 2.86
CA TYR G 113 30.65 -36.56 4.00
C TYR G 113 30.33 -37.78 4.84
N LEU G 114 29.03 -38.10 4.98
CA LEU G 114 28.63 -39.33 5.64
C LEU G 114 29.23 -40.54 4.96
N ILE G 115 29.19 -40.58 3.63
CA ILE G 115 29.78 -41.69 2.89
C ILE G 115 31.29 -41.76 3.05
N ALA G 116 31.98 -40.62 3.03
CA ALA G 116 33.42 -40.61 3.18
C ALA G 116 33.87 -40.89 4.60
N SER G 117 32.97 -40.82 5.57
CA SER G 117 33.28 -41.23 6.93
C SER G 117 32.90 -42.67 7.24
N HIS G 118 31.72 -43.14 6.84
CA HIS G 118 31.24 -44.47 7.15
C HIS G 118 32.05 -45.57 6.49
N THR G 119 32.86 -45.24 5.49
CA THR G 119 33.69 -46.23 4.83
C THR G 119 35.17 -46.04 5.13
N THR G 120 35.49 -45.11 6.02
CA THR G 120 36.87 -44.86 6.40
C THR G 120 37.08 -45.13 7.88
N ASP G 121 36.08 -45.74 8.51
CA ASP G 121 36.12 -46.08 9.94
C ASP G 121 36.47 -44.89 10.84
N TYR G 122 35.86 -43.74 10.55
CA TYR G 122 36.09 -42.52 11.32
C TYR G 122 37.55 -42.09 11.50
N ARG G 123 38.24 -42.71 12.45
CA ARG G 123 39.64 -42.39 12.79
C ARG G 123 39.85 -40.92 13.14
N HIS G 124 41.01 -40.38 12.79
CA HIS G 124 41.33 -38.99 13.08
C HIS G 124 42.13 -38.31 11.98
N PRO G 125 42.91 -39.11 11.23
CA PRO G 125 43.71 -38.57 10.12
C PRO G 125 42.83 -37.95 9.04
N TRP G 126 41.68 -38.56 8.77
CA TRP G 126 40.76 -38.06 7.77
C TRP G 126 39.55 -37.38 8.40
N LEU G 127 39.12 -37.90 9.55
CA LEU G 127 37.96 -37.34 10.25
C LEU G 127 38.13 -35.86 10.53
N PHE G 128 39.30 -35.48 11.02
CA PHE G 128 39.59 -34.08 11.32
C PHE G 128 39.31 -33.17 10.14
N LEU G 129 39.83 -33.56 8.97
CA LEU G 129 39.65 -32.78 7.76
C LEU G 129 38.20 -32.75 7.26
N ASN G 130 37.66 -33.92 6.94
CA ASN G 130 36.31 -34.00 6.41
C ASN G 130 35.33 -33.19 7.26
N THR G 131 35.50 -33.24 8.58
CA THR G 131 34.63 -32.46 9.45
C THR G 131 34.80 -30.98 9.22
N LEU G 132 36.05 -30.52 9.09
CA LEU G 132 36.30 -29.11 8.83
C LEU G 132 35.66 -28.68 7.52
N ALA G 133 35.82 -29.50 6.47
CA ALA G 133 35.28 -29.15 5.17
C ALA G 133 33.76 -29.04 5.22
N VAL G 134 33.08 -30.07 5.74
CA VAL G 134 31.63 -30.05 5.74
C VAL G 134 31.12 -28.93 6.64
N MET G 135 31.83 -28.65 7.72
CA MET G 135 31.42 -27.55 8.59
C MET G 135 31.49 -26.22 7.86
N VAL G 136 32.58 -25.97 7.13
CA VAL G 136 32.69 -24.73 6.38
C VAL G 136 31.57 -24.61 5.36
N LEU G 137 31.30 -25.70 4.63
CA LEU G 137 30.25 -25.67 3.62
C LEU G 137 28.89 -25.36 4.24
N VAL G 138 28.54 -26.06 5.32
CA VAL G 138 27.20 -25.86 5.88
C VAL G 138 27.06 -24.49 6.51
N VAL G 139 28.09 -23.98 7.18
CA VAL G 139 27.99 -22.63 7.73
C VAL G 139 27.83 -21.59 6.62
N ALA G 140 28.58 -21.71 5.53
CA ALA G 140 28.49 -20.70 4.49
C ALA G 140 27.11 -20.61 3.85
N LYS G 141 26.31 -21.67 3.93
CA LYS G 141 25.02 -21.73 3.26
C LYS G 141 23.85 -21.45 4.20
N PHE G 142 24.11 -20.88 5.38
CA PHE G 142 23.05 -20.61 6.35
C PHE G 142 22.21 -19.42 5.89
N PRO G 143 20.90 -19.44 6.13
CA PRO G 143 20.09 -18.26 5.77
C PRO G 143 20.54 -16.97 6.42
N ASN G 144 21.07 -17.03 7.65
CA ASN G 144 21.47 -15.82 8.35
C ASN G 144 22.77 -15.25 7.79
N MET G 145 23.53 -16.07 7.08
CA MET G 145 24.79 -15.61 6.51
C MET G 145 24.56 -14.99 5.14
N HIS G 146 23.63 -14.06 5.04
CA HIS G 146 23.25 -13.44 3.78
C HIS G 146 23.82 -12.03 3.72
N LYS G 147 24.73 -11.79 2.78
CA LYS G 147 25.37 -10.49 2.59
C LYS G 147 26.13 -10.05 3.84
N VAL G 148 26.65 -11.00 4.61
CA VAL G 148 27.46 -10.70 5.79
C VAL G 148 28.81 -11.37 5.62
N ARG G 149 29.86 -10.68 6.04
CA ARG G 149 31.22 -11.16 5.86
C ARG G 149 31.85 -11.44 7.22
N ILE G 150 33.11 -11.85 7.18
CA ILE G 150 33.89 -12.18 8.37
C ILE G 150 35.08 -11.24 8.41
N PHE G 151 35.01 -10.25 9.31
CA PHE G 151 36.11 -9.29 9.51
C PHE G 151 36.40 -8.50 8.25
N GLY G 152 35.41 -8.44 7.36
CA GLY G 152 35.55 -7.68 6.12
C GLY G 152 36.64 -8.21 5.20
N ILE G 153 36.74 -9.53 5.08
CA ILE G 153 37.71 -10.15 4.18
C ILE G 153 36.96 -10.58 2.93
N ASN G 154 37.33 -10.02 1.79
CA ASN G 154 36.61 -10.19 0.53
C ASN G 154 35.13 -9.84 0.72
N GLY G 155 34.91 -8.61 1.17
CA GLY G 155 33.56 -8.17 1.49
C GLY G 155 33.11 -6.94 0.75
N ASP G 156 34.05 -6.14 0.28
CA ASP G 156 33.72 -4.91 -0.44
C ASP G 156 34.85 -4.49 -1.37
N MET H 22 34.07 -42.51 -45.03
CA MET H 22 34.07 -43.01 -43.67
C MET H 22 33.39 -44.36 -43.57
N ASN H 23 33.89 -45.22 -42.69
CA ASN H 23 33.27 -46.50 -42.41
C ASN H 23 32.59 -46.46 -41.03
N TRP H 24 32.04 -47.59 -40.62
CA TRP H 24 31.19 -47.63 -39.44
C TRP H 24 31.94 -47.19 -38.19
N VAL H 25 33.14 -47.73 -37.96
CA VAL H 25 33.89 -47.33 -36.78
C VAL H 25 34.33 -45.88 -36.87
N GLN H 26 34.74 -45.41 -38.04
CA GLN H 26 35.15 -44.02 -38.19
C GLN H 26 34.02 -43.04 -38.01
N ARG H 27 32.81 -43.40 -38.44
CA ARG H 27 31.64 -42.56 -38.20
C ARG H 27 31.22 -42.57 -36.74
N LYS H 28 31.26 -43.72 -36.07
CA LYS H 28 30.85 -43.78 -34.67
C LYS H 28 31.85 -43.11 -33.75
N ILE H 29 33.11 -42.99 -34.16
CA ILE H 29 34.04 -42.18 -33.39
C ILE H 29 33.72 -40.71 -33.53
N TYR H 30 33.42 -40.25 -34.75
CA TYR H 30 33.07 -38.86 -34.97
C TYR H 30 31.83 -38.48 -34.18
N LEU H 31 30.80 -39.32 -34.19
CA LEU H 31 29.61 -39.04 -33.40
C LEU H 31 29.91 -38.94 -31.92
N TYR H 32 30.95 -39.61 -31.43
CA TYR H 32 31.34 -39.53 -30.03
C TYR H 32 32.11 -38.26 -29.69
N ASN H 33 32.90 -37.73 -30.62
CA ASN H 33 33.64 -36.52 -30.35
C ASN H 33 32.73 -35.33 -30.09
N VAL H 34 31.66 -35.19 -30.88
CA VAL H 34 30.80 -34.03 -30.77
C VAL H 34 29.82 -34.12 -29.60
N THR H 35 29.46 -35.33 -29.18
CA THR H 35 28.50 -35.46 -28.09
C THR H 35 29.07 -35.03 -26.75
N PHE H 36 30.34 -35.28 -26.49
CA PHE H 36 30.94 -34.96 -25.20
C PHE H 36 31.91 -33.78 -25.30
N GLY H 37 31.82 -33.00 -26.38
CA GLY H 37 32.52 -31.74 -26.44
C GLY H 37 34.01 -31.82 -26.66
N LEU H 38 34.48 -32.93 -27.22
CA LEU H 38 35.91 -33.08 -27.47
C LEU H 38 36.31 -32.60 -28.86
N TYR H 39 35.34 -32.22 -29.70
CA TYR H 39 35.66 -31.73 -31.03
C TYR H 39 36.28 -30.35 -30.99
N MET H 40 36.06 -29.59 -29.91
CA MET H 40 36.53 -28.22 -29.80
C MET H 40 37.93 -28.11 -29.21
N LEU H 41 38.33 -29.06 -28.37
CA LEU H 41 39.58 -28.94 -27.64
C LEU H 41 40.78 -29.17 -28.56
N ASP H 42 41.94 -28.75 -28.08
CA ASP H 42 43.19 -28.96 -28.80
C ASP H 42 43.62 -30.42 -28.67
N TRP H 43 44.64 -30.79 -29.44
CA TRP H 43 45.12 -32.16 -29.43
C TRP H 43 45.61 -32.59 -28.05
N TRP H 44 46.31 -31.73 -27.34
CA TRP H 44 46.84 -32.12 -26.04
C TRP H 44 45.78 -32.18 -24.95
N GLU H 45 44.67 -31.45 -25.08
CA GLU H 45 43.56 -31.62 -24.16
C GLU H 45 42.75 -32.86 -24.46
N ARG H 46 42.78 -33.33 -25.70
CA ARG H 46 42.02 -34.51 -26.08
C ARG H 46 42.77 -35.80 -25.79
N TYR H 47 44.09 -35.82 -26.04
CA TYR H 47 44.87 -37.01 -25.74
C TYR H 47 45.06 -37.24 -24.25
N LEU H 48 44.79 -36.23 -23.43
CA LEU H 48 44.87 -36.38 -21.99
C LEU H 48 43.56 -36.89 -21.39
N PHE H 49 42.47 -36.82 -22.13
CA PHE H 49 41.17 -37.31 -21.69
C PHE H 49 40.84 -38.67 -22.28
N ASN H 50 41.22 -38.91 -23.53
CA ASN H 50 40.98 -40.23 -24.12
C ASN H 50 41.75 -41.31 -23.37
N SER H 51 43.01 -41.04 -23.03
CA SER H 51 43.80 -42.01 -22.27
C SER H 51 43.19 -42.25 -20.89
N LEU H 52 42.79 -41.17 -20.23
CA LEU H 52 42.21 -41.28 -18.89
C LEU H 52 40.88 -41.98 -18.89
N VAL H 53 40.16 -42.01 -20.02
CA VAL H 53 38.92 -42.79 -20.06
C VAL H 53 39.15 -44.22 -20.55
N VAL H 54 40.21 -44.46 -21.32
CA VAL H 54 40.61 -45.83 -21.64
C VAL H 54 41.05 -46.59 -20.39
N VAL H 55 41.83 -45.93 -19.53
CA VAL H 55 42.27 -46.55 -18.28
C VAL H 55 41.09 -47.00 -17.44
N LEU H 56 40.05 -46.18 -17.34
CA LEU H 56 38.85 -46.53 -16.59
C LEU H 56 38.09 -47.70 -17.20
N MET H 57 38.02 -47.80 -18.52
CA MET H 57 37.34 -48.92 -19.14
C MET H 57 38.11 -50.22 -19.03
N TRP H 58 39.44 -50.17 -18.96
CA TRP H 58 40.21 -51.38 -18.71
C TRP H 58 40.16 -51.84 -17.26
N PHE H 59 40.26 -50.91 -16.32
CA PHE H 59 40.14 -51.21 -14.90
C PHE H 59 38.81 -51.84 -14.54
N VAL H 60 37.69 -51.27 -14.99
CA VAL H 60 36.38 -51.84 -14.71
C VAL H 60 36.26 -53.24 -15.29
N LEU H 61 36.67 -53.41 -16.54
CA LEU H 61 36.62 -54.71 -17.19
C LEU H 61 37.38 -55.76 -16.38
N TYR H 62 38.68 -55.55 -16.20
CA TYR H 62 39.54 -56.58 -15.60
C TYR H 62 39.08 -56.95 -14.19
N ASN H 63 38.73 -55.94 -13.39
CA ASN H 63 38.30 -56.21 -12.03
C ASN H 63 36.92 -56.84 -12.00
N GLY H 64 35.89 -56.12 -12.46
CA GLY H 64 34.54 -56.59 -12.32
C GLY H 64 34.24 -57.89 -13.03
N THR H 65 35.05 -58.25 -14.03
CA THR H 65 34.89 -59.50 -14.74
C THR H 65 35.21 -60.72 -13.87
N ARG H 66 36.07 -60.56 -12.87
CA ARG H 66 36.48 -61.69 -12.03
C ARG H 66 36.50 -61.41 -10.54
N TYR H 67 36.21 -60.19 -10.09
CA TYR H 67 36.16 -59.90 -8.66
C TYR H 67 34.85 -60.33 -8.02
N PHE H 68 33.88 -60.78 -8.80
CA PHE H 68 32.62 -61.25 -8.25
C PHE H 68 32.59 -62.77 -8.20
C1 Z1T I . -3.95 -14.87 48.12
N1 Z1T I . -10.15 -11.94 34.19
O1 Z1T I . -9.47 -15.41 33.20
C2 Z1T I . -3.09 -14.22 47.04
O2 Z1T I . -11.17 -13.86 31.83
C3 Z1T I . -3.55 -14.68 45.65
C4 Z1T I . -4.34 -15.99 45.76
C5 Z1T I . -4.68 -16.50 44.36
C6 Z1T I . -4.80 -15.30 43.41
C7 Z1T I . -4.74 -15.79 41.96
C8 Z1T I . -5.60 -14.87 41.09
C9 Z1T I . -4.75 -14.31 39.95
C10 Z1T I . -5.30 -14.82 38.63
C11 Z1T I . -5.09 -13.75 37.55
C12 Z1T I . -6.19 -13.88 36.50
C13 Z1T I . -5.63 -13.40 35.15
C14 Z1T I . -6.74 -13.42 34.11
C15 Z1T I . -8.06 -14.05 34.58
C16 Z1T I . -9.16 -14.07 33.53
C17 Z1T I . -10.40 -13.38 34.09
C18 Z1T I . -11.60 -13.64 33.17
O3 Z1T I . -11.20 -11.70 36.18
C19 Z1T I . -10.57 -11.23 35.24
C20 Z1T I . -10.22 -9.75 35.19
C21 Z1T I . -8.83 -9.59 34.58
C22 Z1T I . -7.90 -9.00 35.63
C23 Z1T I . -8.34 -9.45 37.01
C24 Z1T I . -7.13 -10.01 37.76
C25 Z1T I . -7.26 -9.69 39.25
C26 Z1T I . -6.11 -10.33 40.00
C27 Z1T I . -4.90 -9.41 39.96
C28 Z1T I . -3.66 -10.19 40.38
C29 Z1T I . -2.66 -10.20 39.23
C30 Z1T I . -1.25 -9.97 39.78
C31 Z1T I . -1.10 -10.79 41.05
C32 Z1T I . -0.87 -12.25 40.68
C33 Z1T I . -0.18 -12.33 39.32
C34 Z1T I . -0.57 -13.63 38.61
C35 Z1T I . -0.92 -14.68 39.66
C36 Z1T I . -0.38 -16.04 39.20
C37 Z1T I . -1.12 -17.15 39.93
C38 Z1T I . -0.38 -17.51 41.21
C39 Z1T I . -0.74 -18.94 41.62
C40 Z1T I . -1.02 -18.97 43.12
C41 Z1T I . -1.05 -20.42 43.61
C42 Z1T I . -0.23 -20.55 44.88
C1 Z1T J . 34.40 -33.39 -15.87
N1 Z1T J . 29.55 -18.80 -13.64
O1 Z1T J . 31.11 -18.87 -10.33
C2 Z1T J . 32.97 -33.15 -15.39
O2 Z1T J . 30.37 -16.57 -11.50
C3 Z1T J . 32.90 -31.85 -14.57
C4 Z1T J . 34.28 -31.51 -14.01
C5 Z1T J . 34.18 -30.30 -13.08
C6 Z1T J . 32.99 -29.44 -13.52
C7 Z1T J . 32.63 -28.47 -12.39
C8 Z1T J . 32.09 -27.18 -13.00
C9 Z1T J . 30.71 -26.88 -12.43
C10 Z1T J . 30.77 -25.58 -11.64
C11 Z1T J . 29.43 -24.86 -11.75
C12 Z1T J . 29.65 -23.36 -11.63
C13 Z1T J . 28.40 -22.72 -11.03
C14 Z1T J . 28.59 -21.21 -10.97
C15 Z1T J . 29.97 -20.71 -11.37
C16 Z1T J . 30.14 -19.19 -11.32
C17 Z1T J . 30.64 -18.69 -12.67
C18 Z1T J . 31.09 -17.22 -12.55
O3 Z1T J . 30.87 -19.56 -15.32
C19 Z1T J . 29.77 -19.24 -14.89
C20 Z1T J . 28.53 -19.31 -15.77
C21 Z1T J . 27.36 -19.82 -14.94
C22 Z1T J . 26.93 -21.18 -15.49
C23 Z1T J . 28.15 -21.90 -16.04
C24 Z1T J . 28.17 -23.33 -15.51
C25 Z1T J . 28.67 -24.27 -16.59
C26 Z1T J . 28.82 -25.67 -16.01
C27 Z1T J . 27.48 -26.39 -16.08
C28 Z1T J . 27.52 -27.60 -15.15
C29 Z1T J . 26.41 -27.47 -14.11
C30 Z1T J . 25.68 -28.81 -13.97
C31 Z1T J . 26.72 -29.92 -13.95
C32 Z1T J . 27.41 -29.92 -12.58
C33 Z1T J . 26.43 -29.42 -11.52
C34 Z1T J . 27.20 -28.75 -10.39
C35 Z1T J . 28.60 -29.36 -10.29
C36 Z1T J . 29.10 -29.26 -8.86
C37 Z1T J . 30.60 -29.52 -8.82
C38 Z1T J . 30.84 -31.03 -8.70
C39 Z1T J . 32.22 -31.27 -8.08
C40 Z1T J . 33.07 -32.05 -9.08
C41 Z1T J . 34.43 -32.35 -8.43
C42 Z1T J . 34.57 -33.86 -8.20
#